data_3JWQ
#
_entry.id   3JWQ
#
_cell.length_a   75.732
_cell.length_b   109.825
_cell.length_c   199.668
_cell.angle_alpha   90.00
_cell.angle_beta   90.00
_cell.angle_gamma   90.00
#
_symmetry.space_group_name_H-M   'P 21 21 21'
#
loop_
_entity.id
_entity.type
_entity.pdbx_description
1 polymer "cGMP-specific 3',5'-cyclic phosphodiesterase catalytic domain, Cone cGMP-specific 3',5'-cyclic phosphodiesterase subunit alpha chimera"
2 non-polymer 'ZINC ION'
3 non-polymer 'MAGNESIUM ION'
4 non-polymer 5-{2-ETHOXY-5-[(4-METHYLPIPERAZIN-1-YL)SULFONYL]PHENYL}-1-METHYL-3-PROPYL-1H,6H,7H-PYRAZOLO[4,3-D]PYRIMIDIN-7-ONE
5 water water
#
_entity_poly.entity_id   1
_entity_poly.type   'polypeptide(L)'
_entity_poly.pdbx_seq_one_letter_code
;GSHMEETRELQSLAAAVVPSAQTLKITDFSFSDFELSDLETALCTIRMFTDLNLVQNFQMKHEVLCRWILSVKKNYRKNV
AYHNWRHAFNTAQCMFAALKAGKIQNKLTDLEILALLIAALSHDLDHRGVNNSYIQRSEHPLAQLYCHSIMEHHHFDQCL
MILNSPGNQILSGLSIEEYKTTLKIIKQAILATDLALYIKRRGEFFELIRKNQFNLEDPHQKELFLAMLMTACDLSAITK
PWPIQQRIAELVATEFWEQGDLERTVLQQQPIPMMDRNKRDELPKLQVGFIDFVCTQLYEALTHVSEDCFPLLDGCRKNR
QKWQALAEQQ
;
_entity_poly.pdbx_strand_id   A,B,C,D
#
# COMPACT_ATOMS: atom_id res chain seq x y z
N GLU A 6 -31.08 26.39 12.82
CA GLU A 6 -30.31 25.34 13.55
C GLU A 6 -30.72 25.22 15.01
N THR A 7 -30.37 26.19 15.86
CA THR A 7 -30.95 26.25 17.20
C THR A 7 -32.45 26.47 17.01
N ARG A 8 -32.81 26.99 15.84
CA ARG A 8 -34.21 27.14 15.50
C ARG A 8 -34.87 25.83 15.09
N GLU A 9 -34.17 25.00 14.31
CA GLU A 9 -34.70 23.69 13.91
C GLU A 9 -34.92 22.85 15.17
N LEU A 10 -33.97 22.93 16.11
CA LEU A 10 -34.12 22.25 17.38
C LEU A 10 -35.32 22.71 18.20
N GLN A 11 -35.56 24.01 18.30
CA GLN A 11 -36.76 24.50 19.00
C GLN A 11 -38.06 24.15 18.29
N SER A 12 -38.03 24.11 16.96
CA SER A 12 -39.13 23.60 16.13
C SER A 12 -39.52 22.17 16.49
N LEU A 13 -38.50 21.32 16.61
CA LEU A 13 -38.66 19.90 16.79
C LEU A 13 -39.07 19.50 18.18
N ALA A 14 -38.47 20.11 19.19
CA ALA A 14 -38.79 19.81 20.57
C ALA A 14 -40.19 20.24 20.96
N ALA A 15 -40.71 21.28 20.30
CA ALA A 15 -42.03 21.83 20.60
C ALA A 15 -43.15 21.09 19.86
N ALA A 16 -42.83 20.50 18.72
CA ALA A 16 -43.84 19.86 17.88
C ALA A 16 -44.54 18.67 18.54
N VAL A 17 -45.78 18.42 18.12
CA VAL A 17 -46.52 17.22 18.52
C VAL A 17 -46.01 16.05 17.67
N VAL A 18 -45.74 14.93 18.32
CA VAL A 18 -45.37 13.74 17.58
C VAL A 18 -46.60 12.91 17.26
N PRO A 19 -46.98 12.82 15.98
CA PRO A 19 -48.10 11.98 15.60
C PRO A 19 -47.86 10.49 15.94
N SER A 20 -48.92 9.68 15.95
CA SER A 20 -48.83 8.26 16.31
C SER A 20 -48.17 7.48 15.20
N ALA A 21 -47.76 6.25 15.52
CA ALA A 21 -47.10 5.38 14.57
C ALA A 21 -48.02 5.06 13.39
N GLN A 22 -49.30 4.85 13.71
CA GLN A 22 -50.30 4.58 12.70
C GLN A 22 -50.55 5.77 11.79
N THR A 23 -50.63 6.99 12.35
CA THR A 23 -50.86 8.19 11.54
C THR A 23 -49.73 8.41 10.52
N LEU A 24 -48.49 8.11 10.96
CA LEU A 24 -47.28 8.34 10.17
C LEU A 24 -46.96 7.19 9.22
N LYS A 25 -47.75 6.14 9.27
CA LYS A 25 -47.60 5.02 8.34
C LYS A 25 -46.29 4.23 8.50
N ILE A 26 -45.56 4.41 9.61
CA ILE A 26 -44.23 3.80 9.73
C ILE A 26 -44.18 2.31 10.12
N THR A 27 -45.33 1.69 10.29
CA THR A 27 -45.44 0.27 10.53
C THR A 27 -45.64 -0.45 9.20
N ASP A 28 -45.85 0.29 8.13
CA ASP A 28 -46.03 -0.31 6.81
C ASP A 28 -44.65 -0.63 6.21
N PHE A 29 -44.52 -1.83 5.65
CA PHE A 29 -43.30 -2.21 4.96
C PHE A 29 -43.24 -1.46 3.63
N SER A 30 -44.38 -0.93 3.24
CA SER A 30 -44.53 -0.10 2.05
C SER A 30 -44.23 1.37 2.21
N PHE A 31 -43.83 1.79 3.41
CA PHE A 31 -43.60 3.19 3.71
C PHE A 31 -42.74 3.96 2.71
N SER A 32 -43.17 5.17 2.40
CA SER A 32 -42.42 6.06 1.52
C SER A 32 -42.05 7.38 2.25
N ASP A 33 -40.80 7.81 2.10
CA ASP A 33 -40.34 9.07 2.68
C ASP A 33 -40.54 10.22 1.68
N PHE A 34 -40.74 9.87 0.42
CA PHE A 34 -40.59 10.82 -0.67
C PHE A 34 -41.31 12.17 -0.48
N GLU A 35 -42.47 12.17 0.16
CA GLU A 35 -43.20 13.44 0.30
C GLU A 35 -43.23 14.00 1.72
N LEU A 36 -42.27 13.57 2.55
CA LEU A 36 -42.10 14.10 3.90
C LEU A 36 -41.01 15.16 3.92
N SER A 37 -41.23 16.22 4.69
CA SER A 37 -40.17 17.20 4.92
C SER A 37 -39.06 16.65 5.83
N ASP A 38 -37.89 17.29 5.80
CA ASP A 38 -36.82 16.97 6.75
C ASP A 38 -37.32 16.93 8.21
N LEU A 39 -38.04 17.99 8.62
CA LEU A 39 -38.69 18.04 9.93
C LEU A 39 -39.60 16.83 10.20
N GLU A 40 -40.48 16.48 9.26
CA GLU A 40 -41.32 15.30 9.43
C GLU A 40 -40.58 13.96 9.65
N THR A 41 -39.43 13.78 9.00
CA THR A 41 -38.60 12.59 9.18
C THR A 41 -38.02 12.55 10.58
N ALA A 42 -37.57 13.69 11.12
CA ALA A 42 -37.14 13.75 12.51
C ALA A 42 -38.29 13.41 13.46
N LEU A 43 -39.49 13.92 13.19
CA LEU A 43 -40.67 13.52 13.98
C LEU A 43 -40.95 12.02 13.98
N CYS A 44 -40.82 11.39 12.80
CA CYS A 44 -41.00 9.94 12.67
C CYS A 44 -40.03 9.16 13.53
N THR A 45 -38.75 9.57 13.48
CA THR A 45 -37.68 9.00 14.27
C THR A 45 -37.98 9.06 15.78
N ILE A 46 -38.37 10.23 16.29
CA ILE A 46 -38.79 10.32 17.68
C ILE A 46 -39.85 9.27 17.97
N ARG A 47 -40.84 9.14 17.09
CA ARG A 47 -41.89 8.14 17.28
C ARG A 47 -41.32 6.72 17.37
N MET A 48 -40.38 6.42 16.50
CA MET A 48 -39.75 5.12 16.45
C MET A 48 -39.10 4.76 17.78
N PHE A 49 -38.37 5.73 18.35
CA PHE A 49 -37.72 5.52 19.63
C PHE A 49 -38.74 5.37 20.72
N THR A 50 -39.86 6.07 20.58
CA THR A 50 -40.91 6.03 21.59
C THR A 50 -41.67 4.68 21.61
N ASP A 51 -42.18 4.25 20.47
CA ASP A 51 -42.99 3.06 20.41
C ASP A 51 -42.24 1.75 20.56
N LEU A 52 -40.90 1.80 20.50
CA LEU A 52 -40.10 0.63 20.85
C LEU A 52 -39.73 0.65 22.33
N ASN A 53 -40.41 1.53 23.08
CA ASN A 53 -40.18 1.77 24.49
C ASN A 53 -38.76 2.16 24.89
N LEU A 54 -38.03 2.80 23.97
CA LEU A 54 -36.64 3.15 24.25
C LEU A 54 -36.48 4.46 25.06
N VAL A 55 -37.42 5.40 24.94
CA VAL A 55 -37.35 6.63 25.73
C VAL A 55 -37.65 6.28 27.19
N GLN A 56 -38.65 5.43 27.40
CA GLN A 56 -39.10 5.10 28.74
C GLN A 56 -38.04 4.27 29.47
N ASN A 57 -37.57 3.22 28.78
CA ASN A 57 -36.67 2.23 29.39
C ASN A 57 -35.28 2.75 29.68
N PHE A 58 -34.90 3.86 29.05
CA PHE A 58 -33.54 4.36 29.16
C PHE A 58 -33.39 5.82 29.57
N GLN A 59 -34.48 6.42 30.09
CA GLN A 59 -34.49 7.80 30.64
C GLN A 59 -33.99 8.88 29.70
N MET A 60 -34.30 8.76 28.42
CA MET A 60 -33.88 9.77 27.48
C MET A 60 -34.65 11.05 27.69
N LYS A 61 -33.94 12.16 27.92
CA LYS A 61 -34.56 13.49 27.87
C LYS A 61 -35.04 13.80 26.44
N HIS A 62 -36.20 14.41 26.32
CA HIS A 62 -36.75 14.84 25.03
C HIS A 62 -35.80 15.71 24.22
N GLU A 63 -35.32 16.78 24.86
CA GLU A 63 -34.38 17.72 24.27
C GLU A 63 -33.14 17.00 23.80
N VAL A 64 -32.67 16.01 24.56
CA VAL A 64 -31.45 15.29 24.17
C VAL A 64 -31.64 14.41 22.93
N LEU A 65 -32.70 13.62 22.90
CA LEU A 65 -32.99 12.81 21.73
C LEU A 65 -33.13 13.66 20.45
N CYS A 66 -33.80 14.79 20.55
CA CYS A 66 -33.97 15.70 19.43
C CYS A 66 -32.64 16.24 18.89
N ARG A 67 -31.82 16.77 19.79
CA ARG A 67 -30.48 17.21 19.42
C ARG A 67 -29.66 16.06 18.76
N TRP A 68 -29.77 14.81 19.24
CA TRP A 68 -29.02 13.71 18.67
C TRP A 68 -29.51 13.41 17.26
N ILE A 69 -30.83 13.25 17.14
CA ILE A 69 -31.47 13.05 15.83
C ILE A 69 -31.02 14.14 14.83
N LEU A 70 -31.05 15.41 15.21
CA LEU A 70 -30.58 16.45 14.31
C LEU A 70 -29.09 16.42 13.99
N SER A 71 -28.31 15.91 14.94
CA SER A 71 -26.87 15.78 14.78
C SER A 71 -26.56 14.75 13.76
N VAL A 72 -27.26 13.62 13.83
CA VAL A 72 -27.12 12.56 12.84
C VAL A 72 -27.48 13.11 11.46
N LYS A 73 -28.73 13.56 11.32
CA LYS A 73 -29.20 14.13 10.07
C LYS A 73 -28.19 15.08 9.40
N LYS A 74 -27.52 15.90 10.21
CA LYS A 74 -26.61 16.90 9.70
C LYS A 74 -25.28 16.30 9.22
N ASN A 75 -24.91 15.12 9.73
CA ASN A 75 -23.64 14.53 9.37
C ASN A 75 -23.72 13.60 8.21
N TYR A 76 -24.89 13.52 7.56
CA TYR A 76 -25.02 12.89 6.28
C TYR A 76 -24.78 14.01 5.30
N ARG A 77 -24.35 13.69 4.08
CA ARG A 77 -24.06 14.71 3.07
C ARG A 77 -25.16 14.78 2.05
N LYS A 78 -25.85 15.94 2.01
CA LYS A 78 -27.01 16.17 1.14
C LYS A 78 -26.67 16.02 -0.34
N ASN A 79 -25.45 16.43 -0.70
CA ASN A 79 -24.94 16.36 -2.11
C ASN A 79 -24.64 14.94 -2.62
N VAL A 80 -24.73 13.96 -1.74
CA VAL A 80 -24.48 12.57 -2.11
C VAL A 80 -25.80 11.94 -2.56
N ALA A 81 -25.81 11.38 -3.76
CA ALA A 81 -27.09 11.07 -4.44
C ALA A 81 -28.03 10.18 -3.65
N TYR A 82 -27.49 9.15 -3.01
CA TYR A 82 -28.29 8.11 -2.40
C TYR A 82 -27.93 7.87 -0.94
N HIS A 83 -26.66 7.67 -0.66
CA HIS A 83 -26.20 7.48 0.70
C HIS A 83 -26.25 8.73 1.55
N ASN A 84 -27.43 9.26 1.76
CA ASN A 84 -27.60 10.45 2.56
C ASN A 84 -28.64 10.19 3.67
N TRP A 85 -29.07 11.24 4.39
CA TRP A 85 -30.08 11.09 5.43
C TRP A 85 -31.30 10.25 5.03
N ARG A 86 -31.90 10.51 3.87
CA ARG A 86 -33.07 9.70 3.46
C ARG A 86 -32.85 8.16 3.54
N HIS A 87 -31.76 7.65 2.93
CA HIS A 87 -31.38 6.24 3.12
C HIS A 87 -31.24 5.84 4.61
N ALA A 88 -30.58 6.66 5.42
CA ALA A 88 -30.40 6.27 6.79
C ALA A 88 -31.76 6.16 7.45
N PHE A 89 -32.62 7.13 7.17
CA PHE A 89 -33.96 7.15 7.77
C PHE A 89 -34.82 5.94 7.34
N ASN A 90 -34.85 5.67 6.03
CA ASN A 90 -35.56 4.53 5.50
C ASN A 90 -35.08 3.24 6.14
N THR A 91 -33.77 3.09 6.29
CA THR A 91 -33.18 1.89 6.87
C THR A 91 -33.74 1.69 8.25
N ALA A 92 -33.79 2.77 9.04
CA ALA A 92 -34.36 2.71 10.40
C ALA A 92 -35.84 2.36 10.34
N GLN A 93 -36.56 2.90 9.36
CA GLN A 93 -37.99 2.62 9.27
C GLN A 93 -38.25 1.15 8.94
N CYS A 94 -37.40 0.58 8.08
CA CYS A 94 -37.50 -0.86 7.79
C CYS A 94 -37.21 -1.72 9.04
N MET A 95 -36.22 -1.33 9.82
CA MET A 95 -35.98 -1.94 11.12
C MET A 95 -37.21 -1.87 12.05
N PHE A 96 -37.82 -0.69 12.10
CA PHE A 96 -38.94 -0.51 12.96
C PHE A 96 -40.09 -1.37 12.49
N ALA A 97 -40.32 -1.45 11.19
CA ALA A 97 -41.41 -2.31 10.72
C ALA A 97 -41.06 -3.80 10.91
N ALA A 98 -39.80 -4.16 10.70
CA ALA A 98 -39.36 -5.54 10.94
C ALA A 98 -39.58 -5.93 12.40
N LEU A 99 -39.33 -5.00 13.32
CA LEU A 99 -39.56 -5.26 14.74
C LEU A 99 -41.04 -5.30 15.09
N LYS A 100 -41.85 -4.37 14.53
CA LYS A 100 -43.26 -4.26 14.91
C LYS A 100 -44.19 -5.13 14.09
N ALA A 101 -44.44 -4.74 12.84
CA ALA A 101 -45.22 -5.59 11.94
C ALA A 101 -44.60 -6.98 11.75
N GLY A 102 -43.28 -7.07 11.63
CA GLY A 102 -42.65 -8.36 11.36
C GLY A 102 -42.46 -9.23 12.58
N LYS A 103 -42.78 -8.65 13.73
CA LYS A 103 -42.74 -9.36 15.01
C LYS A 103 -41.34 -9.87 15.46
N ILE A 104 -40.27 -9.19 15.07
CA ILE A 104 -38.93 -9.62 15.51
C ILE A 104 -38.69 -9.14 16.94
N GLN A 105 -39.32 -8.02 17.29
CA GLN A 105 -39.19 -7.38 18.62
C GLN A 105 -39.07 -8.29 19.85
N ASN A 106 -40.00 -9.22 20.03
CA ASN A 106 -39.92 -10.01 21.24
C ASN A 106 -39.09 -11.25 21.05
N LYS A 107 -38.11 -11.18 20.14
CA LYS A 107 -37.09 -12.21 20.00
C LYS A 107 -35.76 -11.66 20.51
N LEU A 108 -35.77 -10.35 20.80
CA LEU A 108 -34.56 -9.61 21.16
C LEU A 108 -34.73 -8.93 22.49
N THR A 109 -33.61 -8.62 23.16
CA THR A 109 -33.62 -7.82 24.39
C THR A 109 -33.76 -6.33 24.10
N ASP A 110 -34.11 -5.53 25.09
CA ASP A 110 -34.18 -4.07 24.91
C ASP A 110 -32.84 -3.43 24.53
N LEU A 111 -31.74 -3.97 25.04
CA LEU A 111 -30.45 -3.42 24.73
C LEU A 111 -30.11 -3.64 23.25
N GLU A 112 -30.54 -4.78 22.71
CA GLU A 112 -30.29 -5.13 21.32
C GLU A 112 -31.08 -4.20 20.40
N ILE A 113 -32.35 -3.98 20.74
CA ILE A 113 -33.22 -3.15 19.95
C ILE A 113 -32.68 -1.70 19.95
N LEU A 114 -32.22 -1.26 21.11
CA LEU A 114 -31.67 0.07 21.25
C LEU A 114 -30.50 0.20 20.31
N ALA A 115 -29.63 -0.81 20.35
CA ALA A 115 -28.45 -0.84 19.51
C ALA A 115 -28.82 -0.81 18.02
N LEU A 116 -29.79 -1.63 17.61
CA LEU A 116 -30.13 -1.77 16.21
C LEU A 116 -30.68 -0.48 15.65
N LEU A 117 -31.47 0.22 16.44
CA LEU A 117 -32.10 1.40 15.90
C LEU A 117 -31.06 2.48 15.80
N ILE A 118 -30.24 2.64 16.83
CA ILE A 118 -29.15 3.60 16.75
C ILE A 118 -28.29 3.27 15.51
N ALA A 119 -27.88 2.02 15.39
CA ALA A 119 -27.08 1.57 14.27
C ALA A 119 -27.76 1.87 12.93
N ALA A 120 -29.02 1.49 12.76
CA ALA A 120 -29.71 1.76 11.54
C ALA A 120 -29.57 3.24 11.16
N LEU A 121 -29.83 4.15 12.09
CA LEU A 121 -29.73 5.54 11.67
C LEU A 121 -28.30 6.01 11.44
N SER A 122 -27.33 5.33 12.05
CA SER A 122 -25.92 5.79 12.03
C SER A 122 -25.05 5.19 10.94
N HIS A 123 -25.54 4.12 10.34
CA HIS A 123 -24.69 3.16 9.67
C HIS A 123 -23.96 3.67 8.40
N ASP A 124 -24.32 4.84 7.92
CA ASP A 124 -23.69 5.32 6.71
C ASP A 124 -23.16 6.73 6.90
N LEU A 125 -23.00 7.16 8.16
CA LEU A 125 -22.64 8.54 8.47
C LEU A 125 -21.42 9.04 7.72
N ASP A 126 -21.53 10.25 7.18
CA ASP A 126 -20.43 10.90 6.44
C ASP A 126 -19.96 10.12 5.18
N HIS A 127 -20.83 9.31 4.60
CA HIS A 127 -20.54 8.65 3.35
C HIS A 127 -20.26 9.68 2.26
N ARG A 128 -19.37 9.33 1.34
CA ARG A 128 -18.90 10.28 0.34
C ARG A 128 -19.42 9.96 -1.07
N GLY A 129 -20.33 8.99 -1.15
CA GLY A 129 -20.81 8.46 -2.42
C GLY A 129 -19.79 7.58 -3.13
N VAL A 130 -18.95 6.88 -2.41
CA VAL A 130 -17.94 6.13 -3.06
C VAL A 130 -17.62 4.95 -2.21
N ASN A 131 -17.15 3.88 -2.84
CA ASN A 131 -16.84 2.56 -2.32
C ASN A 131 -15.73 2.42 -1.40
N ASN A 132 -15.50 1.20 -0.98
CA ASN A 132 -14.37 0.87 -0.17
C ASN A 132 -13.22 0.60 -1.07
N SER A 133 -13.52 -0.03 -2.19
CA SER A 133 -12.60 -0.29 -3.26
C SER A 133 -12.05 1.00 -3.79
N TYR A 134 -12.94 1.97 -4.05
CA TYR A 134 -12.48 3.23 -4.62
C TYR A 134 -11.56 3.94 -3.64
N ILE A 135 -11.98 3.94 -2.37
CA ILE A 135 -11.21 4.53 -1.27
C ILE A 135 -9.81 3.90 -1.10
N GLN A 136 -9.77 2.59 -0.99
CA GLN A 136 -8.53 1.83 -1.06
C GLN A 136 -7.68 2.34 -2.24
N ARG A 137 -8.12 2.02 -3.45
CA ARG A 137 -7.28 2.14 -4.63
C ARG A 137 -6.76 3.56 -4.95
N SER A 138 -7.53 4.57 -4.53
CA SER A 138 -7.20 5.98 -4.74
C SER A 138 -6.30 6.54 -3.68
N GLU A 139 -5.87 5.67 -2.77
CA GLU A 139 -5.01 5.97 -1.61
C GLU A 139 -5.59 6.99 -0.61
N HIS A 140 -6.92 7.10 -0.51
CA HIS A 140 -7.58 8.11 0.33
C HIS A 140 -7.13 7.94 1.77
N PRO A 141 -6.84 9.08 2.47
CA PRO A 141 -6.49 9.03 3.92
C PRO A 141 -7.21 7.96 4.79
N LEU A 142 -8.53 7.79 4.65
CA LEU A 142 -9.30 6.84 5.45
C LEU A 142 -8.78 5.40 5.36
N ALA A 143 -8.02 5.11 4.31
CA ALA A 143 -7.39 3.81 4.15
C ALA A 143 -5.95 3.77 4.72
N GLN A 144 -5.60 4.72 5.57
CA GLN A 144 -4.38 4.59 6.42
C GLN A 144 -4.79 4.40 7.88
N LEU A 145 -6.03 4.78 8.21
CA LEU A 145 -6.54 4.59 9.56
C LEU A 145 -7.08 3.18 9.71
N TYR A 146 -7.53 2.62 8.60
CA TYR A 146 -8.28 1.38 8.65
C TYR A 146 -7.87 0.43 7.53
N CYS A 147 -7.86 -0.87 7.81
CA CYS A 147 -7.42 -1.79 6.79
C CYS A 147 -8.47 -2.78 6.26
N HIS A 148 -9.64 -2.81 6.87
CA HIS A 148 -10.73 -3.61 6.35
C HIS A 148 -12.06 -2.94 6.70
N SER A 149 -13.07 -3.10 5.83
CA SER A 149 -14.32 -2.31 5.87
C SER A 149 -14.03 -0.84 6.16
N ILE A 150 -13.28 -0.21 5.28
CA ILE A 150 -12.84 1.15 5.55
C ILE A 150 -14.03 2.03 5.87
N MET A 151 -14.98 2.14 4.96
CA MET A 151 -16.10 3.06 5.19
C MET A 151 -16.84 2.72 6.48
N GLU A 152 -17.17 1.43 6.65
CA GLU A 152 -17.98 1.01 7.78
C GLU A 152 -17.30 1.37 9.11
N HIS A 153 -16.01 1.10 9.24
CA HIS A 153 -15.30 1.58 10.41
C HIS A 153 -15.40 3.08 10.61
N HIS A 154 -15.31 3.88 9.53
CA HIS A 154 -15.45 5.34 9.63
C HIS A 154 -16.84 5.70 10.12
N HIS A 155 -17.89 5.11 9.54
CA HIS A 155 -19.27 5.32 9.99
C HIS A 155 -19.44 5.08 11.50
N PHE A 156 -18.84 4.00 12.03
CA PHE A 156 -18.99 3.74 13.46
C PHE A 156 -18.31 4.83 14.24
N ASP A 157 -17.11 5.23 13.81
CA ASP A 157 -16.38 6.27 14.50
C ASP A 157 -17.19 7.54 14.56
N GLN A 158 -17.88 7.87 13.47
CA GLN A 158 -18.69 9.07 13.44
C GLN A 158 -19.85 8.99 14.42
N CYS A 159 -20.46 7.81 14.47
CA CYS A 159 -21.56 7.51 15.39
C CYS A 159 -21.12 7.66 16.84
N LEU A 160 -19.98 7.05 17.17
CA LEU A 160 -19.45 7.09 18.49
C LEU A 160 -19.17 8.54 18.85
N MET A 161 -18.77 9.30 17.86
CA MET A 161 -18.34 10.66 18.09
C MET A 161 -19.57 11.48 18.40
N ILE A 162 -20.68 11.18 17.77
CA ILE A 162 -21.93 11.90 18.00
C ILE A 162 -22.61 11.51 19.33
N LEU A 163 -22.72 10.23 19.64
CA LEU A 163 -23.27 9.79 20.92
C LEU A 163 -22.54 10.38 22.12
N ASN A 164 -21.34 10.89 21.90
CA ASN A 164 -20.50 11.33 23.01
C ASN A 164 -20.23 12.83 23.03
N SER A 165 -20.82 13.57 22.09
CA SER A 165 -20.69 15.03 22.12
C SER A 165 -21.77 15.67 23.03
N PRO A 166 -21.42 16.75 23.75
CA PRO A 166 -22.28 17.21 24.83
C PRO A 166 -23.66 17.61 24.33
N GLY A 167 -24.70 17.22 25.05
CA GLY A 167 -26.03 17.60 24.64
C GLY A 167 -26.65 16.53 23.77
N ASN A 168 -25.85 15.54 23.38
CA ASN A 168 -26.35 14.51 22.49
C ASN A 168 -26.29 13.11 23.07
N GLN A 169 -25.98 12.99 24.36
CA GLN A 169 -25.69 11.68 24.95
C GLN A 169 -26.92 10.88 25.35
N ILE A 170 -27.54 10.23 24.37
CA ILE A 170 -28.76 9.49 24.54
C ILE A 170 -28.53 8.17 25.28
N LEU A 171 -27.28 7.75 25.37
CA LEU A 171 -26.98 6.52 26.11
C LEU A 171 -26.64 6.75 27.61
N SER A 172 -26.72 7.99 28.07
CA SER A 172 -26.24 8.35 29.40
C SER A 172 -27.00 7.75 30.56
N GLY A 173 -28.19 7.21 30.29
CA GLY A 173 -28.97 6.54 31.30
C GLY A 173 -28.46 5.14 31.62
N LEU A 174 -27.51 4.66 30.85
CA LEU A 174 -27.00 3.31 31.00
C LEU A 174 -25.83 3.22 31.97
N SER A 175 -25.70 2.04 32.61
CA SER A 175 -24.52 1.74 33.45
C SER A 175 -23.32 1.48 32.56
N ILE A 176 -22.12 1.76 33.08
CA ILE A 176 -20.89 1.47 32.36
C ILE A 176 -20.93 0.08 31.69
N GLU A 177 -21.45 -0.93 32.36
CA GLU A 177 -21.58 -2.27 31.79
C GLU A 177 -22.52 -2.32 30.59
N GLU A 178 -23.70 -1.70 30.71
CA GLU A 178 -24.69 -1.70 29.64
C GLU A 178 -24.22 -0.85 28.46
N TYR A 179 -23.49 0.21 28.77
CA TYR A 179 -22.91 1.05 27.74
C TYR A 179 -21.90 0.29 26.86
N LYS A 180 -20.99 -0.43 27.50
CA LYS A 180 -19.97 -1.13 26.76
C LYS A 180 -20.59 -2.20 25.89
N THR A 181 -21.56 -2.91 26.46
CA THR A 181 -22.33 -3.93 25.74
C THR A 181 -22.99 -3.30 24.53
N THR A 182 -23.63 -2.14 24.73
CA THR A 182 -24.39 -1.53 23.65
C THR A 182 -23.53 -1.08 22.49
N LEU A 183 -22.40 -0.47 22.79
CA LEU A 183 -21.47 -0.05 21.74
C LEU A 183 -20.95 -1.25 20.93
N LYS A 184 -20.64 -2.34 21.60
CA LYS A 184 -20.17 -3.53 20.96
C LYS A 184 -21.20 -4.03 19.93
N ILE A 185 -22.48 -4.05 20.32
CA ILE A 185 -23.54 -4.43 19.41
C ILE A 185 -23.64 -3.39 18.28
N ILE A 186 -23.57 -2.10 18.62
CA ILE A 186 -23.66 -1.08 17.57
C ILE A 186 -22.56 -1.24 16.52
N LYS A 187 -21.32 -1.44 16.97
CA LYS A 187 -20.21 -1.66 16.10
C LYS A 187 -20.45 -2.87 15.22
N GLN A 188 -20.87 -3.99 15.79
CA GLN A 188 -21.04 -5.16 14.95
C GLN A 188 -22.12 -4.94 13.92
N ALA A 189 -23.15 -4.18 14.30
CA ALA A 189 -24.27 -3.91 13.44
C ALA A 189 -23.90 -3.05 12.25
N ILE A 190 -23.02 -2.08 12.52
CA ILE A 190 -22.57 -1.22 11.48
C ILE A 190 -21.65 -2.02 10.60
N LEU A 191 -20.71 -2.77 11.17
CA LEU A 191 -19.76 -3.50 10.34
C LEU A 191 -20.51 -4.46 9.42
N ALA A 192 -21.68 -4.87 9.86
CA ALA A 192 -22.43 -5.89 9.17
C ALA A 192 -23.02 -5.36 7.90
N THR A 193 -23.11 -4.04 7.77
CA THR A 193 -23.68 -3.39 6.56
C THR A 193 -22.62 -3.26 5.46
N ASP A 194 -21.50 -3.94 5.64
CA ASP A 194 -20.58 -4.13 4.57
C ASP A 194 -21.00 -5.38 3.78
N LEU A 195 -21.49 -5.17 2.56
CA LEU A 195 -21.86 -6.31 1.71
C LEU A 195 -20.86 -7.47 1.64
N ALA A 196 -19.56 -7.18 1.67
CA ALA A 196 -18.54 -8.23 1.71
C ALA A 196 -18.74 -9.15 2.91
N LEU A 197 -19.04 -8.58 4.07
CA LEU A 197 -19.20 -9.41 5.25
C LEU A 197 -20.52 -10.13 5.23
N TYR A 198 -21.55 -9.49 4.66
CA TYR A 198 -22.80 -10.22 4.41
C TYR A 198 -22.52 -11.46 3.54
N ILE A 199 -21.92 -11.28 2.36
CA ILE A 199 -21.61 -12.43 1.49
C ILE A 199 -20.81 -13.51 2.25
N LYS A 200 -19.86 -13.05 3.05
CA LYS A 200 -18.98 -13.93 3.78
C LYS A 200 -19.69 -14.83 4.79
N ARG A 201 -20.80 -14.39 5.39
CA ARG A 201 -21.45 -15.15 6.45
C ARG A 201 -22.83 -15.72 6.10
N ARG A 202 -23.44 -15.23 5.02
CA ARG A 202 -24.66 -15.81 4.44
C ARG A 202 -24.83 -17.27 4.61
N GLY A 203 -23.85 -18.04 4.12
CA GLY A 203 -23.97 -19.49 3.96
C GLY A 203 -24.20 -20.19 5.27
N GLU A 204 -23.55 -19.74 6.33
CA GLU A 204 -23.75 -20.28 7.64
C GLU A 204 -25.19 -20.07 8.10
N PHE A 205 -25.72 -18.85 7.88
CA PHE A 205 -27.09 -18.51 8.26
C PHE A 205 -28.07 -19.36 7.48
N PHE A 206 -27.85 -19.44 6.17
CA PHE A 206 -28.73 -20.20 5.27
C PHE A 206 -28.78 -21.70 5.60
N GLU A 207 -27.64 -22.30 5.98
CA GLU A 207 -27.61 -23.72 6.38
C GLU A 207 -28.34 -23.97 7.67
N LEU A 208 -28.20 -23.06 8.63
CA LEU A 208 -28.96 -23.14 9.88
C LEU A 208 -30.48 -23.21 9.65
N ILE A 209 -30.97 -22.34 8.78
CA ILE A 209 -32.37 -22.27 8.40
C ILE A 209 -32.75 -23.55 7.69
N ARG A 210 -32.01 -23.84 6.63
CA ARG A 210 -32.25 -24.99 5.82
C ARG A 210 -32.31 -26.31 6.60
N LYS A 211 -31.60 -26.44 7.71
CA LYS A 211 -31.63 -27.66 8.50
C LYS A 211 -32.45 -27.54 9.78
N ASN A 212 -33.18 -26.45 9.89
CA ASN A 212 -34.07 -26.24 11.06
C ASN A 212 -33.36 -26.21 12.43
N GLN A 213 -32.15 -25.66 12.43
CA GLN A 213 -31.31 -25.58 13.61
C GLN A 213 -31.12 -24.15 14.12
N PHE A 214 -31.88 -23.22 13.54
CA PHE A 214 -31.85 -21.82 13.94
C PHE A 214 -32.42 -21.63 15.33
N ASN A 215 -31.66 -20.96 16.22
CA ASN A 215 -32.07 -20.81 17.61
C ASN A 215 -31.44 -19.58 18.28
N LEU A 216 -32.26 -18.57 18.52
CA LEU A 216 -31.77 -17.32 19.12
C LEU A 216 -31.19 -17.45 20.55
N GLU A 217 -31.47 -18.53 21.26
CA GLU A 217 -30.89 -18.70 22.58
C GLU A 217 -29.36 -18.74 22.55
N ASP A 218 -28.79 -19.22 21.45
CA ASP A 218 -27.33 -19.33 21.27
C ASP A 218 -26.69 -17.98 20.89
N PRO A 219 -25.83 -17.44 21.79
CA PRO A 219 -25.11 -16.19 21.57
C PRO A 219 -24.54 -16.00 20.16
N HIS A 220 -23.96 -17.04 19.58
CA HIS A 220 -23.34 -16.93 18.26
C HIS A 220 -24.37 -16.69 17.17
N GLN A 221 -25.47 -17.43 17.25
CA GLN A 221 -26.56 -17.30 16.29
C GLN A 221 -27.29 -15.95 16.39
N LYS A 222 -27.44 -15.44 17.60
CA LYS A 222 -28.06 -14.14 17.81
C LYS A 222 -27.28 -13.07 17.04
N GLU A 223 -25.94 -13.11 17.19
CA GLU A 223 -25.03 -12.19 16.51
C GLU A 223 -25.19 -12.25 15.00
N LEU A 224 -25.23 -13.49 14.48
CA LEU A 224 -25.43 -13.70 13.08
C LEU A 224 -26.74 -13.13 12.64
N PHE A 225 -27.80 -13.42 13.35
CA PHE A 225 -29.11 -12.99 12.93
C PHE A 225 -29.17 -11.49 12.84
N LEU A 226 -28.57 -10.82 13.82
CA LEU A 226 -28.55 -9.37 13.86
C LEU A 226 -27.87 -8.78 12.65
N ALA A 227 -26.69 -9.30 12.33
CA ALA A 227 -26.00 -8.94 11.07
C ALA A 227 -26.94 -9.09 9.87
N MET A 228 -27.58 -10.26 9.72
CA MET A 228 -28.52 -10.45 8.63
C MET A 228 -29.64 -9.41 8.63
N LEU A 229 -30.26 -9.16 9.78
CA LEU A 229 -31.29 -8.15 9.92
C LEU A 229 -30.87 -6.80 9.32
N MET A 230 -29.70 -6.32 9.75
CA MET A 230 -29.08 -5.10 9.23
C MET A 230 -29.01 -5.07 7.71
N THR A 231 -28.43 -6.12 7.10
CA THR A 231 -28.43 -6.22 5.64
C THR A 231 -29.85 -6.15 5.08
N ALA A 232 -30.78 -6.90 5.67
CA ALA A 232 -32.17 -6.89 5.21
C ALA A 232 -32.76 -5.47 5.13
N CYS A 233 -32.46 -4.64 6.16
CA CYS A 233 -32.98 -3.28 6.26
C CYS A 233 -32.25 -2.36 5.33
N ASP A 234 -30.92 -2.47 5.30
CA ASP A 234 -30.05 -1.73 4.38
C ASP A 234 -30.50 -1.89 2.94
N LEU A 235 -30.85 -3.09 2.51
CA LEU A 235 -31.19 -3.29 1.11
C LEU A 235 -32.66 -3.06 0.83
N SER A 236 -33.42 -2.66 1.83
CA SER A 236 -34.88 -2.73 1.79
C SER A 236 -35.59 -1.92 0.71
N ALA A 237 -34.92 -0.95 0.13
CA ALA A 237 -35.49 -0.25 -1.02
C ALA A 237 -35.77 -1.23 -2.18
N ILE A 238 -35.09 -2.37 -2.21
CA ILE A 238 -35.37 -3.37 -3.20
C ILE A 238 -36.75 -4.01 -3.02
N THR A 239 -37.45 -3.71 -1.92
CA THR A 239 -38.71 -4.39 -1.63
C THR A 239 -39.93 -3.44 -1.72
N LYS A 240 -39.69 -2.21 -2.13
CA LYS A 240 -40.73 -1.22 -2.06
C LYS A 240 -41.63 -1.30 -3.28
N PRO A 241 -42.81 -0.65 -3.24
CA PRO A 241 -43.63 -0.63 -4.44
C PRO A 241 -42.87 -0.02 -5.60
N TRP A 242 -43.28 -0.33 -6.82
CA TRP A 242 -42.49 -0.01 -8.01
C TRP A 242 -42.15 1.48 -8.24
N PRO A 243 -43.16 2.37 -8.15
CA PRO A 243 -42.75 3.76 -8.35
C PRO A 243 -41.57 4.14 -7.44
N ILE A 244 -41.59 3.69 -6.20
CA ILE A 244 -40.52 4.01 -5.26
C ILE A 244 -39.18 3.37 -5.67
N GLN A 245 -39.17 2.06 -5.87
CA GLN A 245 -37.96 1.33 -6.22
C GLN A 245 -37.26 1.94 -7.44
N GLN A 246 -38.04 2.20 -8.49
CA GLN A 246 -37.50 2.78 -9.72
C GLN A 246 -36.79 4.12 -9.48
N ARG A 247 -37.43 4.99 -8.72
CA ARG A 247 -36.88 6.27 -8.33
C ARG A 247 -35.59 6.09 -7.53
N ILE A 248 -35.61 5.19 -6.55
CA ILE A 248 -34.44 4.95 -5.73
C ILE A 248 -33.28 4.32 -6.50
N ALA A 249 -33.60 3.41 -7.44
CA ALA A 249 -32.58 2.86 -8.32
C ALA A 249 -31.80 3.93 -9.12
N GLU A 250 -32.47 4.92 -9.74
CA GLU A 250 -31.77 6.01 -10.47
C GLU A 250 -30.82 6.77 -9.54
N LEU A 251 -31.22 6.95 -8.27
CA LEU A 251 -30.34 7.61 -7.32
C LEU A 251 -29.05 6.78 -7.15
N VAL A 252 -29.21 5.48 -6.91
CA VAL A 252 -28.08 4.60 -6.71
C VAL A 252 -27.20 4.62 -7.95
N ALA A 253 -27.86 4.55 -9.13
CA ALA A 253 -27.11 4.59 -10.39
C ALA A 253 -26.37 5.91 -10.50
N THR A 254 -26.99 7.03 -10.08
CA THR A 254 -26.36 8.33 -10.18
C THR A 254 -25.07 8.27 -9.40
N GLU A 255 -25.19 7.76 -8.19
CA GLU A 255 -24.05 7.59 -7.31
C GLU A 255 -22.92 6.72 -7.91
N PHE A 256 -23.27 5.55 -8.47
CA PHE A 256 -22.28 4.72 -9.18
C PHE A 256 -21.59 5.39 -10.36
N TRP A 257 -22.37 6.00 -11.24
CA TRP A 257 -21.81 6.71 -12.37
C TRP A 257 -20.85 7.79 -11.93
N GLU A 258 -21.12 8.42 -10.80
CA GLU A 258 -20.16 9.39 -10.35
C GLU A 258 -18.87 8.63 -9.95
N GLN A 259 -18.97 7.41 -9.44
CA GLN A 259 -17.76 6.75 -9.04
C GLN A 259 -16.96 6.34 -10.27
N GLY A 260 -17.67 5.82 -11.29
CA GLY A 260 -17.06 5.44 -12.54
C GLY A 260 -16.25 6.58 -13.15
N ASP A 261 -16.73 7.80 -13.01
CA ASP A 261 -16.02 8.98 -13.47
C ASP A 261 -14.67 9.06 -12.77
N LEU A 262 -14.70 9.00 -11.44
CA LEU A 262 -13.51 9.02 -10.63
C LEU A 262 -12.55 7.89 -11.03
N GLU A 263 -13.11 6.72 -11.35
CA GLU A 263 -12.28 5.58 -11.68
C GLU A 263 -11.57 5.76 -13.03
N ARG A 264 -12.25 6.45 -13.96
CA ARG A 264 -11.69 6.75 -15.27
C ARG A 264 -10.57 7.77 -15.18
N THR A 265 -10.73 8.76 -14.31
CA THR A 265 -9.75 9.85 -14.23
C THR A 265 -8.68 9.72 -13.14
N VAL A 266 -9.07 9.28 -11.95
CA VAL A 266 -8.12 9.13 -10.84
C VAL A 266 -7.32 7.82 -10.95
N LEU A 267 -8.02 6.73 -11.23
CA LEU A 267 -7.41 5.40 -11.31
C LEU A 267 -7.03 4.98 -12.71
N GLN A 268 -7.57 5.66 -13.74
CA GLN A 268 -7.30 5.31 -15.12
C GLN A 268 -7.67 3.87 -15.52
N GLN A 269 -8.87 3.44 -15.13
CA GLN A 269 -9.38 2.10 -15.51
C GLN A 269 -10.77 2.14 -16.13
N GLN A 270 -11.14 1.08 -16.84
CA GLN A 270 -12.52 0.94 -17.29
C GLN A 270 -13.44 0.53 -16.15
N PRO A 271 -14.37 1.41 -15.74
CA PRO A 271 -15.33 1.06 -14.72
C PRO A 271 -16.21 -0.10 -15.20
N ILE A 272 -16.62 -0.92 -14.23
CA ILE A 272 -17.47 -2.09 -14.41
C ILE A 272 -18.88 -1.64 -14.80
N PRO A 273 -19.57 -2.41 -15.66
CA PRO A 273 -20.87 -1.93 -16.15
C PRO A 273 -21.75 -1.26 -15.09
N MET A 274 -21.80 -1.84 -13.91
CA MET A 274 -22.63 -1.28 -12.85
C MET A 274 -22.36 0.21 -12.62
N MET A 275 -21.14 0.59 -12.99
CA MET A 275 -20.51 1.84 -12.63
C MET A 275 -20.19 2.73 -13.85
N ASP A 276 -20.44 2.23 -15.06
CA ASP A 276 -20.23 2.98 -16.29
C ASP A 276 -21.52 3.67 -16.73
N ARG A 277 -21.49 5.00 -16.93
CA ARG A 277 -22.68 5.73 -17.44
C ARG A 277 -22.98 5.47 -18.93
N ASN A 278 -22.00 4.99 -19.67
CA ASN A 278 -22.18 4.62 -21.09
C ASN A 278 -23.09 3.42 -21.26
N LYS A 279 -23.09 2.55 -20.26
CA LYS A 279 -24.04 1.45 -20.22
C LYS A 279 -25.22 1.78 -19.30
N ARG A 280 -25.76 3.00 -19.38
CA ARG A 280 -26.98 3.37 -18.62
C ARG A 280 -28.14 2.40 -18.98
N ASP A 281 -28.09 1.93 -20.23
CA ASP A 281 -29.03 0.98 -20.86
C ASP A 281 -29.15 -0.34 -20.09
N GLU A 282 -28.09 -0.71 -19.37
CA GLU A 282 -27.96 -2.04 -18.75
C GLU A 282 -28.52 -2.10 -17.35
N LEU A 283 -29.14 -1.00 -16.90
CA LEU A 283 -29.62 -0.91 -15.53
C LEU A 283 -30.64 -1.98 -15.14
N PRO A 284 -31.66 -2.24 -15.98
CA PRO A 284 -32.60 -3.31 -15.67
C PRO A 284 -31.94 -4.65 -15.46
N LYS A 285 -31.23 -5.14 -16.48
CA LYS A 285 -30.58 -6.45 -16.39
C LYS A 285 -29.72 -6.54 -15.12
N LEU A 286 -29.03 -5.45 -14.79
CA LEU A 286 -28.13 -5.39 -13.62
C LEU A 286 -28.89 -5.51 -12.32
N GLN A 287 -30.05 -4.85 -12.24
CA GLN A 287 -30.92 -4.91 -11.08
C GLN A 287 -31.50 -6.29 -10.87
N VAL A 288 -31.79 -6.99 -11.97
CA VAL A 288 -32.31 -8.35 -11.90
C VAL A 288 -31.23 -9.23 -11.28
N GLY A 289 -30.02 -9.09 -11.81
CA GLY A 289 -28.85 -9.79 -11.33
C GLY A 289 -28.61 -9.52 -9.86
N PHE A 290 -28.75 -8.25 -9.47
CA PHE A 290 -28.64 -7.83 -8.07
C PHE A 290 -29.63 -8.60 -7.23
N ILE A 291 -30.89 -8.57 -7.63
CA ILE A 291 -31.95 -9.17 -6.86
C ILE A 291 -31.68 -10.66 -6.70
N ASP A 292 -31.40 -11.35 -7.80
CA ASP A 292 -31.15 -12.81 -7.79
C ASP A 292 -29.97 -13.22 -6.93
N PHE A 293 -28.82 -12.60 -7.13
CA PHE A 293 -27.62 -12.98 -6.43
C PHE A 293 -27.62 -12.59 -4.95
N VAL A 294 -28.16 -11.42 -4.61
CA VAL A 294 -28.09 -10.88 -3.25
C VAL A 294 -29.40 -10.93 -2.44
N CYS A 295 -30.47 -10.35 -2.97
CA CYS A 295 -31.64 -10.02 -2.17
C CYS A 295 -32.61 -11.15 -1.90
N THR A 296 -33.05 -11.83 -2.94
CA THR A 296 -34.16 -12.75 -2.75
C THR A 296 -33.90 -13.83 -1.71
N GLN A 297 -32.72 -14.41 -1.75
CA GLN A 297 -32.38 -15.47 -0.84
C GLN A 297 -32.42 -15.00 0.61
N LEU A 298 -32.14 -13.73 0.82
CA LEU A 298 -32.06 -13.13 2.14
C LEU A 298 -33.46 -12.93 2.74
N TYR A 299 -34.32 -12.27 1.97
CA TYR A 299 -35.71 -12.10 2.38
C TYR A 299 -36.44 -13.46 2.43
N GLU A 300 -36.06 -14.42 1.62
CA GLU A 300 -36.59 -15.76 1.82
C GLU A 300 -36.27 -16.29 3.21
N ALA A 301 -35.06 -16.05 3.70
CA ALA A 301 -34.66 -16.59 4.99
C ALA A 301 -35.31 -15.85 6.16
N LEU A 302 -35.35 -14.52 6.07
CA LEU A 302 -35.94 -13.72 7.12
C LEU A 302 -37.44 -14.13 7.29
N THR A 303 -38.03 -14.57 6.19
CA THR A 303 -39.38 -15.01 6.24
C THR A 303 -39.52 -16.34 6.97
N HIS A 304 -38.49 -17.18 6.91
CA HIS A 304 -38.49 -18.38 7.73
C HIS A 304 -38.39 -18.00 9.23
N VAL A 305 -37.57 -17.01 9.55
CA VAL A 305 -37.44 -16.54 10.91
C VAL A 305 -38.73 -15.92 11.43
N SER A 306 -39.44 -15.24 10.55
CA SER A 306 -40.66 -14.61 10.96
C SER A 306 -41.65 -14.47 9.82
N GLU A 307 -42.62 -15.39 9.80
CA GLU A 307 -43.75 -15.37 8.90
C GLU A 307 -44.22 -13.95 8.50
N ASP A 308 -44.29 -13.04 9.45
CA ASP A 308 -44.88 -11.72 9.19
C ASP A 308 -43.98 -10.73 8.41
N CYS A 309 -42.75 -11.16 8.10
CA CYS A 309 -41.87 -10.39 7.26
C CYS A 309 -42.01 -10.67 5.78
N PHE A 310 -42.95 -11.53 5.40
CA PHE A 310 -43.23 -11.86 3.99
C PHE A 310 -43.36 -10.65 3.08
N PRO A 311 -44.05 -9.57 3.52
CA PRO A 311 -44.24 -8.41 2.64
C PRO A 311 -42.94 -7.92 2.02
N LEU A 312 -41.83 -8.09 2.73
CA LEU A 312 -40.48 -7.76 2.18
C LEU A 312 -40.09 -8.68 1.00
N LEU A 313 -40.40 -9.96 1.10
CA LEU A 313 -40.07 -10.90 0.04
C LEU A 313 -41.01 -10.74 -1.13
N ASP A 314 -42.28 -10.46 -0.83
CA ASP A 314 -43.30 -10.18 -1.83
C ASP A 314 -42.87 -8.98 -2.66
N GLY A 315 -42.49 -7.91 -1.97
CA GLY A 315 -42.13 -6.67 -2.63
C GLY A 315 -40.98 -6.88 -3.56
N CYS A 316 -40.02 -7.66 -3.08
CA CYS A 316 -38.81 -8.01 -3.80
C CYS A 316 -39.11 -8.76 -5.10
N ARG A 317 -40.03 -9.74 -5.03
CA ARG A 317 -40.35 -10.54 -6.19
C ARG A 317 -41.09 -9.72 -7.23
N LYS A 318 -41.96 -8.83 -6.78
CA LYS A 318 -42.71 -7.93 -7.68
C LYS A 318 -41.73 -7.02 -8.41
N ASN A 319 -40.73 -6.51 -7.71
CA ASN A 319 -39.74 -5.67 -8.38
C ASN A 319 -38.88 -6.44 -9.34
N ARG A 320 -38.69 -7.73 -9.10
CA ARG A 320 -37.97 -8.53 -10.06
C ARG A 320 -38.74 -8.62 -11.36
N GLN A 321 -40.04 -8.87 -11.30
CA GLN A 321 -40.88 -9.01 -12.52
C GLN A 321 -40.80 -7.74 -13.34
N LYS A 322 -40.84 -6.59 -12.67
CA LYS A 322 -40.87 -5.29 -13.32
C LYS A 322 -39.56 -5.03 -14.00
N TRP A 323 -38.45 -5.22 -13.30
CA TRP A 323 -37.17 -5.01 -13.92
C TRP A 323 -36.99 -5.96 -15.09
N GLN A 324 -37.39 -7.22 -14.93
CA GLN A 324 -37.20 -8.21 -15.98
C GLN A 324 -38.00 -7.84 -17.24
N ALA A 325 -39.13 -7.19 -17.05
CA ALA A 325 -39.94 -6.78 -18.18
C ALA A 325 -39.23 -5.70 -18.98
N LEU A 326 -38.57 -4.78 -18.28
CA LEU A 326 -37.76 -3.76 -18.93
C LEU A 326 -36.50 -4.34 -19.57
N ALA A 327 -35.97 -5.41 -18.99
CA ALA A 327 -34.76 -6.04 -19.50
C ALA A 327 -34.96 -6.64 -20.88
N GLU A 328 -36.22 -6.79 -21.28
CA GLU A 328 -36.58 -7.21 -22.63
C GLU A 328 -37.33 -6.07 -23.36
N GLN A 329 -37.30 -4.88 -22.77
CA GLN A 329 -37.80 -3.59 -23.35
C GLN A 329 -39.31 -3.26 -23.18
N GLU B 6 -23.95 -40.32 5.57
CA GLU B 6 -22.98 -39.60 6.48
C GLU B 6 -23.31 -39.64 8.00
N THR B 7 -24.61 -39.55 8.34
CA THR B 7 -25.14 -39.89 9.69
C THR B 7 -24.74 -41.33 10.01
N ARG B 8 -24.34 -42.07 8.97
CA ARG B 8 -23.84 -43.42 9.11
C ARG B 8 -22.37 -43.47 9.51
N GLU B 9 -21.56 -42.57 8.96
CA GLU B 9 -20.15 -42.45 9.40
C GLU B 9 -20.07 -42.01 10.87
N LEU B 10 -20.99 -41.13 11.29
CA LEU B 10 -21.08 -40.68 12.68
C LEU B 10 -21.45 -41.81 13.64
N GLN B 11 -22.44 -42.62 13.29
CA GLN B 11 -22.80 -43.77 14.11
C GLN B 11 -21.68 -44.82 14.13
N SER B 12 -20.98 -44.98 13.01
CA SER B 12 -19.82 -45.88 12.93
C SER B 12 -18.79 -45.47 13.96
N LEU B 13 -18.51 -44.17 14.01
CA LEU B 13 -17.42 -43.61 14.80
C LEU B 13 -17.73 -43.55 16.29
N ALA B 14 -18.96 -43.19 16.64
CA ALA B 14 -19.35 -43.08 18.04
C ALA B 14 -19.45 -44.43 18.74
N ALA B 15 -19.69 -45.48 17.95
CA ALA B 15 -19.84 -46.84 18.48
C ALA B 15 -18.52 -47.56 18.58
N ALA B 16 -17.54 -47.16 17.78
CA ALA B 16 -16.26 -47.88 17.73
C ALA B 16 -15.46 -47.83 19.04
N VAL B 17 -14.64 -48.85 19.25
CA VAL B 17 -13.68 -48.88 20.35
C VAL B 17 -12.44 -48.09 19.91
N VAL B 18 -11.99 -47.20 20.76
CA VAL B 18 -10.80 -46.42 20.45
C VAL B 18 -9.59 -47.14 21.02
N PRO B 19 -8.71 -47.67 20.12
CA PRO B 19 -7.45 -48.28 20.56
C PRO B 19 -6.59 -47.31 21.38
N SER B 20 -5.61 -47.83 22.10
CA SER B 20 -4.74 -47.00 22.94
C SER B 20 -3.77 -46.20 22.09
N ALA B 21 -3.12 -45.23 22.71
CA ALA B 21 -2.12 -44.42 22.01
C ALA B 21 -0.96 -45.27 21.51
N GLN B 22 -0.54 -46.22 22.32
CA GLN B 22 0.55 -47.09 21.95
C GLN B 22 0.22 -48.00 20.74
N THR B 23 -0.96 -48.61 20.76
CA THR B 23 -1.41 -49.47 19.67
C THR B 23 -1.47 -48.70 18.34
N LEU B 24 -1.90 -47.44 18.38
CA LEU B 24 -2.06 -46.62 17.16
C LEU B 24 -0.77 -45.97 16.70
N LYS B 25 0.30 -46.11 17.48
CA LYS B 25 1.62 -45.59 17.13
C LYS B 25 1.71 -44.06 17.05
N ILE B 26 0.77 -43.33 17.66
CA ILE B 26 0.70 -41.88 17.50
C ILE B 26 1.64 -41.09 18.42
N THR B 27 2.42 -41.79 19.24
CA THR B 27 3.44 -41.17 20.06
C THR B 27 4.76 -41.22 19.34
N ASP B 28 4.82 -41.87 18.19
CA ASP B 28 6.06 -41.92 17.43
C ASP B 28 6.20 -40.67 16.56
N PHE B 29 7.39 -40.07 16.56
CA PHE B 29 7.67 -38.94 15.67
C PHE B 29 7.72 -39.43 14.24
N SER B 30 7.86 -40.73 14.11
CA SER B 30 7.93 -41.43 12.83
C SER B 30 6.60 -41.91 12.25
N PHE B 31 5.50 -41.55 12.91
CA PHE B 31 4.18 -42.00 12.54
C PHE B 31 3.85 -41.75 11.07
N SER B 32 3.18 -42.71 10.45
CA SER B 32 2.73 -42.59 9.07
C SER B 32 1.21 -42.75 9.03
N ASP B 33 0.54 -41.93 8.24
CA ASP B 33 -0.91 -42.04 8.05
C ASP B 33 -1.25 -42.91 6.83
N PHE B 34 -0.25 -43.14 5.99
CA PHE B 34 -0.48 -43.67 4.65
C PHE B 34 -1.39 -44.87 4.54
N GLU B 35 -1.32 -45.81 5.47
CA GLU B 35 -2.14 -47.01 5.35
C GLU B 35 -3.30 -47.08 6.35
N LEU B 36 -3.74 -45.93 6.81
CA LEU B 36 -4.91 -45.82 7.68
C LEU B 36 -6.10 -45.38 6.87
N SER B 37 -7.27 -45.94 7.15
CA SER B 37 -8.52 -45.43 6.56
C SER B 37 -8.93 -44.08 7.15
N ASP B 38 -9.78 -43.36 6.42
CA ASP B 38 -10.42 -42.16 6.93
C ASP B 38 -11.01 -42.35 8.34
N LEU B 39 -11.88 -43.35 8.49
CA LEU B 39 -12.40 -43.76 9.81
C LEU B 39 -11.27 -43.92 10.90
N GLU B 40 -10.22 -44.67 10.59
CA GLU B 40 -9.10 -44.85 11.49
C GLU B 40 -8.43 -43.55 11.94
N THR B 41 -8.32 -42.58 11.03
CA THR B 41 -7.76 -41.29 11.41
C THR B 41 -8.64 -40.54 12.40
N ALA B 42 -9.96 -40.57 12.19
CA ALA B 42 -10.90 -40.04 13.18
C ALA B 42 -10.70 -40.69 14.55
N LEU B 43 -10.66 -42.03 14.60
CA LEU B 43 -10.33 -42.74 15.88
C LEU B 43 -9.03 -42.24 16.55
N CYS B 44 -7.98 -42.05 15.76
CA CYS B 44 -6.72 -41.54 16.30
C CYS B 44 -6.94 -40.20 16.95
N THR B 45 -7.72 -39.34 16.30
CA THR B 45 -7.97 -37.99 16.78
C THR B 45 -8.66 -38.06 18.15
N ILE B 46 -9.71 -38.87 18.25
CA ILE B 46 -10.37 -39.08 19.52
C ILE B 46 -9.36 -39.47 20.58
N ARG B 47 -8.47 -40.40 20.26
CA ARG B 47 -7.44 -40.79 21.20
C ARG B 47 -6.55 -39.62 21.61
N MET B 48 -6.14 -38.80 20.64
CA MET B 48 -5.34 -37.62 20.91
C MET B 48 -6.00 -36.69 21.93
N PHE B 49 -7.28 -36.38 21.71
CA PHE B 49 -8.04 -35.57 22.67
C PHE B 49 -8.13 -36.23 24.03
N THR B 50 -8.30 -37.54 24.05
CA THR B 50 -8.43 -38.25 25.31
C THR B 50 -7.14 -38.27 26.13
N ASP B 51 -6.02 -38.67 25.53
CA ASP B 51 -4.75 -38.83 26.26
C ASP B 51 -4.05 -37.53 26.68
N LEU B 52 -4.48 -36.41 26.10
CA LEU B 52 -4.06 -35.09 26.55
C LEU B 52 -5.02 -34.55 27.62
N ASN B 53 -5.90 -35.44 28.11
CA ASN B 53 -6.87 -35.17 29.17
C ASN B 53 -7.87 -34.08 28.82
N LEU B 54 -8.13 -33.90 27.53
CA LEU B 54 -8.98 -32.80 27.09
C LEU B 54 -10.47 -33.14 27.19
N VAL B 55 -10.84 -34.40 27.05
CA VAL B 55 -12.26 -34.77 27.19
C VAL B 55 -12.66 -34.67 28.66
N GLN B 56 -11.82 -35.18 29.56
CA GLN B 56 -12.12 -35.17 30.98
C GLN B 56 -12.20 -33.74 31.51
N ASN B 57 -11.13 -32.96 31.27
CA ASN B 57 -10.99 -31.62 31.84
C ASN B 57 -12.00 -30.59 31.34
N PHE B 58 -12.66 -30.87 30.21
CA PHE B 58 -13.56 -29.89 29.61
C PHE B 58 -14.97 -30.38 29.28
N GLN B 59 -15.35 -31.53 29.83
CA GLN B 59 -16.70 -32.08 29.74
C GLN B 59 -17.22 -32.30 28.34
N MET B 60 -16.34 -32.73 27.44
CA MET B 60 -16.76 -33.05 26.09
C MET B 60 -17.64 -34.30 26.03
N LYS B 61 -18.86 -34.15 25.50
CA LYS B 61 -19.68 -35.31 25.19
C LYS B 61 -19.04 -36.07 24.03
N HIS B 62 -19.07 -37.41 24.09
CA HIS B 62 -18.51 -38.26 23.06
C HIS B 62 -19.10 -37.98 21.66
N GLU B 63 -20.44 -37.98 21.58
CA GLU B 63 -21.17 -37.69 20.34
C GLU B 63 -20.77 -36.34 19.74
N VAL B 64 -20.56 -35.35 20.61
CA VAL B 64 -20.18 -34.02 20.14
C VAL B 64 -18.74 -33.96 19.54
N LEU B 65 -17.76 -34.53 20.25
CA LEU B 65 -16.41 -34.57 19.73
C LEU B 65 -16.36 -35.31 18.38
N CYS B 66 -17.10 -36.40 18.24
CA CYS B 66 -17.15 -37.15 16.99
C CYS B 66 -17.69 -36.29 15.85
N ARG B 67 -18.81 -35.63 16.10
CA ARG B 67 -19.44 -34.82 15.08
C ARG B 67 -18.50 -33.68 14.67
N TRP B 68 -17.75 -33.12 15.62
CA TRP B 68 -16.79 -32.05 15.33
C TRP B 68 -15.63 -32.53 14.46
N ILE B 69 -14.95 -33.56 14.92
CA ILE B 69 -13.94 -34.23 14.14
C ILE B 69 -14.41 -34.50 12.70
N LEU B 70 -15.61 -35.04 12.51
CA LEU B 70 -16.10 -35.33 11.17
C LEU B 70 -16.42 -34.08 10.35
N SER B 71 -16.89 -33.03 11.04
CA SER B 71 -17.13 -31.74 10.42
C SER B 71 -15.87 -31.12 9.90
N VAL B 72 -14.78 -31.25 10.65
CA VAL B 72 -13.52 -30.70 10.24
C VAL B 72 -13.05 -31.47 9.01
N LYS B 73 -12.92 -32.79 9.13
CA LYS B 73 -12.49 -33.66 8.04
C LYS B 73 -13.24 -33.34 6.75
N LYS B 74 -14.52 -33.04 6.87
CA LYS B 74 -15.33 -32.79 5.70
C LYS B 74 -15.04 -31.42 5.08
N ASN B 75 -14.50 -30.48 5.86
CA ASN B 75 -14.28 -29.15 5.32
C ASN B 75 -12.92 -28.95 4.77
N TYR B 76 -12.18 -30.05 4.63
CA TYR B 76 -10.96 -30.06 3.86
C TYR B 76 -11.38 -30.57 2.50
N ARG B 77 -10.63 -30.22 1.44
CA ARG B 77 -10.98 -30.64 0.07
C ARG B 77 -10.09 -31.80 -0.37
N LYS B 78 -10.73 -32.95 -0.61
CA LYS B 78 -10.06 -34.18 -1.07
C LYS B 78 -9.32 -33.99 -2.39
N ASN B 79 -9.89 -33.20 -3.32
CA ASN B 79 -9.25 -32.95 -4.62
C ASN B 79 -7.98 -32.09 -4.57
N VAL B 80 -7.62 -31.57 -3.41
CA VAL B 80 -6.41 -30.75 -3.25
C VAL B 80 -5.24 -31.64 -2.89
N ALA B 81 -4.20 -31.63 -3.70
CA ALA B 81 -3.15 -32.67 -3.63
C ALA B 81 -2.50 -32.90 -2.29
N TYR B 82 -2.25 -31.82 -1.52
CA TYR B 82 -1.48 -31.92 -0.28
C TYR B 82 -2.18 -31.27 0.90
N HIS B 83 -2.66 -30.05 0.71
CA HIS B 83 -3.40 -29.36 1.77
C HIS B 83 -4.83 -29.87 2.01
N ASN B 84 -4.93 -31.13 2.41
CA ASN B 84 -6.21 -31.76 2.65
C ASN B 84 -6.19 -32.41 4.02
N TRP B 85 -7.28 -33.11 4.37
CA TRP B 85 -7.38 -33.74 5.70
C TRP B 85 -6.09 -34.44 6.19
N ARG B 86 -5.40 -35.17 5.32
CA ARG B 86 -4.28 -35.92 5.78
C ARG B 86 -3.23 -35.01 6.36
N HIS B 87 -2.92 -33.90 5.68
CA HIS B 87 -1.99 -32.90 6.25
C HIS B 87 -2.48 -32.37 7.60
N ALA B 88 -3.73 -31.98 7.71
CA ALA B 88 -4.21 -31.46 8.97
C ALA B 88 -4.00 -32.49 10.07
N PHE B 89 -4.36 -33.75 9.79
CA PHE B 89 -4.23 -34.85 10.72
C PHE B 89 -2.77 -35.07 11.16
N ASN B 90 -1.86 -35.09 10.18
CA ASN B 90 -0.46 -35.29 10.49
C ASN B 90 0.07 -34.20 11.37
N THR B 91 -0.19 -32.95 11.02
CA THR B 91 0.14 -31.80 11.84
C THR B 91 -0.31 -32.01 13.28
N ALA B 92 -1.56 -32.43 13.49
CA ALA B 92 -2.05 -32.70 14.84
C ALA B 92 -1.29 -33.83 15.51
N GLN B 93 -0.93 -34.84 14.74
CA GLN B 93 -0.18 -35.94 15.32
C GLN B 93 1.25 -35.53 15.76
N CYS B 94 1.86 -34.66 14.96
CA CYS B 94 3.14 -34.12 15.32
C CYS B 94 3.05 -33.29 16.62
N MET B 95 1.98 -32.51 16.75
CA MET B 95 1.71 -31.78 17.97
C MET B 95 1.57 -32.73 19.13
N PHE B 96 0.81 -33.80 18.94
CA PHE B 96 0.60 -34.77 20.00
C PHE B 96 1.92 -35.47 20.41
N ALA B 97 2.79 -35.76 19.44
CA ALA B 97 4.06 -36.38 19.77
C ALA B 97 4.99 -35.38 20.41
N ALA B 98 5.01 -34.14 19.92
CA ALA B 98 5.83 -33.10 20.56
C ALA B 98 5.40 -32.89 22.02
N LEU B 99 4.09 -32.93 22.29
CA LEU B 99 3.60 -32.77 23.66
C LEU B 99 3.91 -33.98 24.53
N LYS B 100 3.75 -35.19 24.00
CA LYS B 100 3.97 -36.43 24.78
C LYS B 100 5.42 -36.92 24.78
N ALA B 101 5.88 -37.48 23.68
CA ALA B 101 7.27 -37.93 23.56
C ALA B 101 8.29 -36.79 23.68
N GLY B 102 7.96 -35.60 23.17
CA GLY B 102 8.88 -34.47 23.20
C GLY B 102 8.84 -33.70 24.51
N LYS B 103 7.89 -34.08 25.37
CA LYS B 103 7.73 -33.54 26.72
C LYS B 103 7.43 -32.03 26.79
N ILE B 104 6.72 -31.49 25.80
CA ILE B 104 6.37 -30.07 25.85
C ILE B 104 5.17 -29.87 26.77
N GLN B 105 4.34 -30.91 26.88
CA GLN B 105 3.09 -30.86 27.62
C GLN B 105 3.14 -30.16 28.99
N ASN B 106 4.07 -30.52 29.86
CA ASN B 106 4.01 -29.86 31.17
C ASN B 106 4.74 -28.52 31.23
N LYS B 107 4.92 -27.88 30.07
CA LYS B 107 5.43 -26.51 30.00
C LYS B 107 4.26 -25.58 29.74
N LEU B 108 3.13 -26.18 29.35
CA LEU B 108 1.92 -25.47 28.94
C LEU B 108 0.70 -25.71 29.88
N THR B 109 -0.23 -24.77 29.93
CA THR B 109 -1.52 -24.98 30.62
C THR B 109 -2.46 -25.80 29.76
N ASP B 110 -3.49 -26.38 30.37
CA ASP B 110 -4.50 -27.17 29.65
C ASP B 110 -5.23 -26.34 28.62
N LEU B 111 -5.48 -25.06 28.91
CA LEU B 111 -6.13 -24.18 27.93
C LEU B 111 -5.31 -24.03 26.67
N GLU B 112 -3.98 -23.98 26.82
CA GLU B 112 -3.06 -23.83 25.69
C GLU B 112 -3.03 -25.10 24.82
N ILE B 113 -2.94 -26.25 25.49
CA ILE B 113 -2.93 -27.53 24.81
C ILE B 113 -4.21 -27.75 24.01
N LEU B 114 -5.35 -27.46 24.64
CA LEU B 114 -6.63 -27.53 23.98
C LEU B 114 -6.59 -26.67 22.75
N ALA B 115 -6.06 -25.46 22.89
CA ALA B 115 -6.03 -24.52 21.79
C ALA B 115 -5.17 -25.04 20.67
N LEU B 116 -4.00 -25.57 21.02
CA LEU B 116 -3.04 -26.07 20.03
C LEU B 116 -3.54 -27.25 19.22
N LEU B 117 -4.13 -28.22 19.90
CA LEU B 117 -4.66 -29.33 19.18
C LEU B 117 -5.83 -28.92 18.26
N ILE B 118 -6.77 -28.10 18.75
CA ILE B 118 -7.87 -27.63 17.91
C ILE B 118 -7.29 -26.89 16.73
N ALA B 119 -6.34 -26.01 17.00
CA ALA B 119 -5.64 -25.26 15.95
C ALA B 119 -4.94 -26.17 14.94
N ALA B 120 -4.16 -27.14 15.42
CA ALA B 120 -3.47 -28.05 14.52
C ALA B 120 -4.47 -28.68 13.52
N LEU B 121 -5.55 -29.27 14.01
CA LEU B 121 -6.48 -29.86 13.08
C LEU B 121 -7.17 -28.83 12.15
N SER B 122 -7.31 -27.60 12.61
CA SER B 122 -8.16 -26.63 11.93
C SER B 122 -7.43 -25.72 10.97
N HIS B 123 -6.11 -25.70 11.07
CA HIS B 123 -5.30 -24.59 10.55
C HIS B 123 -5.26 -24.39 9.05
N ASP B 124 -5.69 -25.39 8.26
CA ASP B 124 -5.74 -25.25 6.79
C ASP B 124 -7.13 -25.45 6.18
N LEU B 125 -8.16 -25.44 7.02
CA LEU B 125 -9.54 -25.68 6.56
C LEU B 125 -9.88 -24.95 5.28
N ASP B 126 -10.51 -25.68 4.37
CA ASP B 126 -11.01 -25.09 3.11
C ASP B 126 -9.93 -24.54 2.18
N HIS B 127 -8.69 -25.02 2.35
CA HIS B 127 -7.60 -24.65 1.47
C HIS B 127 -7.93 -25.05 0.04
N ARG B 128 -7.59 -24.18 -0.91
CA ARG B 128 -7.91 -24.44 -2.32
C ARG B 128 -6.71 -24.92 -3.14
N GLY B 129 -5.60 -25.22 -2.48
CA GLY B 129 -4.39 -25.62 -3.16
C GLY B 129 -3.72 -24.45 -3.86
N VAL B 130 -3.74 -23.29 -3.21
CA VAL B 130 -3.19 -22.08 -3.82
C VAL B 130 -2.78 -21.10 -2.72
N ASN B 131 -1.70 -20.38 -2.94
CA ASN B 131 -1.11 -19.30 -2.09
C ASN B 131 -1.89 -18.08 -1.69
N ASN B 132 -1.32 -17.36 -0.73
CA ASN B 132 -1.76 -15.98 -0.51
C ASN B 132 -1.47 -15.13 -1.71
N SER B 133 -0.26 -15.28 -2.24
CA SER B 133 0.17 -14.51 -3.40
C SER B 133 -0.76 -14.70 -4.60
N TYR B 134 -1.15 -15.94 -4.90
CA TYR B 134 -2.05 -16.15 -6.02
C TYR B 134 -3.42 -15.52 -5.76
N ILE B 135 -3.93 -15.74 -4.55
CA ILE B 135 -5.23 -15.24 -4.15
C ILE B 135 -5.31 -13.72 -4.26
N GLN B 136 -4.21 -13.07 -3.89
CA GLN B 136 -4.04 -11.61 -3.98
C GLN B 136 -3.95 -11.11 -5.43
N ARG B 137 -3.12 -11.75 -6.24
CA ARG B 137 -3.00 -11.37 -7.66
C ARG B 137 -4.22 -11.62 -8.50
N SER B 138 -5.00 -12.65 -8.18
CA SER B 138 -6.15 -12.97 -9.00
C SER B 138 -7.35 -12.11 -8.59
N GLU B 139 -7.15 -11.27 -7.58
CA GLU B 139 -8.21 -10.38 -7.09
C GLU B 139 -9.43 -11.19 -6.52
N HIS B 140 -9.18 -12.32 -5.89
CA HIS B 140 -10.23 -13.13 -5.26
C HIS B 140 -10.96 -12.32 -4.17
N PRO B 141 -12.26 -12.63 -3.87
CA PRO B 141 -12.97 -11.89 -2.78
C PRO B 141 -12.28 -11.92 -1.41
N LEU B 142 -11.63 -13.04 -1.12
CA LEU B 142 -10.88 -13.19 0.10
C LEU B 142 -9.81 -12.12 0.27
N ALA B 143 -9.31 -11.57 -0.82
CA ALA B 143 -8.24 -10.58 -0.70
C ALA B 143 -8.76 -9.28 -0.07
N GLN B 144 -9.99 -8.94 -0.41
CA GLN B 144 -10.57 -7.71 0.03
C GLN B 144 -11.04 -7.82 1.48
N LEU B 145 -11.07 -9.04 2.00
CA LEU B 145 -11.73 -9.34 3.24
C LEU B 145 -10.82 -9.25 4.45
N TYR B 146 -9.56 -9.66 4.32
CA TYR B 146 -8.54 -9.57 5.40
C TYR B 146 -7.25 -8.87 4.95
N CYS B 147 -6.67 -8.08 5.83
CA CYS B 147 -5.55 -7.19 5.52
C CYS B 147 -4.14 -7.83 5.49
N HIS B 148 -3.98 -9.07 5.93
CA HIS B 148 -2.73 -9.80 5.69
C HIS B 148 -3.01 -11.28 5.95
N SER B 149 -2.15 -12.18 5.49
CA SER B 149 -2.41 -13.63 5.65
C SER B 149 -3.82 -14.00 5.24
N ILE B 150 -4.16 -13.76 3.99
CA ILE B 150 -5.50 -13.98 3.52
C ILE B 150 -5.99 -15.39 3.85
N MET B 151 -5.24 -16.41 3.44
CA MET B 151 -5.67 -17.79 3.69
C MET B 151 -5.84 -18.13 5.16
N GLU B 152 -4.85 -17.73 5.95
CA GLU B 152 -4.80 -18.08 7.36
C GLU B 152 -6.01 -17.47 8.08
N HIS B 153 -6.38 -16.25 7.74
CA HIS B 153 -7.58 -15.68 8.30
C HIS B 153 -8.85 -16.47 7.91
N HIS B 154 -8.93 -16.92 6.66
CA HIS B 154 -10.06 -17.69 6.22
C HIS B 154 -10.11 -18.99 7.02
N HIS B 155 -8.98 -19.66 7.17
CA HIS B 155 -8.92 -20.90 7.93
C HIS B 155 -9.49 -20.74 9.35
N PHE B 156 -9.08 -19.69 10.06
CA PHE B 156 -9.63 -19.41 11.40
C PHE B 156 -11.16 -19.20 11.38
N ASP B 157 -11.63 -18.46 10.38
CA ASP B 157 -13.03 -18.19 10.23
C ASP B 157 -13.86 -19.45 10.01
N GLN B 158 -13.30 -20.42 9.27
CA GLN B 158 -13.95 -21.70 9.07
C GLN B 158 -13.96 -22.47 10.39
N CYS B 159 -12.83 -22.45 11.10
CA CYS B 159 -12.70 -23.10 12.39
C CYS B 159 -13.70 -22.59 13.41
N LEU B 160 -13.79 -21.27 13.52
CA LEU B 160 -14.76 -20.61 14.39
C LEU B 160 -16.16 -20.98 14.03
N MET B 161 -16.39 -21.10 12.72
CA MET B 161 -17.70 -21.41 12.18
C MET B 161 -18.07 -22.81 12.58
N ILE B 162 -17.09 -23.73 12.57
CA ILE B 162 -17.36 -25.14 12.91
C ILE B 162 -17.52 -25.41 14.41
N LEU B 163 -16.69 -24.79 15.23
CA LEU B 163 -16.81 -24.88 16.68
C LEU B 163 -18.14 -24.38 17.16
N ASN B 164 -18.82 -23.54 16.38
CA ASN B 164 -20.05 -22.88 16.80
C ASN B 164 -21.32 -23.37 16.12
N SER B 165 -21.23 -24.40 15.29
CA SER B 165 -22.42 -24.94 14.66
C SER B 165 -23.05 -25.98 15.57
N PRO B 166 -24.40 -26.08 15.58
CA PRO B 166 -25.04 -26.94 16.59
C PRO B 166 -24.64 -28.41 16.48
N GLY B 167 -24.41 -29.06 17.61
CA GLY B 167 -24.00 -30.45 17.61
C GLY B 167 -22.49 -30.59 17.56
N ASN B 168 -21.76 -29.50 17.39
CA ASN B 168 -20.32 -29.57 17.24
C ASN B 168 -19.57 -28.79 18.28
N GLN B 169 -20.26 -28.30 19.31
CA GLN B 169 -19.65 -27.31 20.17
C GLN B 169 -18.80 -27.87 21.30
N ILE B 170 -17.57 -28.25 20.95
CA ILE B 170 -16.66 -28.92 21.87
C ILE B 170 -16.13 -27.98 22.96
N LEU B 171 -16.29 -26.67 22.77
CA LEU B 171 -15.82 -25.70 23.76
C LEU B 171 -16.91 -25.27 24.73
N SER B 172 -18.09 -25.88 24.64
CA SER B 172 -19.23 -25.42 25.44
C SER B 172 -19.09 -25.64 26.97
N GLY B 173 -18.10 -26.44 27.37
CA GLY B 173 -17.87 -26.70 28.79
C GLY B 173 -17.19 -25.53 29.47
N LEU B 174 -16.69 -24.59 28.66
CA LEU B 174 -15.86 -23.49 29.16
C LEU B 174 -16.70 -22.32 29.66
N SER B 175 -16.13 -21.49 30.54
CA SER B 175 -16.77 -20.25 30.95
C SER B 175 -16.55 -19.20 29.85
N ILE B 176 -17.42 -18.21 29.81
CA ILE B 176 -17.27 -17.09 28.88
C ILE B 176 -15.81 -16.55 28.88
N GLU B 177 -15.16 -16.46 30.03
CA GLU B 177 -13.75 -16.04 30.10
C GLU B 177 -12.75 -17.00 29.46
N GLU B 178 -12.90 -18.29 29.74
CA GLU B 178 -12.01 -19.32 29.18
C GLU B 178 -12.18 -19.46 27.67
N TYR B 179 -13.41 -19.32 27.22
CA TYR B 179 -13.70 -19.40 25.79
C TYR B 179 -12.97 -18.26 25.07
N LYS B 180 -13.13 -17.03 25.55
CA LYS B 180 -12.52 -15.92 24.85
C LYS B 180 -11.00 -16.09 24.76
N THR B 181 -10.41 -16.54 25.86
CA THR B 181 -8.98 -16.81 25.95
C THR B 181 -8.57 -17.89 24.95
N THR B 182 -9.37 -18.94 24.86
CA THR B 182 -9.00 -20.05 23.99
C THR B 182 -9.03 -19.62 22.50
N LEU B 183 -10.12 -18.97 22.09
CA LEU B 183 -10.21 -18.52 20.71
C LEU B 183 -9.04 -17.61 20.32
N LYS B 184 -8.67 -16.71 21.21
CA LYS B 184 -7.52 -15.84 21.01
C LYS B 184 -6.27 -16.68 20.74
N ILE B 185 -6.04 -17.75 21.50
CA ILE B 185 -4.85 -18.55 21.32
C ILE B 185 -5.00 -19.35 20.03
N ILE B 186 -6.23 -19.81 19.74
CA ILE B 186 -6.46 -20.51 18.46
C ILE B 186 -6.17 -19.63 17.27
N LYS B 187 -6.68 -18.41 17.27
CA LYS B 187 -6.39 -17.46 16.18
C LYS B 187 -4.88 -17.19 15.99
N GLN B 188 -4.16 -17.04 17.09
CA GLN B 188 -2.77 -16.70 16.96
C GLN B 188 -2.01 -17.90 16.42
N ALA B 189 -2.43 -19.09 16.85
CA ALA B 189 -1.79 -20.29 16.40
C ALA B 189 -2.03 -20.47 14.88
N ILE B 190 -3.25 -20.16 14.43
CA ILE B 190 -3.51 -20.40 13.01
C ILE B 190 -2.77 -19.36 12.18
N LEU B 191 -2.89 -18.10 12.55
CA LEU B 191 -2.15 -17.08 11.87
C LEU B 191 -0.67 -17.37 11.86
N ALA B 192 -0.16 -18.13 12.83
CA ALA B 192 1.28 -18.37 12.91
C ALA B 192 1.71 -19.33 11.84
N THR B 193 0.78 -20.07 11.23
CA THR B 193 1.16 -21.05 10.19
C THR B 193 1.31 -20.37 8.84
N ASP B 194 1.36 -19.03 8.85
CA ASP B 194 1.69 -18.28 7.66
C ASP B 194 3.20 -18.11 7.63
N LEU B 195 3.86 -18.79 6.69
CA LEU B 195 5.33 -18.79 6.62
C LEU B 195 5.96 -17.39 6.69
N ALA B 196 5.25 -16.40 6.14
CA ALA B 196 5.70 -15.01 6.18
C ALA B 196 5.86 -14.51 7.62
N LEU B 197 4.91 -14.83 8.47
CA LEU B 197 5.03 -14.46 9.89
C LEU B 197 6.07 -15.32 10.63
N TYR B 198 6.21 -16.60 10.24
CA TYR B 198 7.29 -17.38 10.85
C TYR B 198 8.61 -16.66 10.54
N ILE B 199 8.87 -16.41 9.25
CA ILE B 199 10.09 -15.76 8.85
C ILE B 199 10.27 -14.44 9.60
N LYS B 200 9.16 -13.75 9.84
CA LYS B 200 9.23 -12.43 10.45
C LYS B 200 9.62 -12.44 11.93
N ARG B 201 9.47 -13.57 12.61
CA ARG B 201 9.60 -13.59 14.08
C ARG B 201 10.68 -14.55 14.55
N ARG B 202 11.06 -15.50 13.69
CA ARG B 202 12.25 -16.35 13.85
C ARG B 202 13.37 -15.74 14.66
N GLY B 203 13.86 -14.61 14.18
CA GLY B 203 15.12 -14.09 14.66
C GLY B 203 15.06 -13.83 16.15
N GLU B 204 13.94 -13.25 16.62
CA GLU B 204 13.79 -12.94 18.01
C GLU B 204 13.93 -14.23 18.82
N PHE B 205 13.28 -15.28 18.35
CA PHE B 205 13.21 -16.58 19.02
C PHE B 205 14.60 -17.17 19.03
N PHE B 206 15.28 -17.12 17.90
CA PHE B 206 16.64 -17.63 17.82
C PHE B 206 17.66 -16.91 18.71
N GLU B 207 17.57 -15.59 18.81
CA GLU B 207 18.44 -14.86 19.73
C GLU B 207 18.16 -15.21 21.17
N LEU B 208 16.90 -15.41 21.54
CA LEU B 208 16.56 -15.76 22.92
C LEU B 208 17.17 -17.08 23.32
N ILE B 209 17.11 -18.06 22.42
CA ILE B 209 17.72 -19.34 22.63
C ILE B 209 19.25 -19.20 22.69
N ARG B 210 19.83 -18.60 21.64
CA ARG B 210 21.29 -18.40 21.51
C ARG B 210 21.91 -17.72 22.74
N LYS B 211 21.16 -16.86 23.43
CA LYS B 211 21.66 -16.14 24.59
C LYS B 211 21.19 -16.73 25.90
N ASN B 212 20.49 -17.86 25.84
CA ASN B 212 20.02 -18.60 27.02
C ASN B 212 19.02 -17.81 27.89
N GLN B 213 18.20 -17.01 27.22
CA GLN B 213 17.27 -16.09 27.89
C GLN B 213 15.83 -16.52 27.68
N PHE B 214 15.65 -17.73 27.15
CA PHE B 214 14.34 -18.24 26.91
C PHE B 214 13.66 -18.63 28.19
N ASN B 215 12.44 -18.16 28.37
CA ASN B 215 11.72 -18.37 29.59
C ASN B 215 10.19 -18.30 29.39
N LEU B 216 9.53 -19.44 29.52
CA LEU B 216 8.07 -19.55 29.34
C LEU B 216 7.23 -18.81 30.37
N GLU B 217 7.84 -18.30 31.42
CA GLU B 217 7.05 -17.59 32.43
C GLU B 217 6.56 -16.26 31.87
N ASP B 218 7.36 -15.69 30.95
CA ASP B 218 7.07 -14.39 30.34
C ASP B 218 6.02 -14.51 29.23
N PRO B 219 4.83 -13.86 29.41
CA PRO B 219 3.70 -13.91 28.45
C PRO B 219 4.08 -13.74 26.98
N HIS B 220 4.94 -12.81 26.68
CA HIS B 220 5.36 -12.60 25.30
C HIS B 220 6.11 -13.80 24.70
N GLN B 221 7.07 -14.34 25.45
CA GLN B 221 7.82 -15.50 24.99
C GLN B 221 6.96 -16.75 24.82
N LYS B 222 5.96 -16.90 25.68
CA LYS B 222 5.01 -18.02 25.56
C LYS B 222 4.30 -18.00 24.20
N GLU B 223 3.79 -16.83 23.85
CA GLU B 223 3.14 -16.60 22.56
C GLU B 223 4.07 -16.98 21.36
N LEU B 224 5.29 -16.46 21.42
CA LEU B 224 6.30 -16.72 20.41
C LEU B 224 6.59 -18.18 20.28
N PHE B 225 6.81 -18.85 21.40
CA PHE B 225 7.05 -20.27 21.36
C PHE B 225 5.92 -21.05 20.69
N LEU B 226 4.68 -20.67 20.96
CA LEU B 226 3.55 -21.39 20.42
C LEU B 226 3.49 -21.22 18.92
N ALA B 227 3.60 -20.00 18.48
CA ALA B 227 3.84 -19.76 17.06
C ALA B 227 4.94 -20.75 16.55
N MET B 228 6.13 -20.73 17.15
CA MET B 228 7.21 -21.59 16.64
C MET B 228 6.81 -23.07 16.64
N LEU B 229 6.12 -23.53 17.69
CA LEU B 229 5.62 -24.89 17.73
C LEU B 229 4.77 -25.20 16.50
N MET B 230 3.76 -24.38 16.27
CA MET B 230 2.88 -24.54 15.14
C MET B 230 3.68 -24.69 13.85
N THR B 231 4.67 -23.85 13.62
CA THR B 231 5.45 -24.01 12.36
C THR B 231 6.21 -25.40 12.34
N ALA B 232 6.71 -25.79 13.50
CA ALA B 232 7.43 -27.04 13.63
C ALA B 232 6.55 -28.20 13.21
N CYS B 233 5.28 -28.15 13.61
CA CYS B 233 4.31 -29.19 13.31
C CYS B 233 3.82 -29.15 11.86
N ASP B 234 3.60 -27.94 11.38
CA ASP B 234 3.14 -27.69 10.03
C ASP B 234 4.16 -28.24 9.04
N LEU B 235 5.44 -28.03 9.33
CA LEU B 235 6.50 -28.43 8.40
C LEU B 235 6.98 -29.84 8.62
N SER B 236 6.49 -30.50 9.66
CA SER B 236 6.96 -31.81 10.12
C SER B 236 7.11 -32.94 9.11
N ALA B 237 6.42 -32.88 7.98
CA ALA B 237 6.67 -33.88 6.92
C ALA B 237 8.14 -33.87 6.52
N ILE B 238 8.80 -32.73 6.67
CA ILE B 238 10.20 -32.66 6.35
C ILE B 238 11.09 -33.49 7.26
N THR B 239 10.55 -34.09 8.30
CA THR B 239 11.34 -34.82 9.30
C THR B 239 11.06 -36.33 9.32
N LYS B 240 10.28 -36.83 8.37
CA LYS B 240 9.79 -38.19 8.41
C LYS B 240 10.82 -39.07 7.76
N PRO B 241 10.74 -40.41 7.98
CA PRO B 241 11.60 -41.33 7.23
C PRO B 241 11.45 -41.12 5.71
N TRP B 242 12.48 -41.47 4.96
CA TRP B 242 12.57 -41.09 3.58
C TRP B 242 11.41 -41.58 2.68
N PRO B 243 10.99 -42.86 2.78
CA PRO B 243 9.91 -43.20 1.86
C PRO B 243 8.74 -42.23 2.01
N ILE B 244 8.39 -41.88 3.24
CA ILE B 244 7.33 -40.93 3.53
C ILE B 244 7.58 -39.51 2.98
N GLN B 245 8.72 -38.93 3.32
CA GLN B 245 9.03 -37.59 2.85
C GLN B 245 8.96 -37.48 1.34
N GLN B 246 9.55 -38.44 0.64
CA GLN B 246 9.63 -38.39 -0.82
C GLN B 246 8.26 -38.42 -1.46
N ARG B 247 7.35 -39.23 -0.90
CA ARG B 247 5.96 -39.30 -1.33
C ARG B 247 5.29 -37.93 -1.11
N ILE B 248 5.50 -37.39 0.07
CA ILE B 248 4.82 -36.18 0.46
C ILE B 248 5.34 -35.04 -0.39
N ALA B 249 6.61 -35.09 -0.75
CA ALA B 249 7.15 -34.02 -1.56
C ALA B 249 6.51 -33.98 -2.93
N GLU B 250 6.19 -35.15 -3.53
CA GLU B 250 5.54 -35.17 -4.85
C GLU B 250 4.16 -34.55 -4.77
N LEU B 251 3.49 -34.74 -3.62
CA LEU B 251 2.17 -34.20 -3.40
C LEU B 251 2.25 -32.68 -3.38
N VAL B 252 3.17 -32.14 -2.57
CA VAL B 252 3.44 -30.72 -2.55
C VAL B 252 3.78 -30.19 -3.93
N ALA B 253 4.68 -30.84 -4.65
CA ALA B 253 5.05 -30.40 -5.97
C ALA B 253 3.88 -30.39 -6.94
N THR B 254 3.04 -31.41 -6.88
CA THR B 254 1.83 -31.48 -7.70
C THR B 254 1.02 -30.19 -7.45
N GLU B 255 0.80 -29.88 -6.16
CA GLU B 255 0.02 -28.73 -5.79
C GLU B 255 0.63 -27.46 -6.37
N PHE B 256 1.96 -27.30 -6.25
CA PHE B 256 2.62 -26.15 -6.83
C PHE B 256 2.40 -26.08 -8.35
N TRP B 257 2.58 -27.22 -9.04
CA TRP B 257 2.40 -27.25 -10.49
C TRP B 257 0.99 -26.93 -10.92
N GLU B 258 -0.03 -27.39 -10.17
CA GLU B 258 -1.45 -27.11 -10.49
C GLU B 258 -1.80 -25.63 -10.33
N GLN B 259 -1.18 -24.98 -9.36
CA GLN B 259 -1.32 -23.56 -9.28
C GLN B 259 -0.59 -22.91 -10.45
N GLY B 260 0.50 -23.52 -10.91
CA GLY B 260 1.15 -23.03 -12.12
C GLY B 260 0.24 -23.05 -13.36
N ASP B 261 -0.55 -24.11 -13.51
CA ASP B 261 -1.48 -24.20 -14.61
C ASP B 261 -2.45 -23.05 -14.62
N LEU B 262 -2.87 -22.64 -13.41
CA LEU B 262 -3.78 -21.50 -13.23
C LEU B 262 -3.10 -20.17 -13.59
N GLU B 263 -1.94 -19.90 -12.96
CA GLU B 263 -1.18 -18.72 -13.32
C GLU B 263 -1.09 -18.57 -14.86
N ARG B 264 -0.83 -19.68 -15.57
CA ARG B 264 -0.90 -19.72 -17.04
C ARG B 264 -2.31 -19.44 -17.67
N THR B 265 -3.31 -20.26 -17.33
CA THR B 265 -4.74 -20.07 -17.73
C THR B 265 -5.33 -18.70 -17.41
N VAL B 266 -5.43 -18.35 -16.11
CA VAL B 266 -6.27 -17.23 -15.68
C VAL B 266 -5.56 -15.86 -15.58
N LEU B 267 -4.29 -15.85 -15.20
CA LEU B 267 -3.54 -14.60 -15.01
C LEU B 267 -2.55 -14.38 -16.13
N GLN B 268 -2.72 -15.15 -17.22
CA GLN B 268 -1.78 -15.16 -18.33
C GLN B 268 -0.36 -14.73 -17.88
N GLN B 269 0.33 -15.63 -17.18
CA GLN B 269 1.69 -15.34 -16.72
C GLN B 269 2.72 -16.48 -16.95
N GLN B 270 4.00 -16.13 -17.01
CA GLN B 270 5.04 -17.15 -17.01
C GLN B 270 5.33 -17.64 -15.55
N PRO B 271 4.84 -18.84 -15.18
CA PRO B 271 5.03 -19.40 -13.84
C PRO B 271 6.49 -19.68 -13.53
N ILE B 272 6.97 -19.21 -12.38
CA ILE B 272 8.37 -19.41 -12.04
C ILE B 272 8.68 -20.91 -11.93
N PRO B 273 9.94 -21.33 -12.16
CA PRO B 273 10.27 -22.76 -12.25
C PRO B 273 9.58 -23.69 -11.24
N MET B 274 9.59 -23.37 -9.95
CA MET B 274 8.90 -24.19 -8.92
C MET B 274 7.44 -24.53 -9.23
N MET B 275 6.79 -23.72 -10.05
CA MET B 275 5.34 -23.83 -10.29
C MET B 275 5.04 -24.35 -11.66
N ASP B 276 6.10 -24.59 -12.43
CA ASP B 276 6.01 -24.98 -13.82
C ASP B 276 6.19 -26.49 -13.96
N ARG B 277 5.26 -27.12 -14.66
CA ARG B 277 5.33 -28.55 -14.92
C ARG B 277 6.39 -28.92 -15.95
N ASN B 278 6.75 -27.95 -16.80
CA ASN B 278 7.78 -28.17 -17.83
C ASN B 278 9.19 -28.26 -17.28
N LYS B 279 9.33 -27.93 -15.98
CA LYS B 279 10.62 -28.05 -15.29
C LYS B 279 10.54 -29.10 -14.20
N ARG B 280 10.69 -30.37 -14.57
CA ARG B 280 10.55 -31.46 -13.59
C ARG B 280 11.78 -31.48 -12.67
N ASP B 281 12.83 -32.16 -13.11
CA ASP B 281 14.15 -32.14 -12.51
C ASP B 281 14.61 -30.82 -11.83
N GLU B 282 13.93 -30.43 -10.73
CA GLU B 282 14.24 -29.18 -9.99
C GLU B 282 14.05 -29.35 -8.48
N LEU B 283 13.26 -30.35 -8.09
CA LEU B 283 12.98 -30.62 -6.68
C LEU B 283 14.21 -30.74 -5.80
N PRO B 284 15.22 -31.51 -6.22
CA PRO B 284 16.23 -31.77 -5.22
C PRO B 284 16.88 -30.50 -4.68
N LYS B 285 17.37 -29.60 -5.54
CA LYS B 285 18.02 -28.44 -4.99
C LYS B 285 17.01 -27.52 -4.33
N LEU B 286 15.77 -27.57 -4.78
CA LEU B 286 14.77 -26.75 -4.11
C LEU B 286 14.46 -27.20 -2.68
N GLN B 287 14.37 -28.51 -2.47
CA GLN B 287 14.13 -29.07 -1.14
C GLN B 287 15.28 -28.83 -0.20
N VAL B 288 16.49 -28.98 -0.71
CA VAL B 288 17.68 -28.69 0.09
C VAL B 288 17.64 -27.21 0.56
N GLY B 289 17.51 -26.30 -0.40
CA GLY B 289 17.31 -24.89 -0.10
C GLY B 289 16.23 -24.67 0.93
N PHE B 290 15.08 -25.33 0.76
CA PHE B 290 13.98 -25.26 1.70
C PHE B 290 14.44 -25.65 3.08
N ILE B 291 15.07 -26.81 3.19
CA ILE B 291 15.50 -27.32 4.49
C ILE B 291 16.46 -26.33 5.15
N ASP B 292 17.50 -25.92 4.43
CA ASP B 292 18.50 -25.01 4.97
C ASP B 292 17.93 -23.69 5.47
N PHE B 293 17.11 -23.03 4.65
CA PHE B 293 16.67 -21.69 4.96
C PHE B 293 15.57 -21.68 5.98
N VAL B 294 14.71 -22.70 5.97
CA VAL B 294 13.51 -22.67 6.81
C VAL B 294 13.50 -23.66 7.97
N CYS B 295 13.73 -24.95 7.68
CA CYS B 295 13.52 -26.02 8.66
C CYS B 295 14.62 -26.21 9.70
N THR B 296 15.87 -26.47 9.27
CA THR B 296 16.85 -26.97 10.22
C THR B 296 17.02 -26.10 11.44
N GLN B 297 17.07 -24.79 11.22
CA GLN B 297 17.32 -23.85 12.32
C GLN B 297 16.23 -23.91 13.35
N LEU B 298 15.00 -24.23 12.91
CA LEU B 298 13.82 -24.23 13.76
C LEU B 298 13.82 -25.44 14.66
N TYR B 299 14.04 -26.62 14.07
CA TYR B 299 14.10 -27.85 14.83
C TYR B 299 15.33 -27.89 15.74
N GLU B 300 16.43 -27.26 15.33
CA GLU B 300 17.58 -27.07 16.23
C GLU B 300 17.17 -26.28 17.49
N ALA B 301 16.32 -25.27 17.32
CA ALA B 301 15.84 -24.48 18.45
C ALA B 301 14.84 -25.23 19.36
N LEU B 302 13.89 -25.94 18.74
CA LEU B 302 12.96 -26.70 19.51
C LEU B 302 13.72 -27.71 20.37
N THR B 303 14.85 -28.17 19.85
CA THR B 303 15.68 -29.14 20.54
C THR B 303 16.34 -28.53 21.76
N HIS B 304 16.63 -27.25 21.70
CA HIS B 304 17.09 -26.58 22.91
C HIS B 304 15.98 -26.45 23.95
N VAL B 305 14.76 -26.19 23.51
CA VAL B 305 13.67 -26.07 24.45
C VAL B 305 13.42 -27.42 25.13
N SER B 306 13.59 -28.51 24.37
CA SER B 306 13.30 -29.84 24.87
C SER B 306 14.16 -30.86 24.18
N GLU B 307 15.15 -31.35 24.91
CA GLU B 307 16.05 -32.42 24.49
C GLU B 307 15.34 -33.56 23.75
N ASP B 308 14.14 -33.92 24.20
CA ASP B 308 13.46 -35.10 23.67
C ASP B 308 12.82 -34.92 22.29
N CYS B 309 12.90 -33.70 21.78
CA CYS B 309 12.47 -33.37 20.42
C CYS B 309 13.55 -33.56 19.32
N PHE B 310 14.71 -34.06 19.73
CA PHE B 310 15.79 -34.36 18.80
C PHE B 310 15.38 -35.20 17.58
N PRO B 311 14.51 -36.22 17.75
CA PRO B 311 14.19 -37.04 16.59
C PRO B 311 13.64 -36.25 15.42
N LEU B 312 12.98 -35.14 15.69
CA LEU B 312 12.61 -34.18 14.63
C LEU B 312 13.83 -33.60 13.88
N LEU B 313 14.82 -33.09 14.61
CA LEU B 313 16.03 -32.55 13.96
C LEU B 313 16.83 -33.62 13.17
N ASP B 314 16.99 -34.78 13.80
CA ASP B 314 17.65 -35.94 13.23
C ASP B 314 17.02 -36.26 11.87
N GLY B 315 15.69 -36.41 11.86
CA GLY B 315 14.96 -36.75 10.65
C GLY B 315 15.15 -35.71 9.56
N CYS B 316 15.14 -34.45 9.96
CA CYS B 316 15.34 -33.36 9.04
C CYS B 316 16.74 -33.43 8.42
N ARG B 317 17.76 -33.66 9.24
CA ARG B 317 19.11 -33.75 8.71
C ARG B 317 19.26 -34.93 7.78
N LYS B 318 18.68 -36.07 8.13
CA LYS B 318 18.76 -37.27 7.29
C LYS B 318 18.13 -36.98 5.95
N ASN B 319 17.00 -36.30 5.94
CA ASN B 319 16.35 -35.96 4.69
C ASN B 319 17.14 -34.98 3.85
N ARG B 320 17.93 -34.13 4.52
CA ARG B 320 18.80 -33.21 3.77
C ARG B 320 19.90 -33.98 2.99
N GLN B 321 20.53 -34.99 3.63
CA GLN B 321 21.56 -35.83 2.99
C GLN B 321 20.97 -36.53 1.76
N LYS B 322 19.75 -37.03 1.88
CA LYS B 322 19.09 -37.74 0.81
C LYS B 322 18.79 -36.84 -0.37
N TRP B 323 18.22 -35.67 -0.10
CA TRP B 323 17.93 -34.72 -1.17
C TRP B 323 19.23 -34.25 -1.83
N GLN B 324 20.24 -33.92 -1.03
CA GLN B 324 21.52 -33.48 -1.59
C GLN B 324 22.19 -34.54 -2.48
N ALA B 325 21.98 -35.81 -2.17
CA ALA B 325 22.52 -36.88 -2.98
C ALA B 325 21.86 -36.88 -4.35
N LEU B 326 20.53 -36.66 -4.39
CA LEU B 326 19.84 -36.54 -5.68
C LEU B 326 20.19 -35.26 -6.44
N ALA B 327 20.46 -34.18 -5.71
CA ALA B 327 20.83 -32.91 -6.34
C ALA B 327 22.13 -33.01 -7.13
N GLU B 328 22.87 -34.10 -6.94
CA GLU B 328 24.05 -34.39 -7.77
C GLU B 328 23.85 -35.67 -8.61
N GLN B 329 22.58 -36.13 -8.63
CA GLN B 329 22.09 -37.28 -9.44
C GLN B 329 22.33 -38.69 -8.85
N HIS C 3 23.14 -3.85 31.49
CA HIS C 3 23.01 -2.37 31.55
C HIS C 3 24.26 -1.87 32.22
N MET C 4 24.91 -0.88 31.61
CA MET C 4 26.22 -0.38 32.07
C MET C 4 27.37 -0.97 31.25
N GLU C 5 27.11 -2.12 30.65
CA GLU C 5 28.09 -2.79 29.79
C GLU C 5 28.63 -1.84 28.69
N GLU C 6 27.97 -0.70 28.50
CA GLU C 6 28.42 0.31 27.54
C GLU C 6 28.71 1.68 28.18
N THR C 7 28.86 1.71 29.50
CA THR C 7 29.46 2.86 30.18
C THR C 7 30.94 2.59 30.35
N ARG C 8 31.34 1.32 30.27
CA ARG C 8 32.73 0.93 30.35
C ARG C 8 33.46 1.13 29.02
N GLU C 9 32.79 0.84 27.90
CA GLU C 9 33.40 1.07 26.59
C GLU C 9 33.63 2.57 26.37
N LEU C 10 32.69 3.38 26.87
CA LEU C 10 32.80 4.85 26.83
C LEU C 10 33.96 5.40 27.65
N GLN C 11 34.14 4.90 28.88
CA GLN C 11 35.29 5.30 29.68
C GLN C 11 36.63 4.81 29.10
N SER C 12 36.64 3.61 28.53
CA SER C 12 37.79 3.10 27.76
C SER C 12 38.20 4.05 26.63
N LEU C 13 37.22 4.53 25.87
CA LEU C 13 37.47 5.34 24.70
C LEU C 13 37.84 6.79 25.01
N ALA C 14 37.19 7.39 26.00
CA ALA C 14 37.48 8.77 26.39
C ALA C 14 38.86 8.95 27.00
N ALA C 15 39.36 7.91 27.64
CA ALA C 15 40.65 7.93 28.33
C ALA C 15 41.82 7.61 27.41
N ALA C 16 41.57 6.84 26.33
CA ALA C 16 42.64 6.36 25.44
C ALA C 16 43.36 7.48 24.69
N VAL C 17 44.62 7.22 24.35
CA VAL C 17 45.39 8.11 23.51
C VAL C 17 44.99 7.86 22.08
N VAL C 18 44.77 8.94 21.33
CA VAL C 18 44.44 8.82 19.90
C VAL C 18 45.71 8.90 19.07
N PRO C 19 46.11 7.78 18.41
CA PRO C 19 47.27 7.83 17.52
C PRO C 19 47.10 8.80 16.36
N SER C 20 48.21 9.22 15.74
CA SER C 20 48.17 10.16 14.62
C SER C 20 47.56 9.52 13.38
N ALA C 21 47.19 10.36 12.43
CA ALA C 21 46.61 9.88 11.18
C ALA C 21 47.60 8.98 10.45
N GLN C 22 48.88 9.36 10.50
CA GLN C 22 49.91 8.59 9.83
C GLN C 22 50.07 7.19 10.45
N THR C 23 50.13 7.14 11.78
CA THR C 23 50.31 5.88 12.50
C THR C 23 49.17 4.91 12.19
N LEU C 24 47.95 5.43 12.09
CA LEU C 24 46.75 4.60 11.87
C LEU C 24 46.53 4.22 10.41
N LYS C 25 47.31 4.81 9.50
CA LYS C 25 47.23 4.48 8.07
C LYS C 25 45.95 4.98 7.37
N ILE C 26 45.23 5.92 7.97
CA ILE C 26 43.90 6.29 7.46
C ILE C 26 43.91 7.28 6.30
N THR C 27 45.10 7.73 5.91
CA THR C 27 45.27 8.58 4.73
C THR C 27 45.54 7.73 3.46
N ASP C 28 45.72 6.41 3.65
CA ASP C 28 45.97 5.49 2.53
C ASP C 28 44.64 5.12 1.88
N PHE C 29 44.60 5.19 0.55
CA PHE C 29 43.41 4.75 -0.16
C PHE C 29 43.32 3.23 -0.07
N SER C 30 44.45 2.64 0.32
CA SER C 30 44.54 1.20 0.50
C SER C 30 44.18 0.67 1.90
N PHE C 31 43.73 1.56 2.79
CA PHE C 31 43.45 1.21 4.18
C PHE C 31 42.57 -0.02 4.35
N SER C 32 42.92 -0.86 5.33
CA SER C 32 42.16 -2.06 5.65
C SER C 32 41.72 -2.01 7.11
N ASP C 33 40.46 -2.34 7.37
CA ASP C 33 39.92 -2.38 8.73
C ASP C 33 40.11 -3.78 9.36
N PHE C 34 40.33 -4.76 8.49
CA PHE C 34 40.18 -6.16 8.85
C PHE C 34 40.84 -6.58 10.18
N GLU C 35 42.00 -6.04 10.52
CA GLU C 35 42.65 -6.48 11.74
C GLU C 35 42.61 -5.45 12.86
N LEU C 36 41.63 -4.55 12.82
CA LEU C 36 41.44 -3.57 13.88
C LEU C 36 40.30 -4.03 14.76
N SER C 37 40.43 -3.82 16.07
CA SER C 37 39.33 -4.08 17.00
C SER C 37 38.25 -3.01 16.88
N ASP C 38 37.06 -3.32 17.39
CA ASP C 38 35.98 -2.34 17.51
C ASP C 38 36.45 -1.04 18.16
N LEU C 39 37.10 -1.15 19.31
CA LEU C 39 37.71 0.00 19.98
C LEU C 39 38.67 0.81 19.07
N GLU C 40 39.56 0.14 18.34
CA GLU C 40 40.47 0.85 17.45
C GLU C 40 39.77 1.66 16.35
N THR C 41 38.67 1.12 15.80
CA THR C 41 37.90 1.85 14.79
C THR C 41 37.33 3.16 15.34
N ALA C 42 36.76 3.12 16.55
CA ALA C 42 36.32 4.33 17.22
C ALA C 42 37.45 5.35 17.37
N LEU C 43 38.63 4.88 17.80
CA LEU C 43 39.82 5.73 17.85
C LEU C 43 40.16 6.38 16.50
N CYS C 44 40.11 5.60 15.43
CA CYS C 44 40.31 6.13 14.07
C CYS C 44 39.33 7.25 13.76
N THR C 45 38.06 7.00 14.06
CA THR C 45 37.00 7.96 13.79
C THR C 45 37.25 9.30 14.50
N ILE C 46 37.61 9.25 15.79
CA ILE C 46 37.99 10.46 16.53
C ILE C 46 39.10 11.18 15.79
N ARG C 47 40.11 10.44 15.34
CA ARG C 47 41.21 11.08 14.61
C ARG C 47 40.71 11.79 13.34
N MET C 48 39.86 11.10 12.57
CA MET C 48 39.23 11.68 11.39
C MET C 48 38.55 13.03 11.65
N PHE C 49 37.74 13.10 12.71
CA PHE C 49 37.12 14.35 13.12
C PHE C 49 38.13 15.40 13.53
N THR C 50 39.22 14.97 14.14
CA THR C 50 40.23 15.92 14.63
C THR C 50 41.03 16.51 13.48
N ASP C 51 41.58 15.65 12.62
CA ASP C 51 42.41 16.10 11.51
C ASP C 51 41.73 16.85 10.37
N LEU C 52 40.41 16.79 10.32
CA LEU C 52 39.68 17.64 9.38
C LEU C 52 39.29 18.96 10.06
N ASN C 53 39.89 19.19 11.24
CA ASN C 53 39.63 20.37 12.09
C ASN C 53 38.19 20.56 12.55
N LEU C 54 37.43 19.46 12.64
CA LEU C 54 36.02 19.54 12.99
C LEU C 54 35.77 19.67 14.49
N VAL C 55 36.65 19.11 15.33
CA VAL C 55 36.53 19.28 16.78
C VAL C 55 36.83 20.74 17.17
N GLN C 56 37.91 21.29 16.61
CA GLN C 56 38.31 22.67 16.91
C GLN C 56 37.28 23.68 16.45
N ASN C 57 36.92 23.60 15.15
CA ASN C 57 36.02 24.58 14.52
C ASN C 57 34.60 24.62 15.05
N PHE C 58 34.18 23.56 15.74
CA PHE C 58 32.77 23.45 16.12
C PHE C 58 32.53 23.15 17.60
N GLN C 59 33.57 23.32 18.42
CA GLN C 59 33.49 23.20 19.88
C GLN C 59 32.97 21.87 20.40
N MET C 60 33.36 20.78 19.76
CA MET C 60 32.91 19.47 20.22
C MET C 60 33.65 19.07 21.49
N LYS C 61 32.89 18.73 22.52
CA LYS C 61 33.45 18.17 23.74
C LYS C 61 33.93 16.74 23.42
N HIS C 62 35.05 16.35 24.00
CA HIS C 62 35.59 15.01 23.76
C HIS C 62 34.62 13.90 24.15
N GLU C 63 34.07 13.99 25.37
CA GLU C 63 33.10 13.04 25.91
C GLU C 63 31.89 12.91 25.01
N VAL C 64 31.44 14.04 24.44
CA VAL C 64 30.28 14.02 23.58
C VAL C 64 30.54 13.32 22.26
N LEU C 65 31.67 13.60 21.62
CA LEU C 65 31.99 12.94 20.35
C LEU C 65 32.11 11.44 20.52
N CYS C 66 32.71 11.01 21.63
CA CYS C 66 32.88 9.59 21.93
C CYS C 66 31.54 8.88 22.04
N ARG C 67 30.67 9.49 22.84
CA ARG C 67 29.32 8.96 23.02
C ARG C 67 28.55 8.92 21.68
N TRP C 68 28.71 9.93 20.84
CA TRP C 68 28.10 9.89 19.54
C TRP C 68 28.61 8.73 18.69
N ILE C 69 29.94 8.65 18.57
CA ILE C 69 30.60 7.60 17.82
C ILE C 69 30.11 6.22 18.25
N LEU C 70 30.02 6.01 19.56
CA LEU C 70 29.57 4.72 20.09
C LEU C 70 28.09 4.46 19.88
N SER C 71 27.30 5.52 19.90
CA SER C 71 25.89 5.45 19.56
C SER C 71 25.65 4.99 18.13
N VAL C 72 26.40 5.59 17.21
CA VAL C 72 26.35 5.17 15.80
C VAL C 72 26.74 3.68 15.63
N LYS C 73 27.96 3.33 16.03
CA LYS C 73 28.42 1.94 16.00
C LYS C 73 27.36 0.96 16.53
N LYS C 74 26.71 1.34 17.63
CA LYS C 74 25.75 0.44 18.25
C LYS C 74 24.42 0.31 17.45
N ASN C 75 24.11 1.29 16.60
CA ASN C 75 22.88 1.22 15.80
C ASN C 75 23.03 0.54 14.43
N TYR C 76 24.22 0.01 14.15
CA TYR C 76 24.39 -0.88 13.03
C TYR C 76 24.12 -2.28 13.57
N ARG C 77 23.70 -3.22 12.72
CA ARG C 77 23.45 -4.57 13.16
C ARG C 77 24.59 -5.50 12.83
N LYS C 78 25.31 -5.94 13.86
CA LYS C 78 26.39 -6.93 13.72
C LYS C 78 26.01 -8.19 12.93
N ASN C 79 24.78 -8.69 13.08
CA ASN C 79 24.38 -9.92 12.42
C ASN C 79 24.20 -9.76 10.91
N VAL C 80 24.23 -8.51 10.42
CA VAL C 80 24.05 -8.25 8.98
C VAL C 80 25.41 -8.39 8.28
N ALA C 81 25.47 -9.18 7.21
CA ALA C 81 26.77 -9.65 6.69
C ALA C 81 27.74 -8.54 6.30
N TYR C 82 27.23 -7.54 5.58
CA TYR C 82 28.07 -6.52 5.02
C TYR C 82 27.70 -5.12 5.48
N HIS C 83 26.42 -4.79 5.42
CA HIS C 83 25.95 -3.44 5.76
C HIS C 83 25.92 -3.18 7.25
N ASN C 84 27.08 -3.33 7.89
CA ASN C 84 27.21 -3.14 9.33
C ASN C 84 28.23 -2.04 9.65
N TRP C 85 28.63 -1.92 10.91
CA TRP C 85 29.56 -0.86 11.29
C TRP C 85 30.84 -0.81 10.48
N ARG C 86 31.45 -1.95 10.16
CA ARG C 86 32.68 -1.94 9.33
C ARG C 86 32.51 -1.18 7.99
N HIS C 87 31.43 -1.49 7.25
CA HIS C 87 31.09 -0.73 6.02
C HIS C 87 30.96 0.79 6.26
N ALA C 88 30.23 1.19 7.30
CA ALA C 88 30.05 2.61 7.59
C ALA C 88 31.38 3.27 7.91
N PHE C 89 32.19 2.58 8.73
CA PHE C 89 33.56 3.06 9.05
C PHE C 89 34.47 3.16 7.81
N ASN C 90 34.51 2.13 6.96
CA ASN C 90 35.33 2.18 5.75
C ASN C 90 34.90 3.31 4.82
N THR C 91 33.59 3.48 4.66
CA THR C 91 33.03 4.56 3.85
C THR C 91 33.56 5.88 4.35
N ALA C 92 33.57 6.06 5.67
CA ALA C 92 34.07 7.30 6.25
C ALA C 92 35.58 7.48 6.00
N GLN C 93 36.32 6.38 6.07
CA GLN C 93 37.76 6.45 5.87
C GLN C 93 38.09 6.79 4.40
N CYS C 94 37.29 6.28 3.48
CA CYS C 94 37.47 6.66 2.07
C CYS C 94 37.18 8.15 1.83
N MET C 95 36.15 8.67 2.51
CA MET C 95 35.86 10.08 2.50
C MET C 95 37.04 10.84 3.06
N PHE C 96 37.57 10.37 4.19
CA PHE C 96 38.70 11.03 4.81
C PHE C 96 39.92 11.03 3.90
N ALA C 97 40.19 9.93 3.21
CA ALA C 97 41.32 9.88 2.28
C ALA C 97 41.04 10.73 1.03
N ALA C 98 39.80 10.75 0.58
CA ALA C 98 39.44 11.55 -0.58
C ALA C 98 39.66 13.01 -0.28
N LEU C 99 39.37 13.41 0.96
CA LEU C 99 39.55 14.80 1.35
C LEU C 99 41.04 15.15 1.53
N LYS C 100 41.79 14.26 2.15
CA LYS C 100 43.18 14.54 2.49
C LYS C 100 44.14 14.21 1.35
N ALA C 101 44.38 12.92 1.11
CA ALA C 101 45.26 12.46 0.03
C ALA C 101 44.76 12.86 -1.36
N GLY C 102 43.43 12.90 -1.52
CA GLY C 102 42.82 13.18 -2.81
C GLY C 102 42.65 14.67 -3.02
N LYS C 103 42.92 15.44 -1.97
CA LYS C 103 42.87 16.90 -2.02
C LYS C 103 41.51 17.52 -2.37
N ILE C 104 40.42 16.87 -2.00
CA ILE C 104 39.10 17.47 -2.22
C ILE C 104 38.82 18.55 -1.16
N GLN C 105 39.40 18.36 0.02
CA GLN C 105 39.19 19.24 1.19
C GLN C 105 39.06 20.73 0.89
N ASN C 106 40.04 21.31 0.20
CA ASN C 106 39.97 22.75 0.00
C ASN C 106 39.15 23.16 -1.23
N LYS C 107 38.20 22.31 -1.61
CA LYS C 107 37.21 22.65 -2.63
C LYS C 107 35.87 22.87 -1.96
N LEU C 108 35.81 22.54 -0.68
CA LEU C 108 34.60 22.53 0.11
C LEU C 108 34.73 23.42 1.35
N THR C 109 33.60 23.92 1.85
CA THR C 109 33.54 24.63 3.12
C THR C 109 33.60 23.65 4.30
N ASP C 110 33.93 24.16 5.49
CA ASP C 110 33.92 23.34 6.71
C ASP C 110 32.56 22.73 7.04
N LEU C 111 31.48 23.47 6.78
CA LEU C 111 30.14 22.96 7.00
C LEU C 111 29.82 21.70 6.15
N GLU C 112 30.32 21.68 4.90
CA GLU C 112 30.13 20.59 3.95
C GLU C 112 30.93 19.39 4.37
N ILE C 113 32.17 19.62 4.80
CA ILE C 113 33.03 18.55 5.29
C ILE C 113 32.47 17.90 6.54
N LEU C 114 31.96 18.72 7.46
CA LEU C 114 31.31 18.21 8.66
C LEU C 114 30.13 17.32 8.29
N ALA C 115 29.31 17.82 7.36
CA ALA C 115 28.14 17.10 6.89
C ALA C 115 28.53 15.77 6.25
N LEU C 116 29.52 15.82 5.36
CA LEU C 116 29.95 14.61 4.65
C LEU C 116 30.44 13.51 5.59
N LEU C 117 31.24 13.89 6.57
CA LEU C 117 31.79 12.88 7.43
C LEU C 117 30.68 12.27 8.29
N ILE C 118 29.83 13.13 8.85
CA ILE C 118 28.70 12.64 9.64
C ILE C 118 27.89 11.71 8.76
N ALA C 119 27.53 12.17 7.57
CA ALA C 119 26.77 11.36 6.61
C ALA C 119 27.46 10.06 6.26
N ALA C 120 28.76 10.09 5.99
CA ALA C 120 29.45 8.83 5.71
C ALA C 120 29.23 7.80 6.82
N LEU C 121 29.42 8.20 8.08
CA LEU C 121 29.27 7.25 9.18
C LEU C 121 27.83 6.80 9.42
N SER C 122 26.88 7.65 9.05
CA SER C 122 25.47 7.44 9.38
C SER C 122 24.65 6.77 8.29
N HIS C 123 25.19 6.76 7.09
CA HIS C 123 24.40 6.57 5.86
C HIS C 123 23.68 5.23 5.72
N ASP C 124 24.03 4.25 6.56
CA ASP C 124 23.39 2.94 6.45
C ASP C 124 22.83 2.46 7.79
N LEU C 125 22.73 3.36 8.75
CA LEU C 125 22.20 3.04 10.08
C LEU C 125 20.94 2.15 10.07
N ASP C 126 21.00 1.08 10.87
CA ASP C 126 19.89 0.15 11.10
C ASP C 126 19.52 -0.68 9.86
N HIS C 127 20.46 -0.81 8.94
CA HIS C 127 20.21 -1.58 7.73
C HIS C 127 19.82 -3.02 8.08
N ARG C 128 18.89 -3.61 7.35
CA ARG C 128 18.46 -4.98 7.73
C ARG C 128 19.04 -6.10 6.86
N GLY C 129 19.96 -5.71 5.98
CA GLY C 129 20.53 -6.58 4.98
C GLY C 129 19.56 -6.89 3.87
N VAL C 130 18.75 -5.91 3.49
CA VAL C 130 17.77 -6.15 2.46
C VAL C 130 17.52 -4.84 1.73
N ASN C 131 17.31 -4.90 0.41
CA ASN C 131 16.86 -3.80 -0.50
C ASN C 131 15.63 -2.94 -0.23
N ASN C 132 15.55 -1.82 -0.94
CA ASN C 132 14.28 -1.13 -1.07
C ASN C 132 13.23 -2.01 -1.73
N SER C 133 13.65 -2.67 -2.80
CA SER C 133 12.74 -3.53 -3.57
C SER C 133 12.06 -4.56 -2.63
N TYR C 134 12.86 -5.28 -1.85
CA TYR C 134 12.31 -6.23 -0.89
C TYR C 134 11.49 -5.54 0.15
N ILE C 135 11.89 -4.36 0.56
CA ILE C 135 11.09 -3.67 1.58
C ILE C 135 9.70 -3.19 1.07
N GLN C 136 9.61 -2.62 -0.14
CA GLN C 136 8.29 -2.28 -0.72
C GLN C 136 7.40 -3.52 -0.89
N ARG C 137 7.96 -4.54 -1.53
CA ARG C 137 7.18 -5.64 -1.98
C ARG C 137 6.76 -6.50 -0.79
N SER C 138 7.58 -6.62 0.25
CA SER C 138 7.15 -7.48 1.36
C SER C 138 6.27 -6.71 2.34
N GLU C 139 5.74 -5.59 1.87
CA GLU C 139 4.97 -4.62 2.66
C GLU C 139 5.37 -4.58 4.15
N HIS C 140 6.66 -4.39 4.40
CA HIS C 140 7.23 -4.12 5.72
C HIS C 140 6.53 -2.96 6.49
N PRO C 141 6.79 -2.80 7.80
CA PRO C 141 6.29 -1.51 8.34
C PRO C 141 6.95 -0.27 7.68
N LEU C 142 8.28 -0.33 7.49
CA LEU C 142 9.09 0.80 7.04
C LEU C 142 8.53 1.31 5.72
N ALA C 143 8.06 0.37 4.90
CA ALA C 143 7.52 0.66 3.57
C ALA C 143 6.36 1.65 3.60
N GLN C 144 5.79 1.82 4.81
CA GLN C 144 4.57 2.60 5.09
C GLN C 144 4.81 4.09 5.40
N LEU C 145 5.91 4.34 6.13
CA LEU C 145 6.37 5.69 6.51
C LEU C 145 6.86 6.48 5.31
N TYR C 146 7.82 5.93 4.60
CA TYR C 146 8.42 6.61 3.46
C TYR C 146 8.03 5.84 2.19
N CYS C 147 7.78 6.54 1.11
CA CYS C 147 7.42 5.80 -0.12
C CYS C 147 8.36 6.01 -1.31
N HIS C 148 9.59 6.38 -1.02
CA HIS C 148 10.67 6.43 -2.00
C HIS C 148 12.03 6.53 -1.28
N SER C 149 13.07 5.96 -1.89
CA SER C 149 14.29 5.61 -1.12
C SER C 149 13.93 5.21 0.32
N ILE C 150 13.13 4.17 0.48
CA ILE C 150 12.64 3.83 1.81
C ILE C 150 13.78 3.69 2.82
N MET C 151 14.73 2.80 2.58
CA MET C 151 15.87 2.63 3.47
C MET C 151 16.67 3.89 3.76
N GLU C 152 16.94 4.66 2.72
CA GLU C 152 17.80 5.81 2.85
C GLU C 152 17.14 6.86 3.71
N HIS C 153 15.81 7.01 3.55
CA HIS C 153 15.06 7.92 4.44
C HIS C 153 15.12 7.42 5.88
N HIS C 154 14.96 6.11 6.08
CA HIS C 154 15.08 5.52 7.41
C HIS C 154 16.45 5.78 8.02
N HIS C 155 17.52 5.56 7.24
CA HIS C 155 18.88 5.86 7.73
C HIS C 155 18.97 7.31 8.23
N PHE C 156 18.49 8.28 7.43
CA PHE C 156 18.60 9.69 7.86
C PHE C 156 17.83 9.91 9.16
N ASP C 157 16.67 9.27 9.29
CA ASP C 157 15.88 9.39 10.51
C ASP C 157 16.59 8.89 11.76
N GLN C 158 17.39 7.84 11.59
CA GLN C 158 18.17 7.27 12.69
C GLN C 158 19.30 8.21 13.05
N CYS C 159 19.86 8.83 12.03
CA CYS C 159 20.99 9.72 12.20
C CYS C 159 20.59 10.95 12.98
N LEU C 160 19.45 11.52 12.59
CA LEU C 160 18.92 12.72 13.19
C LEU C 160 18.56 12.40 14.64
N MET C 161 18.09 11.18 14.83
CA MET C 161 17.61 10.74 16.11
C MET C 161 18.80 10.59 17.04
N ILE C 162 19.95 10.20 16.49
CA ILE C 162 21.19 10.08 17.28
C ILE C 162 21.87 11.42 17.58
N LEU C 163 22.03 12.28 16.56
CA LEU C 163 22.56 13.62 16.76
C LEU C 163 21.79 14.42 17.80
N ASN C 164 20.54 14.04 18.05
CA ASN C 164 19.66 14.78 18.96
C ASN C 164 19.33 14.12 20.30
N SER C 165 19.91 12.95 20.58
CA SER C 165 19.72 12.37 21.91
C SER C 165 20.76 12.94 22.90
N PRO C 166 20.38 13.11 24.18
CA PRO C 166 21.23 13.86 25.13
C PRO C 166 22.58 13.22 25.38
N GLY C 167 23.64 14.03 25.42
CA GLY C 167 24.99 13.53 25.58
C GLY C 167 25.67 13.15 24.26
N ASN C 168 24.93 13.26 23.15
CA ASN C 168 25.46 12.92 21.82
C ASN C 168 25.42 14.08 20.84
N GLN C 169 25.14 15.29 21.29
CA GLN C 169 24.86 16.37 20.35
C GLN C 169 26.12 17.11 19.87
N ILE C 170 26.78 16.49 18.91
CA ILE C 170 28.04 17.02 18.39
C ILE C 170 27.82 18.27 17.54
N LEU C 171 26.58 18.55 17.16
CA LEU C 171 26.28 19.76 16.38
C LEU C 171 25.83 20.95 17.23
N SER C 172 25.91 20.82 18.54
CA SER C 172 25.38 21.86 19.45
C SER C 172 26.18 23.16 19.46
N GLY C 173 27.39 23.13 18.91
CA GLY C 173 28.20 24.34 18.76
C GLY C 173 27.75 25.29 17.67
N LEU C 174 26.83 24.83 16.82
CA LEU C 174 26.40 25.59 15.64
C LEU C 174 25.28 26.55 15.98
N SER C 175 25.12 27.59 15.16
CA SER C 175 23.96 28.48 15.27
C SER C 175 22.74 27.85 14.62
N ILE C 176 21.55 28.28 15.03
CA ILE C 176 20.30 27.74 14.45
C ILE C 176 20.36 27.71 12.89
N GLU C 177 20.98 28.72 12.29
CA GLU C 177 21.18 28.78 10.83
C GLU C 177 22.13 27.71 10.28
N GLU C 178 23.27 27.54 10.93
CA GLU C 178 24.28 26.58 10.50
C GLU C 178 23.78 25.13 10.67
N TYR C 179 23.06 24.90 11.75
CA TYR C 179 22.45 23.61 12.01
C TYR C 179 21.50 23.26 10.89
N LYS C 180 20.58 24.16 10.55
CA LYS C 180 19.59 23.85 9.51
C LYS C 180 20.24 23.55 8.18
N THR C 181 21.24 24.34 7.83
CA THR C 181 22.06 24.11 6.64
C THR C 181 22.79 22.73 6.64
N THR C 182 23.33 22.35 7.79
CA THR C 182 24.09 21.11 7.86
C THR C 182 23.18 19.90 7.73
N LEU C 183 22.05 19.89 8.44
CA LEU C 183 21.13 18.77 8.32
C LEU C 183 20.64 18.58 6.88
N LYS C 184 20.35 19.69 6.21
CA LYS C 184 19.96 19.68 4.82
C LYS C 184 21.01 18.96 3.95
N ILE C 185 22.28 19.27 4.17
CA ILE C 185 23.34 18.66 3.41
C ILE C 185 23.47 17.20 3.81
N ILE C 186 23.31 16.91 5.09
CA ILE C 186 23.39 15.52 5.56
C ILE C 186 22.31 14.66 4.91
N LYS C 187 21.07 15.14 4.92
CA LYS C 187 19.96 14.45 4.30
C LYS C 187 20.22 14.18 2.79
N GLN C 188 20.67 15.18 2.06
CA GLN C 188 20.90 14.99 0.66
C GLN C 188 22.04 14.00 0.47
N ALA C 189 23.04 14.04 1.35
CA ALA C 189 24.17 13.15 1.20
C ALA C 189 23.74 11.72 1.49
N ILE C 190 22.82 11.54 2.44
CA ILE C 190 22.40 10.18 2.73
C ILE C 190 21.49 9.72 1.58
N LEU C 191 20.56 10.57 1.18
CA LEU C 191 19.67 10.16 0.12
C LEU C 191 20.46 9.78 -1.15
N ALA C 192 21.64 10.37 -1.30
CA ALA C 192 22.47 10.20 -2.48
C ALA C 192 23.05 8.79 -2.58
N THR C 193 23.10 8.09 -1.46
CA THR C 193 23.66 6.74 -1.41
C THR C 193 22.60 5.71 -1.83
N ASP C 194 21.49 6.18 -2.39
CA ASP C 194 20.54 5.30 -3.06
C ASP C 194 20.95 5.15 -4.53
N LEU C 195 21.45 3.97 -4.89
CA LEU C 195 21.99 3.73 -6.24
C LEU C 195 21.04 4.17 -7.34
N ALA C 196 19.73 3.99 -7.14
CA ALA C 196 18.72 4.52 -8.07
C ALA C 196 18.93 6.02 -8.37
N LEU C 197 19.18 6.83 -7.35
CA LEU C 197 19.39 8.27 -7.52
C LEU C 197 20.74 8.56 -8.14
N TYR C 198 21.73 7.73 -7.85
CA TYR C 198 23.00 7.89 -8.52
C TYR C 198 22.77 7.67 -10.01
N ILE C 199 22.17 6.54 -10.38
CA ILE C 199 21.93 6.26 -11.79
C ILE C 199 21.15 7.40 -12.47
N LYS C 200 20.26 8.01 -11.74
CA LYS C 200 19.40 9.02 -12.31
C LYS C 200 20.06 10.33 -12.55
N ARG C 201 21.15 10.62 -11.85
CA ARG C 201 21.83 11.91 -12.02
C ARG C 201 23.21 11.84 -12.65
N ARG C 202 23.85 10.66 -12.62
CA ARG C 202 25.06 10.37 -13.41
C ARG C 202 25.25 11.20 -14.67
N GLY C 203 24.33 11.03 -15.62
CA GLY C 203 24.46 11.57 -16.95
C GLY C 203 24.78 13.06 -16.96
N GLU C 204 24.05 13.82 -16.13
CA GLU C 204 24.26 15.27 -16.00
C GLU C 204 25.69 15.61 -15.54
N PHE C 205 26.18 14.84 -14.57
CA PHE C 205 27.51 15.01 -14.04
C PHE C 205 28.54 14.68 -15.10
N PHE C 206 28.32 13.56 -15.81
CA PHE C 206 29.26 13.10 -16.83
C PHE C 206 29.38 14.05 -18.03
N GLU C 207 28.26 14.67 -18.43
CA GLU C 207 28.26 15.68 -19.50
C GLU C 207 28.96 16.98 -19.11
N LEU C 208 28.79 17.41 -17.87
CA LEU C 208 29.52 18.57 -17.37
C LEU C 208 31.03 18.38 -17.45
N ILE C 209 31.50 17.20 -17.03
CA ILE C 209 32.92 16.85 -17.08
C ILE C 209 33.36 16.77 -18.53
N ARG C 210 32.67 15.95 -19.31
CA ARG C 210 32.97 15.72 -20.72
C ARG C 210 33.08 17.00 -21.56
N LYS C 211 32.33 18.03 -21.19
CA LYS C 211 32.39 19.32 -21.93
C LYS C 211 33.19 20.40 -21.23
N ASN C 212 33.89 20.04 -20.17
CA ASN C 212 34.75 20.95 -19.41
C ASN C 212 34.01 22.16 -18.79
N GLN C 213 32.80 21.91 -18.32
CA GLN C 213 31.96 22.96 -17.78
C GLN C 213 31.73 22.82 -16.29
N PHE C 214 32.40 21.84 -15.69
CA PHE C 214 32.28 21.58 -14.26
C PHE C 214 32.88 22.73 -13.46
N ASN C 215 32.14 23.17 -12.44
CA ASN C 215 32.51 24.36 -11.69
C ASN C 215 31.81 24.38 -10.34
N LEU C 216 32.58 24.21 -9.28
CA LEU C 216 32.03 24.17 -7.92
C LEU C 216 31.46 25.48 -7.39
N GLU C 217 31.69 26.59 -8.09
CA GLU C 217 31.12 27.86 -7.67
C GLU C 217 29.59 27.85 -7.74
N ASP C 218 29.06 27.12 -8.73
CA ASP C 218 27.61 27.03 -8.97
C ASP C 218 26.94 26.10 -7.94
N PRO C 219 26.00 26.64 -7.12
CA PRO C 219 25.27 25.87 -6.09
C PRO C 219 24.74 24.52 -6.53
N HIS C 220 24.12 24.47 -7.71
CA HIS C 220 23.55 23.23 -8.24
C HIS C 220 24.62 22.16 -8.46
N GLN C 221 25.73 22.55 -9.09
CA GLN C 221 26.82 21.64 -9.36
C GLN C 221 27.52 21.11 -8.11
N LYS C 222 27.64 21.97 -7.10
CA LYS C 222 28.23 21.57 -5.82
C LYS C 222 27.42 20.42 -5.23
N GLU C 223 26.09 20.58 -5.23
CA GLU C 223 25.14 19.57 -4.73
C GLU C 223 25.33 18.20 -5.45
N LEU C 224 25.42 18.28 -6.77
CA LEU C 224 25.61 17.12 -7.62
C LEU C 224 26.93 16.44 -7.33
N PHE C 225 28.00 17.20 -7.17
CA PHE C 225 29.30 16.62 -6.91
C PHE C 225 29.29 15.85 -5.59
N LEU C 226 28.62 16.40 -4.60
CA LEU C 226 28.61 15.81 -3.27
C LEU C 226 27.90 14.48 -3.34
N ALA C 227 26.77 14.49 -4.05
CA ALA C 227 26.06 13.25 -4.35
C ALA C 227 27.03 12.22 -4.96
N MET C 228 27.74 12.64 -6.00
CA MET C 228 28.73 11.75 -6.62
C MET C 228 29.80 11.27 -5.65
N LEU C 229 30.31 12.16 -4.83
CA LEU C 229 31.34 11.82 -3.85
C LEU C 229 30.85 10.68 -2.96
N MET C 230 29.67 10.89 -2.36
CA MET C 230 29.06 9.88 -1.52
C MET C 230 29.00 8.49 -2.22
N THR C 231 28.52 8.42 -3.46
CA THR C 231 28.50 7.15 -4.18
C THR C 231 29.93 6.60 -4.35
N ALA C 232 30.86 7.50 -4.63
CA ALA C 232 32.25 7.08 -4.81
C ALA C 232 32.78 6.42 -3.55
N CYS C 233 32.47 6.98 -2.40
CA CYS C 233 32.89 6.39 -1.12
C CYS C 233 32.16 5.11 -0.78
N ASP C 234 30.84 5.12 -1.00
CA ASP C 234 29.93 3.98 -0.72
C ASP C 234 30.37 2.71 -1.47
N LEU C 235 30.88 2.87 -2.69
CA LEU C 235 31.22 1.69 -3.49
C LEU C 235 32.68 1.35 -3.37
N SER C 236 33.41 2.13 -2.55
CA SER C 236 34.88 2.16 -2.59
C SER C 236 35.54 0.82 -2.29
N ALA C 237 34.78 -0.12 -1.74
CA ALA C 237 35.34 -1.45 -1.56
C ALA C 237 35.75 -2.04 -2.93
N ILE C 238 35.09 -1.57 -3.99
CA ILE C 238 35.43 -2.04 -5.31
C ILE C 238 36.83 -1.62 -5.75
N THR C 239 37.50 -0.77 -4.97
CA THR C 239 38.77 -0.18 -5.37
C THR C 239 39.96 -0.63 -4.52
N LYS C 240 39.72 -1.55 -3.62
CA LYS C 240 40.75 -2.00 -2.68
C LYS C 240 41.66 -3.04 -3.32
N PRO C 241 42.82 -3.32 -2.68
CA PRO C 241 43.65 -4.44 -3.14
C PRO C 241 42.84 -5.73 -3.16
N TRP C 242 43.26 -6.67 -3.99
CA TRP C 242 42.47 -7.86 -4.25
C TRP C 242 42.12 -8.71 -3.04
N PRO C 243 43.08 -9.02 -2.12
CA PRO C 243 42.64 -9.84 -0.99
C PRO C 243 41.43 -9.21 -0.27
N ILE C 244 41.43 -7.89 -0.14
CA ILE C 244 40.33 -7.19 0.52
C ILE C 244 39.03 -7.21 -0.27
N GLN C 245 39.10 -6.87 -1.54
CA GLN C 245 37.91 -6.86 -2.37
C GLN C 245 37.20 -8.21 -2.41
N GLN C 246 37.98 -9.27 -2.63
CA GLN C 246 37.43 -10.64 -2.70
C GLN C 246 36.69 -11.05 -1.43
N ARG C 247 37.30 -10.74 -0.29
CA ARG C 247 36.69 -10.97 1.03
C ARG C 247 35.39 -10.16 1.20
N ILE C 248 35.42 -8.88 0.82
CA ILE C 248 34.23 -8.05 0.90
C ILE C 248 33.11 -8.48 -0.06
N ALA C 249 33.49 -8.92 -1.26
CA ALA C 249 32.51 -9.43 -2.21
C ALA C 249 31.73 -10.63 -1.65
N GLU C 250 32.41 -11.57 -0.97
CA GLU C 250 31.70 -12.72 -0.37
C GLU C 250 30.70 -12.24 0.67
N LEU C 251 31.05 -11.19 1.43
CA LEU C 251 30.13 -10.64 2.42
C LEU C 251 28.89 -10.11 1.70
N VAL C 252 29.10 -9.30 0.66
CA VAL C 252 28.00 -8.76 -0.10
C VAL C 252 27.17 -9.90 -0.66
N ALA C 253 27.78 -10.91 -1.24
CA ALA C 253 27.01 -12.01 -1.81
C ALA C 253 26.18 -12.75 -0.74
N THR C 254 26.76 -12.94 0.45
CA THR C 254 26.08 -13.57 1.57
C THR C 254 24.77 -12.81 1.82
N GLU C 255 24.90 -11.49 1.88
CA GLU C 255 23.76 -10.61 2.12
C GLU C 255 22.68 -10.76 1.05
N PHE C 256 23.06 -10.73 -0.23
CA PHE C 256 22.13 -11.01 -1.33
C PHE C 256 21.47 -12.39 -1.32
N TRP C 257 22.24 -13.43 -1.04
CA TRP C 257 21.65 -14.74 -0.96
C TRP C 257 20.56 -14.81 0.09
N GLU C 258 20.71 -14.12 1.20
CA GLU C 258 19.62 -14.20 2.19
C GLU C 258 18.41 -13.49 1.57
N GLN C 259 18.61 -12.36 0.89
CA GLN C 259 17.49 -11.72 0.20
C GLN C 259 16.79 -12.61 -0.82
N GLY C 260 17.58 -13.37 -1.57
CA GLY C 260 17.07 -14.28 -2.57
C GLY C 260 16.19 -15.33 -1.95
N ASP C 261 16.54 -15.76 -0.75
CA ASP C 261 15.76 -16.78 -0.05
C ASP C 261 14.52 -16.19 0.56
N LEU C 262 14.64 -14.96 1.05
CA LEU C 262 13.46 -14.22 1.44
C LEU C 262 12.52 -14.12 0.22
N GLU C 263 13.08 -13.72 -0.93
CA GLU C 263 12.30 -13.55 -2.17
C GLU C 263 11.61 -14.84 -2.66
N ARG C 264 12.26 -15.99 -2.52
CA ARG C 264 11.68 -17.33 -2.81
C ARG C 264 10.50 -17.67 -1.92
N THR C 265 10.73 -17.52 -0.63
CA THR C 265 9.89 -17.99 0.44
C THR C 265 8.65 -17.15 0.73
N VAL C 266 8.84 -15.84 0.94
CA VAL C 266 7.74 -15.01 1.43
C VAL C 266 7.02 -14.25 0.33
N LEU C 267 7.65 -14.13 -0.83
CA LEU C 267 7.01 -13.47 -1.95
C LEU C 267 6.77 -14.44 -3.07
N GLN C 268 7.32 -15.64 -2.94
CA GLN C 268 7.27 -16.60 -4.03
C GLN C 268 7.64 -16.02 -5.41
N GLN C 269 8.87 -15.48 -5.54
CA GLN C 269 9.36 -15.01 -6.84
C GLN C 269 10.64 -15.71 -7.29
N GLN C 270 11.00 -15.58 -8.56
CA GLN C 270 12.32 -16.04 -9.02
C GLN C 270 13.35 -14.92 -8.78
N PRO C 271 14.29 -15.16 -7.86
CA PRO C 271 15.30 -14.13 -7.63
C PRO C 271 16.29 -14.05 -8.81
N ILE C 272 16.61 -12.82 -9.19
CA ILE C 272 17.56 -12.54 -10.29
C ILE C 272 18.93 -13.18 -10.01
N PRO C 273 19.74 -13.41 -11.07
CA PRO C 273 20.98 -14.19 -10.86
C PRO C 273 21.92 -13.62 -9.77
N MET C 274 21.92 -12.30 -9.60
CA MET C 274 22.70 -11.69 -8.54
C MET C 274 22.31 -12.19 -7.14
N MET C 275 21.05 -12.62 -7.01
CA MET C 275 20.45 -12.78 -5.70
C MET C 275 20.06 -14.23 -5.46
N ASP C 276 20.57 -15.14 -6.27
CA ASP C 276 20.12 -16.53 -6.31
C ASP C 276 21.27 -17.51 -5.99
N ARG C 277 21.16 -18.21 -4.86
CA ARG C 277 22.25 -19.06 -4.36
C ARG C 277 22.46 -20.35 -5.14
N ASN C 278 22.07 -20.36 -6.41
CA ASN C 278 22.30 -21.54 -7.25
C ASN C 278 23.26 -21.15 -8.39
N LYS C 279 23.41 -19.85 -8.56
CA LYS C 279 24.31 -19.29 -9.56
C LYS C 279 25.50 -18.68 -8.82
N ARG C 280 25.86 -19.31 -7.70
CA ARG C 280 26.99 -18.95 -6.86
C ARG C 280 28.24 -18.70 -7.71
N ASP C 281 28.33 -19.40 -8.83
CA ASP C 281 29.53 -19.43 -9.70
C ASP C 281 29.48 -18.37 -10.79
N GLU C 282 28.54 -17.43 -10.67
CA GLU C 282 28.45 -16.30 -11.59
C GLU C 282 28.98 -15.00 -10.95
N LEU C 283 29.25 -15.06 -9.64
CA LEU C 283 29.79 -13.93 -8.87
C LEU C 283 30.94 -13.16 -9.56
N PRO C 284 31.99 -13.87 -10.02
CA PRO C 284 33.01 -13.15 -10.77
C PRO C 284 32.51 -12.40 -12.00
N LYS C 285 31.69 -13.07 -12.83
CA LYS C 285 31.06 -12.44 -14.00
C LYS C 285 30.22 -11.21 -13.60
N LEU C 286 29.27 -11.40 -12.69
CA LEU C 286 28.40 -10.34 -12.19
C LEU C 286 29.19 -9.13 -11.70
N GLN C 287 30.31 -9.36 -11.01
CA GLN C 287 31.17 -8.29 -10.48
C GLN C 287 31.79 -7.45 -11.59
N VAL C 288 32.18 -8.12 -12.67
CA VAL C 288 32.71 -7.44 -13.85
C VAL C 288 31.63 -6.49 -14.37
N GLY C 289 30.44 -7.05 -14.63
CA GLY C 289 29.29 -6.25 -15.04
C GLY C 289 29.06 -5.06 -14.12
N PHE C 290 29.15 -5.31 -12.81
CA PHE C 290 28.97 -4.28 -11.82
C PHE C 290 29.95 -3.18 -12.10
N ILE C 291 31.22 -3.58 -12.23
CA ILE C 291 32.31 -2.62 -12.38
C ILE C 291 32.10 -1.76 -13.63
N ASP C 292 31.91 -2.42 -14.76
CA ASP C 292 31.69 -1.77 -16.05
C ASP C 292 30.53 -0.77 -16.09
N PHE C 293 29.34 -1.25 -15.72
CA PHE C 293 28.13 -0.43 -15.71
C PHE C 293 28.10 0.70 -14.66
N VAL C 294 28.63 0.46 -13.46
CA VAL C 294 28.48 1.43 -12.39
C VAL C 294 29.77 2.18 -12.02
N CYS C 295 30.83 1.42 -11.70
CA CYS C 295 32.00 1.95 -10.99
C CYS C 295 33.00 2.69 -11.86
N THR C 296 33.51 2.05 -12.90
CA THR C 296 34.65 2.63 -13.58
C THR C 296 34.36 4.07 -14.04
N GLN C 297 33.17 4.28 -14.59
CA GLN C 297 32.86 5.58 -15.19
C GLN C 297 32.90 6.66 -14.14
N LEU C 298 32.54 6.28 -12.92
CA LEU C 298 32.44 7.22 -11.82
C LEU C 298 33.80 7.63 -11.28
N TYR C 299 34.68 6.65 -11.08
CA TYR C 299 36.04 6.94 -10.65
C TYR C 299 36.84 7.61 -11.77
N GLU C 300 36.50 7.32 -13.02
CA GLU C 300 37.13 8.07 -14.12
C GLU C 300 36.80 9.57 -13.99
N ALA C 301 35.57 9.88 -13.59
CA ALA C 301 35.12 11.26 -13.51
C ALA C 301 35.75 11.97 -12.32
N LEU C 302 35.72 11.32 -11.16
CA LEU C 302 36.31 11.88 -9.96
C LEU C 302 37.77 12.24 -10.20
N THR C 303 38.42 11.45 -11.04
CA THR C 303 39.82 11.66 -11.40
C THR C 303 39.99 12.92 -12.22
N HIS C 304 38.98 13.28 -13.00
CA HIS C 304 39.02 14.54 -13.70
C HIS C 304 38.88 15.70 -12.72
N VAL C 305 38.00 15.54 -11.75
CA VAL C 305 37.84 16.56 -10.72
C VAL C 305 39.14 16.78 -9.91
N SER C 306 39.83 15.68 -9.60
CA SER C 306 41.06 15.74 -8.82
C SER C 306 42.03 14.65 -9.25
N GLU C 307 43.07 15.05 -9.95
CA GLU C 307 44.16 14.19 -10.37
C GLU C 307 44.59 13.17 -9.28
N ASP C 308 44.64 13.61 -8.02
CA ASP C 308 45.19 12.80 -6.93
C ASP C 308 44.28 11.66 -6.44
N CYS C 309 43.09 11.55 -7.02
CA CYS C 309 42.15 10.45 -6.75
C CYS C 309 42.32 9.25 -7.70
N PHE C 310 43.32 9.32 -8.57
CA PHE C 310 43.62 8.22 -9.47
C PHE C 310 43.71 6.85 -8.77
N PRO C 311 44.36 6.79 -7.57
CA PRO C 311 44.50 5.47 -6.94
C PRO C 311 43.20 4.71 -6.83
N LEU C 312 42.08 5.43 -6.72
CA LEU C 312 40.77 4.80 -6.71
C LEU C 312 40.42 4.15 -8.04
N LEU C 313 40.76 4.82 -9.14
CA LEU C 313 40.45 4.30 -10.47
C LEU C 313 41.35 3.14 -10.80
N ASP C 314 42.60 3.30 -10.41
CA ASP C 314 43.60 2.28 -10.57
C ASP C 314 43.12 1.00 -9.89
N GLY C 315 42.78 1.10 -8.61
CA GLY C 315 42.38 -0.05 -7.82
C GLY C 315 41.21 -0.76 -8.45
N CYS C 316 40.25 0.03 -8.94
CA CYS C 316 39.08 -0.44 -9.67
C CYS C 316 39.44 -1.26 -10.91
N ARG C 317 40.30 -0.70 -11.75
CA ARG C 317 40.71 -1.39 -12.97
C ARG C 317 41.43 -2.69 -12.66
N LYS C 318 42.23 -2.68 -11.58
CA LYS C 318 42.98 -3.87 -11.15
C LYS C 318 42.05 -4.99 -10.73
N ASN C 319 41.01 -4.62 -10.00
CA ASN C 319 40.00 -5.59 -9.59
C ASN C 319 39.17 -6.10 -10.77
N ARG C 320 38.99 -5.27 -11.79
CA ARG C 320 38.34 -5.76 -13.00
C ARG C 320 39.12 -6.88 -13.68
N GLN C 321 40.43 -6.72 -13.81
CA GLN C 321 41.29 -7.75 -14.42
C GLN C 321 41.22 -9.07 -13.68
N LYS C 322 41.24 -8.97 -12.35
CA LYS C 322 41.18 -10.15 -11.47
C LYS C 322 39.87 -10.91 -11.57
N TRP C 323 38.74 -10.20 -11.50
CA TRP C 323 37.43 -10.83 -11.66
C TRP C 323 37.27 -11.43 -13.04
N GLN C 324 37.63 -10.68 -14.08
CA GLN C 324 37.55 -11.20 -15.44
C GLN C 324 38.38 -12.47 -15.64
N ALA C 325 39.52 -12.57 -14.94
CA ALA C 325 40.33 -13.79 -15.01
C ALA C 325 39.57 -14.98 -14.44
N LEU C 326 38.87 -14.77 -13.33
CA LEU C 326 38.04 -15.82 -12.75
C LEU C 326 36.80 -16.12 -13.60
N ALA C 327 36.29 -15.11 -14.30
CA ALA C 327 35.12 -15.30 -15.16
C ALA C 327 35.36 -16.29 -16.33
N GLU C 328 36.64 -16.59 -16.58
CA GLU C 328 37.01 -17.60 -17.56
C GLU C 328 37.74 -18.75 -16.85
N GLN C 329 37.66 -18.75 -15.51
CA GLN C 329 38.12 -19.84 -14.61
C GLN C 329 39.62 -19.83 -14.24
N THR D 7 23.90 23.60 -33.62
CA THR D 7 24.52 24.93 -33.42
C THR D 7 24.06 25.86 -34.54
N ARG D 8 23.57 25.26 -35.63
CA ARG D 8 23.03 26.03 -36.75
C ARG D 8 21.61 26.52 -36.48
N GLU D 9 20.79 25.66 -35.87
CA GLU D 9 19.44 26.08 -35.48
C GLU D 9 19.51 27.23 -34.46
N LEU D 10 20.52 27.16 -33.58
CA LEU D 10 20.75 28.22 -32.58
C LEU D 10 21.17 29.55 -33.19
N GLN D 11 22.07 29.52 -34.17
CA GLN D 11 22.44 30.74 -34.87
C GLN D 11 21.32 31.33 -35.73
N SER D 12 20.53 30.46 -36.36
CA SER D 12 19.29 30.88 -37.05
C SER D 12 18.37 31.68 -36.14
N LEU D 13 18.17 31.16 -34.92
CA LEU D 13 17.19 31.67 -33.99
C LEU D 13 17.62 32.97 -33.33
N ALA D 14 18.90 33.04 -32.94
CA ALA D 14 19.45 34.23 -32.29
C ALA D 14 19.53 35.44 -33.24
N ALA D 15 19.66 35.16 -34.53
CA ALA D 15 19.79 36.22 -35.53
C ALA D 15 18.45 36.72 -36.04
N ALA D 16 17.43 35.90 -35.93
CA ALA D 16 16.12 36.21 -36.53
C ALA D 16 15.43 37.41 -35.86
N VAL D 17 14.61 38.11 -36.63
CA VAL D 17 13.75 39.16 -36.09
C VAL D 17 12.55 38.51 -35.46
N VAL D 18 12.19 38.95 -34.25
CA VAL D 18 11.00 38.43 -33.56
C VAL D 18 9.78 39.28 -33.86
N PRO D 19 8.81 38.73 -34.61
CA PRO D 19 7.61 39.51 -34.90
C PRO D 19 6.84 39.88 -33.62
N SER D 20 5.96 40.87 -33.71
CA SER D 20 5.18 41.34 -32.56
C SER D 20 4.13 40.30 -32.15
N ALA D 21 3.59 40.46 -30.93
CA ALA D 21 2.57 39.56 -30.41
C ALA D 21 1.31 39.57 -31.29
N GLN D 22 1.02 40.75 -31.82
CA GLN D 22 -0.16 40.90 -32.65
C GLN D 22 0.02 40.18 -33.99
N THR D 23 1.19 40.33 -34.61
CA THR D 23 1.49 39.68 -35.91
C THR D 23 1.43 38.15 -35.79
N LEU D 24 1.89 37.62 -34.66
CA LEU D 24 1.96 36.17 -34.48
C LEU D 24 0.65 35.56 -33.98
N LYS D 25 -0.34 36.41 -33.69
CA LYS D 25 -1.67 35.97 -33.30
C LYS D 25 -1.73 35.28 -31.94
N ILE D 26 -0.69 35.42 -31.11
CA ILE D 26 -0.59 34.62 -29.88
C ILE D 26 -1.44 35.14 -28.69
N THR D 27 -2.11 36.26 -28.88
CA THR D 27 -3.03 36.81 -27.89
C THR D 27 -4.44 36.22 -28.14
N ASP D 28 -4.61 35.52 -29.24
CA ASP D 28 -5.90 34.92 -29.58
C ASP D 28 -6.07 33.58 -28.81
N PHE D 29 -7.21 33.40 -28.16
CA PHE D 29 -7.51 32.14 -27.50
C PHE D 29 -7.76 31.09 -28.56
N SER D 30 -7.96 31.56 -29.78
CA SER D 30 -8.19 30.71 -30.94
C SER D 30 -6.92 30.31 -31.70
N PHE D 31 -5.75 30.69 -31.19
CA PHE D 31 -4.47 30.44 -31.85
C PHE D 31 -4.24 29.00 -32.30
N SER D 32 -3.67 28.82 -33.48
CA SER D 32 -3.36 27.49 -33.99
C SER D 32 -1.86 27.41 -34.33
N ASP D 33 -1.24 26.29 -33.98
CA ASP D 33 0.18 26.09 -34.27
C ASP D 33 0.33 25.36 -35.59
N PHE D 34 -0.77 24.78 -36.05
CA PHE D 34 -0.72 23.79 -37.11
C PHE D 34 0.15 24.16 -38.32
N GLU D 35 0.11 25.41 -38.77
CA GLU D 35 0.90 25.77 -39.96
C GLU D 35 2.14 26.61 -39.67
N LEU D 36 2.67 26.46 -38.47
CA LEU D 36 3.95 27.09 -38.08
C LEU D 36 5.08 26.07 -38.12
N SER D 37 6.25 26.52 -38.56
CA SER D 37 7.44 25.68 -38.53
C SER D 37 7.99 25.61 -37.11
N ASP D 38 8.80 24.60 -36.85
CA ASP D 38 9.51 24.47 -35.57
C ASP D 38 10.23 25.78 -35.19
N LEU D 39 10.95 26.36 -36.15
CA LEU D 39 11.62 27.63 -35.97
C LEU D 39 10.64 28.75 -35.57
N GLU D 40 9.51 28.85 -36.25
CA GLU D 40 8.50 29.86 -35.89
C GLU D 40 7.93 29.69 -34.47
N THR D 41 7.73 28.46 -34.01
CA THR D 41 7.29 28.26 -32.62
C THR D 41 8.30 28.79 -31.60
N ALA D 42 9.59 28.57 -31.85
CA ALA D 42 10.62 29.12 -30.97
C ALA D 42 10.57 30.65 -30.96
N LEU D 43 10.44 31.26 -32.13
CA LEU D 43 10.24 32.70 -32.23
C LEU D 43 9.06 33.20 -31.39
N CYS D 44 7.93 32.49 -31.47
CA CYS D 44 6.75 32.84 -30.69
C CYS D 44 7.06 32.81 -29.20
N THR D 45 7.85 31.82 -28.78
CA THR D 45 8.18 31.63 -27.39
C THR D 45 8.99 32.81 -26.87
N ILE D 46 10.04 33.16 -27.60
CA ILE D 46 10.79 34.37 -27.29
C ILE D 46 9.84 35.55 -27.10
N ARG D 47 8.95 35.77 -28.06
CA ARG D 47 7.97 36.85 -27.93
C ARG D 47 7.20 36.79 -26.60
N MET D 48 6.74 35.59 -26.24
CA MET D 48 5.97 35.38 -25.02
C MET D 48 6.76 35.83 -23.80
N PHE D 49 8.03 35.45 -23.74
CA PHE D 49 8.86 35.87 -22.63
C PHE D 49 9.04 37.36 -22.63
N THR D 50 9.15 37.96 -23.82
CA THR D 50 9.43 39.39 -23.94
C THR D 50 8.24 40.25 -23.51
N ASP D 51 7.06 39.99 -24.09
CA ASP D 51 5.86 40.77 -23.78
C ASP D 51 5.27 40.61 -22.35
N LEU D 52 5.64 39.54 -21.66
CA LEU D 52 5.31 39.44 -20.24
C LEU D 52 6.37 40.13 -19.38
N ASN D 53 7.24 40.89 -20.03
CA ASN D 53 8.35 41.61 -19.41
C ASN D 53 9.34 40.75 -18.65
N LEU D 54 9.47 39.49 -19.07
CA LEU D 54 10.32 38.55 -18.35
C LEU D 54 11.80 38.67 -18.73
N VAL D 55 12.09 39.09 -19.96
CA VAL D 55 13.49 39.30 -20.35
C VAL D 55 14.06 40.50 -19.61
N GLN D 56 13.28 41.58 -19.60
CA GLN D 56 13.69 42.85 -18.99
C GLN D 56 13.87 42.69 -17.48
N ASN D 57 12.84 42.18 -16.83
CA ASN D 57 12.81 42.13 -15.37
C ASN D 57 13.84 41.19 -14.76
N PHE D 58 14.37 40.27 -15.55
CA PHE D 58 15.25 39.24 -14.98
C PHE D 58 16.60 39.05 -15.68
N GLN D 59 17.00 40.04 -16.50
CA GLN D 59 18.33 40.11 -17.13
C GLN D 59 18.70 38.90 -17.98
N MET D 60 17.72 38.36 -18.70
CA MET D 60 17.98 37.23 -19.56
C MET D 60 18.80 37.67 -20.78
N LYS D 61 19.95 37.02 -21.00
CA LYS D 61 20.72 37.19 -22.23
C LYS D 61 19.93 36.53 -23.38
N HIS D 62 19.91 37.18 -24.54
CA HIS D 62 19.20 36.67 -25.72
C HIS D 62 19.68 35.27 -26.11
N GLU D 63 21.01 35.09 -26.19
CA GLU D 63 21.63 33.82 -26.56
C GLU D 63 21.26 32.73 -25.58
N VAL D 64 21.16 33.08 -24.29
CA VAL D 64 20.80 32.10 -23.27
C VAL D 64 19.32 31.64 -23.37
N LEU D 65 18.40 32.57 -23.58
CA LEU D 65 16.99 32.21 -23.70
C LEU D 65 16.75 31.32 -24.91
N CYS D 66 17.46 31.62 -26.00
CA CYS D 66 17.34 30.82 -27.21
C CYS D 66 17.82 29.41 -26.99
N ARG D 67 19.00 29.26 -26.39
CA ARG D 67 19.53 27.94 -26.12
C ARG D 67 18.63 27.13 -25.15
N TRP D 68 18.03 27.79 -24.16
CA TRP D 68 17.02 27.13 -23.29
C TRP D 68 15.79 26.64 -24.05
N ILE D 69 15.15 27.55 -24.77
CA ILE D 69 14.02 27.23 -25.62
C ILE D 69 14.28 26.03 -26.53
N LEU D 70 15.47 25.97 -27.11
CA LEU D 70 15.81 24.85 -28.02
C LEU D 70 16.11 23.58 -27.26
N SER D 71 16.70 23.71 -26.07
CA SER D 71 16.91 22.55 -25.18
C SER D 71 15.61 21.87 -24.78
N VAL D 72 14.59 22.68 -24.45
CA VAL D 72 13.29 22.18 -24.07
C VAL D 72 12.72 21.44 -25.27
N LYS D 73 12.63 22.14 -26.40
CA LYS D 73 12.03 21.59 -27.63
C LYS D 73 12.62 20.22 -27.93
N LYS D 74 13.93 20.11 -27.78
CA LYS D 74 14.62 18.89 -28.11
C LYS D 74 14.35 17.76 -27.09
N ASN D 75 13.95 18.10 -25.88
CA ASN D 75 13.68 17.06 -24.89
C ASN D 75 12.24 16.56 -24.85
N TYR D 76 11.43 17.04 -25.80
CA TYR D 76 10.17 16.40 -26.07
C TYR D 76 10.44 15.34 -27.11
N ARG D 77 9.61 14.30 -27.17
CA ARG D 77 9.81 13.23 -28.16
C ARG D 77 8.89 13.36 -29.35
N LYS D 78 9.48 13.64 -30.53
CA LYS D 78 8.70 13.83 -31.78
C LYS D 78 7.81 12.62 -32.12
N ASN D 79 8.32 11.41 -31.87
CA ASN D 79 7.57 10.19 -32.18
C ASN D 79 6.32 9.97 -31.34
N VAL D 80 6.12 10.80 -30.31
CA VAL D 80 5.00 10.62 -29.40
C VAL D 80 3.86 11.43 -29.95
N ALA D 81 2.71 10.78 -30.22
CA ALA D 81 1.65 11.38 -31.07
C ALA D 81 1.11 12.74 -30.61
N TYR D 82 0.93 12.93 -29.30
CA TYR D 82 0.31 14.16 -28.83
C TYR D 82 1.16 14.92 -27.82
N HIS D 83 1.64 14.22 -26.80
CA HIS D 83 2.44 14.84 -25.74
C HIS D 83 3.85 15.11 -26.22
N ASN D 84 3.96 16.02 -27.18
CA ASN D 84 5.25 16.41 -27.71
C ASN D 84 5.39 17.94 -27.66
N TRP D 85 6.45 18.46 -28.29
CA TRP D 85 6.68 19.90 -28.26
C TRP D 85 5.46 20.75 -28.61
N ARG D 86 4.72 20.38 -29.65
CA ARG D 86 3.55 21.18 -30.04
C ARG D 86 2.55 21.38 -28.88
N HIS D 87 2.23 20.29 -28.14
CA HIS D 87 1.40 20.38 -26.90
C HIS D 87 1.98 21.32 -25.83
N ALA D 88 3.26 21.16 -25.53
CA ALA D 88 3.92 22.05 -24.58
C ALA D 88 3.81 23.50 -25.07
N PHE D 89 4.05 23.71 -26.36
CA PHE D 89 3.98 25.06 -26.91
C PHE D 89 2.59 25.68 -26.82
N ASN D 90 1.56 24.96 -27.27
CA ASN D 90 0.18 25.42 -27.14
C ASN D 90 -0.21 25.73 -25.70
N THR D 91 0.18 24.87 -24.75
CA THR D 91 -0.08 25.09 -23.34
C THR D 91 0.45 26.44 -22.89
N ALA D 92 1.69 26.74 -23.28
CA ALA D 92 2.30 28.04 -22.97
C ALA D 92 1.55 29.19 -23.67
N GLN D 93 1.08 28.96 -24.87
CA GLN D 93 0.34 30.00 -25.57
C GLN D 93 -0.98 30.31 -24.89
N CYS D 94 -1.62 29.27 -24.38
CA CYS D 94 -2.87 29.47 -23.68
C CYS D 94 -2.65 30.21 -22.37
N MET D 95 -1.56 29.89 -21.68
CA MET D 95 -1.15 30.65 -20.51
C MET D 95 -0.91 32.13 -20.88
N PHE D 96 -0.22 32.36 -22.00
CA PHE D 96 0.05 33.72 -22.43
C PHE D 96 -1.22 34.48 -22.77
N ALA D 97 -2.20 33.83 -23.39
CA ALA D 97 -3.46 34.49 -23.70
C ALA D 97 -4.35 34.66 -22.46
N ALA D 98 -4.27 33.72 -21.51
CA ALA D 98 -4.99 33.86 -20.25
C ALA D 98 -4.44 35.02 -19.46
N LEU D 99 -3.13 35.22 -19.52
CA LEU D 99 -2.52 36.35 -18.80
C LEU D 99 -2.82 37.68 -19.47
N LYS D 100 -2.73 37.74 -20.80
CA LYS D 100 -2.90 38.99 -21.55
C LYS D 100 -4.36 39.31 -21.88
N ALA D 101 -4.95 38.56 -22.82
CA ALA D 101 -6.35 38.77 -23.20
C ALA D 101 -7.32 38.49 -22.06
N GLY D 102 -7.01 37.46 -21.27
CA GLY D 102 -7.83 37.03 -20.12
C GLY D 102 -7.62 37.91 -18.89
N LYS D 103 -6.58 38.74 -18.91
CA LYS D 103 -6.34 39.71 -17.84
C LYS D 103 -5.99 39.10 -16.47
N ILE D 104 -5.38 37.91 -16.47
CA ILE D 104 -4.94 37.30 -15.20
C ILE D 104 -3.64 37.95 -14.71
N GLN D 105 -2.80 38.36 -15.68
CA GLN D 105 -1.50 39.02 -15.42
C GLN D 105 -1.41 39.89 -14.16
N ASN D 106 -2.24 40.93 -14.05
CA ASN D 106 -2.07 41.81 -12.91
C ASN D 106 -2.78 41.33 -11.65
N LYS D 107 -2.98 40.02 -11.55
CA LYS D 107 -3.45 39.39 -10.32
C LYS D 107 -2.29 38.65 -9.69
N LEU D 108 -1.19 38.57 -10.43
CA LEU D 108 -0.03 37.77 -10.06
C LEU D 108 1.25 38.63 -10.00
N THR D 109 2.25 38.17 -9.23
CA THR D 109 3.57 38.79 -9.19
C THR D 109 4.38 38.34 -10.40
N ASP D 110 5.46 39.06 -10.69
CA ASP D 110 6.34 38.71 -11.81
C ASP D 110 7.01 37.37 -11.60
N LEU D 111 7.30 37.02 -10.35
CA LEU D 111 7.91 35.76 -10.03
C LEU D 111 6.97 34.59 -10.37
N GLU D 112 5.68 34.77 -10.13
CA GLU D 112 4.66 33.75 -10.41
C GLU D 112 4.47 33.53 -11.91
N ILE D 113 4.47 34.65 -12.65
CA ILE D 113 4.32 34.64 -14.10
C ILE D 113 5.52 33.96 -14.72
N LEU D 114 6.71 34.27 -14.22
CA LEU D 114 7.92 33.64 -14.70
C LEU D 114 7.82 32.14 -14.50
N ALA D 115 7.39 31.75 -13.31
CA ALA D 115 7.25 30.34 -12.96
C ALA D 115 6.24 29.66 -13.87
N LEU D 116 5.09 30.31 -14.03
CA LEU D 116 4.01 29.73 -14.82
C LEU D 116 4.37 29.47 -16.27
N LEU D 117 5.09 30.41 -16.88
CA LEU D 117 5.45 30.26 -18.27
C LEU D 117 6.49 29.15 -18.41
N ILE D 118 7.51 29.17 -17.54
CA ILE D 118 8.53 28.14 -17.56
C ILE D 118 7.84 26.81 -17.39
N ALA D 119 7.01 26.69 -16.35
CA ALA D 119 6.25 25.45 -16.13
C ALA D 119 5.42 25.02 -17.33
N ALA D 120 4.68 25.94 -17.95
CA ALA D 120 3.85 25.59 -19.10
C ALA D 120 4.67 24.86 -20.13
N LEU D 121 5.83 25.44 -20.50
CA LEU D 121 6.66 24.86 -21.55
C LEU D 121 7.34 23.55 -21.12
N SER D 122 7.50 23.35 -19.81
CA SER D 122 8.33 22.26 -19.29
C SER D 122 7.53 21.05 -18.84
N HIS D 123 6.21 21.24 -18.71
CA HIS D 123 5.36 20.38 -17.87
C HIS D 123 5.17 18.94 -18.34
N ASP D 124 5.56 18.64 -19.58
CA ASP D 124 5.45 17.30 -20.10
C ASP D 124 6.77 16.76 -20.66
N LEU D 125 7.88 17.41 -20.32
CA LEU D 125 9.22 17.00 -20.82
C LEU D 125 9.45 15.50 -20.77
N ASP D 126 9.95 14.95 -21.87
CA ASP D 126 10.34 13.53 -21.94
C ASP D 126 9.20 12.55 -21.72
N HIS D 127 7.98 12.99 -22.00
CA HIS D 127 6.83 12.12 -21.95
C HIS D 127 6.98 10.96 -22.94
N ARG D 128 6.53 9.77 -22.57
CA ARG D 128 6.75 8.57 -23.41
C ARG D 128 5.48 8.13 -24.14
N GLY D 129 4.45 8.97 -24.08
CA GLY D 129 3.17 8.66 -24.63
C GLY D 129 2.42 7.62 -23.83
N VAL D 130 2.60 7.61 -22.52
CA VAL D 130 1.99 6.60 -21.67
C VAL D 130 1.71 7.16 -20.26
N ASN D 131 0.60 6.77 -19.66
CA ASN D 131 0.18 7.01 -18.24
C ASN D 131 1.06 6.75 -17.01
N ASN D 132 0.67 7.37 -15.90
CA ASN D 132 1.19 6.93 -14.62
C ASN D 132 0.79 5.51 -14.32
N SER D 133 -0.47 5.16 -14.59
CA SER D 133 -0.97 3.82 -14.35
C SER D 133 -0.16 2.76 -15.07
N TYR D 134 0.09 2.93 -16.38
CA TYR D 134 0.87 1.96 -17.17
C TYR D 134 2.29 1.81 -16.67
N ILE D 135 2.88 2.93 -16.25
CA ILE D 135 4.29 2.98 -15.94
C ILE D 135 4.52 2.17 -14.72
N GLN D 136 3.67 2.38 -13.73
CA GLN D 136 3.61 1.53 -12.54
C GLN D 136 3.54 0.05 -12.92
N ARG D 137 2.53 -0.32 -13.70
CA ARG D 137 2.23 -1.72 -13.98
C ARG D 137 3.34 -2.46 -14.74
N SER D 138 4.22 -1.71 -15.41
CA SER D 138 5.30 -2.27 -16.24
C SER D 138 6.60 -2.33 -15.44
N GLU D 139 6.51 -1.87 -14.20
CA GLU D 139 7.62 -1.84 -13.28
C GLU D 139 8.79 -1.13 -13.93
N HIS D 140 8.46 -0.09 -14.68
CA HIS D 140 9.43 0.80 -15.30
C HIS D 140 10.26 1.56 -14.24
N PRO D 141 11.58 1.69 -14.47
CA PRO D 141 12.45 2.33 -13.45
C PRO D 141 11.94 3.63 -12.80
N LEU D 142 11.15 4.43 -13.54
CA LEU D 142 10.65 5.67 -12.97
C LEU D 142 9.80 5.40 -11.74
N ALA D 143 9.26 4.21 -11.68
CA ALA D 143 8.28 3.90 -10.67
C ALA D 143 8.85 3.90 -9.24
N GLN D 144 10.12 3.51 -9.06
CA GLN D 144 10.66 3.42 -7.69
C GLN D 144 11.30 4.71 -7.16
N LEU D 145 11.28 5.74 -8.01
CA LEU D 145 11.97 7.01 -7.76
C LEU D 145 11.09 8.03 -7.04
N TYR D 146 9.79 7.96 -7.30
CA TYR D 146 8.85 8.94 -6.75
C TYR D 146 7.65 8.32 -6.04
N CYS D 147 7.13 9.04 -5.03
CA CYS D 147 5.90 8.66 -4.32
C CYS D 147 4.69 8.40 -5.24
N HIS D 148 4.15 9.50 -5.75
CA HIS D 148 2.91 9.54 -6.52
C HIS D 148 3.26 10.41 -7.72
N SER D 149 2.34 10.59 -8.65
CA SER D 149 2.57 11.36 -9.88
C SER D 149 3.92 11.06 -10.55
N ILE D 150 4.14 9.80 -10.90
CA ILE D 150 5.43 9.41 -11.40
C ILE D 150 5.83 10.35 -12.56
N MET D 151 5.05 10.42 -13.63
CA MET D 151 5.44 11.21 -14.79
C MET D 151 5.72 12.65 -14.45
N GLU D 152 4.84 13.23 -13.64
CA GLU D 152 4.89 14.66 -13.34
C GLU D 152 6.16 14.97 -12.55
N HIS D 153 6.55 14.07 -11.65
CA HIS D 153 7.82 14.27 -10.97
C HIS D 153 9.01 14.20 -11.94
N HIS D 154 8.94 13.28 -12.92
CA HIS D 154 10.01 13.12 -13.90
C HIS D 154 10.12 14.36 -14.74
N HIS D 155 8.98 14.92 -15.17
CA HIS D 155 8.95 16.18 -15.93
C HIS D 155 9.66 17.31 -15.18
N PHE D 156 9.38 17.47 -13.89
CA PHE D 156 10.01 18.53 -13.12
C PHE D 156 11.52 18.32 -13.04
N ASP D 157 11.93 17.07 -12.87
CA ASP D 157 13.32 16.72 -12.83
C ASP D 157 14.07 17.06 -14.11
N GLN D 158 13.42 16.84 -15.26
CA GLN D 158 13.97 17.22 -16.57
C GLN D 158 14.09 18.72 -16.68
N CYS D 159 13.07 19.41 -16.18
CA CYS D 159 13.04 20.85 -16.20
C CYS D 159 14.20 21.45 -15.42
N LEU D 160 14.30 21.03 -14.18
CA LEU D 160 15.37 21.47 -13.29
C LEU D 160 16.73 21.18 -13.91
N MET D 161 16.83 20.07 -14.62
CA MET D 161 18.07 19.60 -15.18
C MET D 161 18.46 20.52 -16.32
N ILE D 162 17.46 21.03 -17.04
CA ILE D 162 17.69 21.94 -18.15
C ILE D 162 17.95 23.39 -17.71
N LEU D 163 17.20 23.88 -16.73
CA LEU D 163 17.44 25.22 -16.21
C LEU D 163 18.86 25.40 -15.66
N ASN D 164 19.53 24.28 -15.37
CA ASN D 164 20.82 24.29 -14.66
C ASN D 164 21.99 23.78 -15.47
N SER D 165 21.78 23.44 -16.74
CA SER D 165 22.88 23.06 -17.61
C SER D 165 23.51 24.32 -18.21
N PRO D 166 24.85 24.33 -18.37
CA PRO D 166 25.56 25.56 -18.70
C PRO D 166 25.14 26.13 -20.04
N GLY D 167 24.99 27.44 -20.10
CA GLY D 167 24.51 28.12 -21.31
C GLY D 167 22.99 28.19 -21.41
N ASN D 168 22.28 27.60 -20.44
CA ASN D 168 20.82 27.57 -20.45
C ASN D 168 20.19 28.19 -19.21
N GLN D 169 20.99 28.85 -18.39
CA GLN D 169 20.51 29.24 -17.07
C GLN D 169 19.76 30.56 -17.06
N ILE D 170 18.50 30.49 -17.47
CA ILE D 170 17.65 31.67 -17.59
C ILE D 170 17.22 32.23 -16.23
N LEU D 171 17.44 31.47 -15.16
CA LEU D 171 17.14 31.94 -13.82
C LEU D 171 18.32 32.55 -13.07
N SER D 172 19.46 32.72 -13.75
CA SER D 172 20.69 33.14 -13.07
C SER D 172 20.71 34.59 -12.62
N GLY D 173 19.75 35.38 -13.07
CA GLY D 173 19.62 36.77 -12.62
C GLY D 173 18.97 36.92 -11.26
N LEU D 174 18.44 35.84 -10.71
CA LEU D 174 17.73 35.86 -9.44
C LEU D 174 18.66 35.70 -8.25
N SER D 175 18.20 36.16 -7.08
CA SER D 175 18.91 35.92 -5.82
C SER D 175 18.65 34.48 -5.35
N ILE D 176 19.56 33.92 -4.57
CA ILE D 176 19.37 32.61 -3.96
C ILE D 176 17.95 32.45 -3.36
N GLU D 177 17.40 33.51 -2.76
CA GLU D 177 16.03 33.49 -2.20
C GLU D 177 14.92 33.45 -3.24
N GLU D 178 15.06 34.25 -4.29
CA GLU D 178 14.09 34.27 -5.37
C GLU D 178 14.13 32.98 -6.17
N TYR D 179 15.32 32.45 -6.39
CA TYR D 179 15.49 31.17 -7.09
C TYR D 179 14.75 30.05 -6.37
N LYS D 180 14.94 29.94 -5.05
CA LYS D 180 14.32 28.86 -4.30
C LYS D 180 12.79 28.94 -4.36
N THR D 181 12.27 30.15 -4.24
CA THR D 181 10.83 30.44 -4.35
C THR D 181 10.27 30.07 -5.71
N THR D 182 11.01 30.44 -6.75
CA THR D 182 10.59 30.16 -8.11
C THR D 182 10.50 28.66 -8.39
N LEU D 183 11.56 27.89 -8.05
CA LEU D 183 11.54 26.45 -8.27
C LEU D 183 10.39 25.76 -7.55
N LYS D 184 10.09 26.22 -6.34
CA LYS D 184 8.98 25.72 -5.55
C LYS D 184 7.68 25.92 -6.31
N ILE D 185 7.46 27.11 -6.84
CA ILE D 185 6.25 27.38 -7.63
C ILE D 185 6.24 26.55 -8.90
N ILE D 186 7.41 26.37 -9.51
CA ILE D 186 7.48 25.58 -10.74
C ILE D 186 7.11 24.13 -10.45
N LYS D 187 7.66 23.58 -9.38
CA LYS D 187 7.36 22.20 -9.01
C LYS D 187 5.87 21.98 -8.69
N GLN D 188 5.28 22.87 -7.94
CA GLN D 188 3.86 22.74 -7.70
C GLN D 188 3.03 22.86 -8.96
N ALA D 189 3.44 23.74 -9.87
CA ALA D 189 2.72 23.94 -11.14
C ALA D 189 2.80 22.74 -12.03
N ILE D 190 3.94 22.04 -12.00
CA ILE D 190 4.04 20.88 -12.85
C ILE D 190 3.24 19.76 -12.22
N LEU D 191 3.39 19.57 -10.90
CA LEU D 191 2.69 18.49 -10.23
C LEU D 191 1.17 18.67 -10.38
N ALA D 192 0.76 19.93 -10.59
CA ALA D 192 -0.63 20.26 -10.72
C ALA D 192 -1.23 19.71 -12.01
N THR D 193 -0.38 19.42 -13.00
CA THR D 193 -0.87 18.96 -14.30
C THR D 193 -1.09 17.48 -14.29
N ASP D 194 -1.06 16.88 -13.09
CA ASP D 194 -1.51 15.52 -12.92
C ASP D 194 -3.03 15.54 -12.65
N LEU D 195 -3.80 15.10 -13.64
CA LEU D 195 -5.26 15.11 -13.55
C LEU D 195 -5.81 14.57 -12.21
N ALA D 196 -5.13 13.58 -11.62
CA ALA D 196 -5.56 13.00 -10.34
C ALA D 196 -5.60 14.06 -9.25
N LEU D 197 -4.56 14.91 -9.22
CA LEU D 197 -4.50 15.99 -8.25
C LEU D 197 -5.49 17.08 -8.58
N TYR D 198 -5.74 17.33 -9.87
CA TYR D 198 -6.76 18.33 -10.23
C TYR D 198 -8.10 17.89 -9.67
N ILE D 199 -8.53 16.67 -10.01
CA ILE D 199 -9.77 16.10 -9.48
C ILE D 199 -9.80 16.20 -7.96
N LYS D 200 -8.68 15.87 -7.32
CA LYS D 200 -8.58 15.87 -5.85
C LYS D 200 -8.79 17.24 -5.15
N ARG D 201 -8.56 18.34 -5.84
CA ARG D 201 -8.64 19.65 -5.21
C ARG D 201 -9.74 20.55 -5.81
N ARG D 202 -10.15 20.31 -7.05
CA ARG D 202 -11.35 20.92 -7.62
C ARG D 202 -12.31 21.44 -6.55
N GLY D 203 -12.83 20.52 -5.74
CA GLY D 203 -14.04 20.78 -4.98
C GLY D 203 -13.87 21.98 -4.08
N GLU D 204 -12.68 22.10 -3.50
CA GLU D 204 -12.37 23.19 -2.60
C GLU D 204 -12.38 24.53 -3.37
N PHE D 205 -11.92 24.48 -4.61
CA PHE D 205 -11.85 25.66 -5.45
C PHE D 205 -13.25 26.06 -5.83
N PHE D 206 -14.04 25.08 -6.30
CA PHE D 206 -15.42 25.35 -6.71
C PHE D 206 -16.31 25.86 -5.56
N GLU D 207 -16.12 25.36 -4.34
CA GLU D 207 -16.88 25.87 -3.18
C GLU D 207 -16.52 27.32 -2.84
N LEU D 208 -15.24 27.67 -2.92
CA LEU D 208 -14.80 29.05 -2.69
C LEU D 208 -15.49 30.03 -3.65
N ILE D 209 -15.46 29.71 -4.94
CA ILE D 209 -16.13 30.49 -5.98
C ILE D 209 -17.63 30.54 -5.67
N ARG D 210 -18.24 29.36 -5.55
CA ARG D 210 -19.69 29.23 -5.33
C ARG D 210 -20.19 30.07 -4.16
N LYS D 211 -19.37 30.29 -3.14
CA LYS D 211 -19.78 31.04 -1.94
C LYS D 211 -19.17 32.44 -1.91
N ASN D 212 -18.55 32.83 -3.02
CA ASN D 212 -18.00 34.17 -3.17
C ASN D 212 -16.93 34.52 -2.11
N GLN D 213 -16.12 33.51 -1.77
CA GLN D 213 -15.05 33.66 -0.78
C GLN D 213 -13.65 33.54 -1.38
N PHE D 214 -13.57 33.54 -2.71
CA PHE D 214 -12.30 33.48 -3.40
C PHE D 214 -11.52 34.76 -3.24
N ASN D 215 -10.27 34.63 -2.82
CA ASN D 215 -9.44 35.79 -2.54
C ASN D 215 -7.94 35.49 -2.65
N LEU D 216 -7.31 36.06 -3.68
CA LEU D 216 -5.88 35.83 -3.98
C LEU D 216 -4.90 36.35 -2.94
N GLU D 217 -5.36 37.23 -2.04
CA GLU D 217 -4.51 37.72 -0.96
C GLU D 217 -4.03 36.56 -0.05
N ASP D 218 -4.87 35.52 0.08
CA ASP D 218 -4.60 34.39 0.95
C ASP D 218 -3.65 33.39 0.26
N PRO D 219 -2.43 33.19 0.81
CA PRO D 219 -1.39 32.30 0.24
C PRO D 219 -1.89 30.93 -0.19
N HIS D 220 -2.75 30.30 0.62
CA HIS D 220 -3.29 28.98 0.26
C HIS D 220 -4.11 29.01 -1.03
N GLN D 221 -5.00 30.00 -1.12
CA GLN D 221 -5.89 30.17 -2.27
C GLN D 221 -5.14 30.52 -3.56
N LYS D 222 -4.07 31.31 -3.44
CA LYS D 222 -3.18 31.62 -4.58
C LYS D 222 -2.59 30.33 -5.17
N GLU D 223 -2.02 29.48 -4.33
CA GLU D 223 -1.46 28.19 -4.73
C GLU D 223 -2.52 27.34 -5.45
N LEU D 224 -3.73 27.31 -4.90
CA LEU D 224 -4.80 26.54 -5.48
C LEU D 224 -5.12 27.06 -6.87
N PHE D 225 -5.22 28.39 -6.98
CA PHE D 225 -5.63 28.99 -8.22
C PHE D 225 -4.64 28.69 -9.31
N LEU D 226 -3.35 28.80 -8.97
CA LEU D 226 -2.29 28.48 -9.90
C LEU D 226 -2.40 27.06 -10.41
N ALA D 227 -2.58 26.11 -9.49
CA ALA D 227 -2.85 24.72 -9.90
C ALA D 227 -3.99 24.68 -10.89
N MET D 228 -5.09 25.39 -10.60
CA MET D 228 -6.24 25.37 -11.48
C MET D 228 -5.93 25.98 -12.83
N LEU D 229 -5.14 27.05 -12.83
CA LEU D 229 -4.73 27.73 -14.05
C LEU D 229 -4.03 26.76 -14.98
N MET D 230 -3.03 26.06 -14.43
CA MET D 230 -2.27 25.04 -15.13
C MET D 230 -3.16 24.00 -15.79
N THR D 231 -4.10 23.43 -15.06
CA THR D 231 -5.01 22.46 -15.66
C THR D 231 -5.79 23.11 -16.82
N ALA D 232 -6.21 24.35 -16.60
CA ALA D 232 -6.97 25.06 -17.59
C ALA D 232 -6.19 25.15 -18.92
N CYS D 233 -4.90 25.47 -18.81
CA CYS D 233 -4.05 25.61 -20.00
C CYS D 233 -3.71 24.26 -20.61
N ASP D 234 -3.46 23.25 -19.75
CA ASP D 234 -3.16 21.88 -20.17
C ASP D 234 -4.32 21.25 -20.96
N LEU D 235 -5.55 21.59 -20.61
CA LEU D 235 -6.67 20.98 -21.31
C LEU D 235 -7.16 21.85 -22.44
N SER D 236 -6.48 22.97 -22.64
CA SER D 236 -7.03 24.04 -23.45
C SER D 236 -7.37 23.66 -24.90
N ALA D 237 -6.78 22.58 -25.43
CA ALA D 237 -7.16 22.11 -26.77
C ALA D 237 -8.68 21.85 -26.82
N ILE D 238 -9.28 21.56 -25.67
CA ILE D 238 -10.70 21.31 -25.66
C ILE D 238 -11.53 22.58 -25.96
N THR D 239 -10.86 23.71 -26.13
CA THR D 239 -11.56 24.97 -26.24
C THR D 239 -11.33 25.65 -27.63
N LYS D 240 -10.66 24.96 -28.51
CA LYS D 240 -10.29 25.54 -29.77
C LYS D 240 -11.45 25.44 -30.75
N PRO D 241 -11.42 26.25 -31.84
CA PRO D 241 -12.35 26.04 -32.97
C PRO D 241 -12.30 24.60 -33.48
N TRP D 242 -13.41 24.16 -34.06
CA TRP D 242 -13.62 22.74 -34.32
C TRP D 242 -12.59 22.05 -35.24
N PRO D 243 -12.20 22.67 -36.38
CA PRO D 243 -11.20 21.96 -37.17
C PRO D 243 -9.97 21.58 -36.33
N ILE D 244 -9.51 22.52 -35.51
CA ILE D 244 -8.37 22.28 -34.61
C ILE D 244 -8.61 21.18 -33.59
N GLN D 245 -9.69 21.29 -32.82
CA GLN D 245 -10.00 20.30 -31.77
C GLN D 245 -10.07 18.88 -32.34
N GLN D 246 -10.72 18.73 -33.48
CA GLN D 246 -11.00 17.42 -34.05
C GLN D 246 -9.68 16.78 -34.43
N ARG D 247 -8.80 17.59 -35.00
CA ARG D 247 -7.45 17.16 -35.38
C ARG D 247 -6.65 16.71 -34.14
N ILE D 248 -6.68 17.53 -33.09
CA ILE D 248 -5.98 17.25 -31.86
C ILE D 248 -6.52 16.01 -31.13
N ALA D 249 -7.83 15.82 -31.19
CA ALA D 249 -8.46 14.63 -30.63
C ALA D 249 -7.95 13.31 -31.25
N GLU D 250 -7.77 13.28 -32.57
CA GLU D 250 -7.16 12.09 -33.22
C GLU D 250 -5.73 11.85 -32.73
N LEU D 251 -4.94 12.91 -32.54
CA LEU D 251 -3.61 12.74 -31.95
C LEU D 251 -3.69 12.06 -30.57
N VAL D 252 -4.58 12.57 -29.73
CA VAL D 252 -4.73 12.02 -28.42
C VAL D 252 -5.16 10.56 -28.57
N ALA D 253 -6.10 10.31 -29.49
CA ALA D 253 -6.62 8.95 -29.58
C ALA D 253 -5.56 8.00 -30.09
N THR D 254 -4.72 8.50 -31.00
CA THR D 254 -3.58 7.74 -31.49
C THR D 254 -2.71 7.32 -30.31
N GLU D 255 -2.40 8.27 -29.44
CA GLU D 255 -1.53 8.02 -28.32
C GLU D 255 -2.17 6.97 -27.43
N PHE D 256 -3.48 7.10 -27.16
CA PHE D 256 -4.20 6.14 -26.31
C PHE D 256 -4.11 4.75 -26.92
N TRP D 257 -4.35 4.66 -28.22
CA TRP D 257 -4.33 3.35 -28.87
C TRP D 257 -2.97 2.70 -28.77
N GLU D 258 -1.91 3.50 -28.76
CA GLU D 258 -0.56 2.97 -28.70
C GLU D 258 -0.21 2.41 -27.32
N GLN D 259 -0.62 3.08 -26.25
CA GLN D 259 -0.51 2.46 -24.93
C GLN D 259 -1.33 1.19 -24.99
N GLY D 260 -2.40 1.26 -25.78
CA GLY D 260 -3.22 0.11 -26.07
C GLY D 260 -2.40 -1.05 -26.57
N ASP D 261 -1.59 -0.81 -27.61
CA ASP D 261 -0.72 -1.84 -28.19
C ASP D 261 0.21 -2.46 -27.16
N LEU D 262 1.05 -1.63 -26.55
CA LEU D 262 1.88 -2.05 -25.39
C LEU D 262 1.13 -2.97 -24.37
N GLU D 263 -0.14 -2.65 -24.10
CA GLU D 263 -0.85 -3.33 -23.03
C GLU D 263 -1.22 -4.77 -23.37
N ARG D 264 -1.24 -5.06 -24.68
CA ARG D 264 -1.36 -6.42 -25.26
C ARG D 264 0.03 -7.05 -25.46
N THR D 265 0.92 -6.30 -26.08
CA THR D 265 2.25 -6.73 -26.41
C THR D 265 3.17 -7.07 -25.21
N VAL D 266 3.30 -6.17 -24.21
CA VAL D 266 4.13 -6.45 -23.00
C VAL D 266 3.34 -6.85 -21.74
N LEU D 267 2.14 -6.33 -21.55
CA LEU D 267 1.39 -6.69 -20.35
C LEU D 267 0.46 -7.85 -20.59
N GLN D 268 0.01 -8.02 -21.83
CA GLN D 268 -0.83 -9.16 -22.18
C GLN D 268 -2.18 -9.16 -21.46
N GLN D 269 -2.67 -7.96 -21.16
CA GLN D 269 -4.09 -7.76 -20.89
C GLN D 269 -4.83 -7.30 -22.18
N GLN D 270 -6.14 -7.50 -22.24
CA GLN D 270 -6.92 -6.87 -23.29
C GLN D 270 -6.91 -5.40 -22.91
N PRO D 271 -6.80 -4.51 -23.89
CA PRO D 271 -6.91 -3.09 -23.53
C PRO D 271 -8.35 -2.61 -23.39
N ILE D 272 -8.59 -1.82 -22.35
CA ILE D 272 -9.82 -1.07 -22.17
C ILE D 272 -10.28 -0.39 -23.48
N PRO D 273 -11.60 -0.27 -23.70
CA PRO D 273 -12.20 0.36 -24.91
C PRO D 273 -11.59 1.70 -25.37
N MET D 274 -11.17 2.54 -24.44
CA MET D 274 -10.72 3.86 -24.84
C MET D 274 -9.37 3.73 -25.49
N MET D 275 -8.83 2.50 -25.55
CA MET D 275 -7.49 2.28 -26.06
C MET D 275 -7.56 1.15 -27.02
N ASP D 276 -8.77 0.69 -27.27
CA ASP D 276 -9.06 -0.42 -28.19
C ASP D 276 -9.48 0.19 -29.52
N ARG D 277 -8.75 -0.17 -30.58
CA ARG D 277 -8.97 0.41 -31.90
C ARG D 277 -10.28 -0.04 -32.51
N ASN D 278 -10.65 -1.30 -32.32
CA ASN D 278 -12.01 -1.80 -32.71
C ASN D 278 -13.19 -1.12 -32.01
N LYS D 279 -12.94 -0.50 -30.87
CA LYS D 279 -13.96 0.24 -30.15
C LYS D 279 -13.88 1.75 -30.41
N ARG D 280 -13.33 2.15 -31.55
CA ARG D 280 -13.10 3.56 -31.91
C ARG D 280 -14.36 4.40 -31.96
N ASP D 281 -15.50 3.74 -32.15
CA ASP D 281 -16.78 4.43 -32.30
C ASP D 281 -17.31 4.95 -30.97
N GLU D 282 -16.67 4.57 -29.88
CA GLU D 282 -17.13 4.93 -28.55
C GLU D 282 -16.36 6.15 -28.06
N LEU D 283 -15.42 6.64 -28.87
CA LEU D 283 -14.68 7.84 -28.50
C LEU D 283 -15.56 9.09 -28.35
N PRO D 284 -16.41 9.42 -29.35
CA PRO D 284 -17.28 10.57 -29.18
C PRO D 284 -18.00 10.65 -27.85
N LYS D 285 -18.75 9.64 -27.42
CA LYS D 285 -19.41 9.77 -26.07
C LYS D 285 -18.38 9.78 -24.90
N LEU D 286 -17.17 9.29 -25.14
CA LEU D 286 -16.07 9.47 -24.20
C LEU D 286 -15.62 10.93 -24.10
N GLN D 287 -15.53 11.66 -25.23
CA GLN D 287 -15.12 13.05 -25.21
C GLN D 287 -16.16 13.92 -24.53
N VAL D 288 -17.44 13.59 -24.74
CA VAL D 288 -18.52 14.30 -24.08
C VAL D 288 -18.35 14.14 -22.56
N GLY D 289 -18.30 12.86 -22.10
CA GLY D 289 -18.00 12.47 -20.74
C GLY D 289 -16.81 13.19 -20.18
N PHE D 290 -15.74 13.29 -20.95
CA PHE D 290 -14.53 14.03 -20.56
C PHE D 290 -14.89 15.45 -20.29
N ILE D 291 -15.58 16.09 -21.23
CA ILE D 291 -15.90 17.51 -21.14
C ILE D 291 -16.74 17.80 -19.91
N ASP D 292 -17.83 17.06 -19.75
CA ASP D 292 -18.72 17.18 -18.61
C ASP D 292 -18.02 16.99 -17.29
N PHE D 293 -17.29 15.87 -17.13
CA PHE D 293 -16.74 15.55 -15.81
C PHE D 293 -15.55 16.41 -15.43
N VAL D 294 -14.71 16.76 -16.41
CA VAL D 294 -13.46 17.47 -16.13
C VAL D 294 -13.45 18.96 -16.49
N CYS D 295 -13.78 19.27 -17.73
CA CYS D 295 -13.50 20.60 -18.32
C CYS D 295 -14.48 21.72 -18.02
N THR D 296 -15.76 21.53 -18.33
CA THR D 296 -16.67 22.67 -18.28
C THR D 296 -16.70 23.39 -16.92
N GLN D 297 -16.74 22.64 -15.85
CA GLN D 297 -16.82 23.22 -14.53
C GLN D 297 -15.61 24.10 -14.24
N LEU D 298 -14.47 23.77 -14.85
CA LEU D 298 -13.21 24.44 -14.56
C LEU D 298 -13.16 25.74 -15.29
N TYR D 299 -13.48 25.72 -16.57
CA TYR D 299 -13.60 26.95 -17.34
C TYR D 299 -14.74 27.85 -16.86
N GLU D 300 -15.84 27.25 -16.37
CA GLU D 300 -16.85 28.04 -15.69
C GLU D 300 -16.26 28.82 -14.53
N ALA D 301 -15.35 28.22 -13.77
CA ALA D 301 -14.82 28.86 -12.59
C ALA D 301 -13.80 29.92 -12.94
N LEU D 302 -12.96 29.63 -13.93
CA LEU D 302 -11.96 30.59 -14.39
C LEU D 302 -12.64 31.87 -14.88
N THR D 303 -13.81 31.68 -15.48
CA THR D 303 -14.61 32.80 -15.95
C THR D 303 -15.14 33.67 -14.79
N HIS D 304 -15.37 33.08 -13.63
CA HIS D 304 -15.71 33.87 -12.47
C HIS D 304 -14.51 34.68 -11.99
N VAL D 305 -13.33 34.08 -12.06
CA VAL D 305 -12.12 34.78 -11.66
C VAL D 305 -11.84 35.94 -12.60
N SER D 306 -12.09 35.72 -13.89
CA SER D 306 -11.86 36.76 -14.88
C SER D 306 -12.88 36.67 -16.00
N GLU D 307 -13.81 37.61 -16.02
CA GLU D 307 -14.80 37.76 -17.09
C GLU D 307 -14.24 37.53 -18.50
N ASP D 308 -13.02 38.03 -18.74
CA ASP D 308 -12.44 38.03 -20.09
C ASP D 308 -11.93 36.68 -20.60
N CYS D 309 -12.01 35.65 -19.74
CA CYS D 309 -11.67 34.26 -20.09
C CYS D 309 -12.85 33.46 -20.61
N PHE D 310 -14.00 34.12 -20.77
CA PHE D 310 -15.16 33.45 -21.31
C PHE D 310 -14.89 32.67 -22.61
N PRO D 311 -14.08 33.23 -23.55
CA PRO D 311 -13.85 32.52 -24.81
C PRO D 311 -13.42 31.07 -24.67
N LEU D 312 -12.68 30.74 -23.60
CA LEU D 312 -12.36 29.35 -23.27
C LEU D 312 -13.58 28.50 -22.93
N LEU D 313 -14.52 29.04 -22.16
CA LEU D 313 -15.75 28.31 -21.79
C LEU D 313 -16.70 28.16 -22.98
N ASP D 314 -16.75 29.22 -23.78
CA ASP D 314 -17.56 29.24 -24.99
C ASP D 314 -17.10 28.10 -25.89
N GLY D 315 -15.80 28.08 -26.17
CA GLY D 315 -15.21 27.09 -27.07
C GLY D 315 -15.48 25.71 -26.56
N CYS D 316 -15.27 25.53 -25.25
CA CYS D 316 -15.56 24.26 -24.61
C CYS D 316 -17.02 23.80 -24.85
N ARG D 317 -17.99 24.69 -24.63
CA ARG D 317 -19.39 24.32 -24.84
C ARG D 317 -19.66 23.96 -26.27
N LYS D 318 -19.08 24.72 -27.20
CA LYS D 318 -19.29 24.51 -28.64
C LYS D 318 -18.81 23.13 -29.04
N ASN D 319 -17.67 22.73 -28.50
CA ASN D 319 -17.13 21.42 -28.79
C ASN D 319 -17.95 20.32 -28.14
N ARG D 320 -18.62 20.63 -27.03
CA ARG D 320 -19.51 19.66 -26.47
C ARG D 320 -20.67 19.35 -27.44
N GLN D 321 -21.33 20.37 -27.97
CA GLN D 321 -22.45 20.18 -28.90
C GLN D 321 -22.03 19.33 -30.10
N LYS D 322 -20.81 19.59 -30.61
CA LYS D 322 -20.30 18.91 -31.78
C LYS D 322 -20.06 17.42 -31.52
N TRP D 323 -19.33 17.13 -30.46
CA TRP D 323 -19.14 15.75 -30.05
C TRP D 323 -20.45 15.04 -29.79
N GLN D 324 -21.37 15.68 -29.06
CA GLN D 324 -22.66 15.05 -28.76
C GLN D 324 -23.42 14.70 -30.02
N ALA D 325 -23.29 15.54 -31.05
CA ALA D 325 -23.98 15.31 -32.31
C ALA D 325 -23.42 14.04 -32.97
N LEU D 326 -22.10 13.83 -32.87
CA LEU D 326 -21.52 12.60 -33.38
C LEU D 326 -21.89 11.37 -32.54
N ALA D 327 -22.07 11.58 -31.24
CA ALA D 327 -22.41 10.50 -30.34
C ALA D 327 -23.79 9.88 -30.66
N GLU D 328 -24.59 10.57 -31.46
CA GLU D 328 -25.83 10.03 -31.99
C GLU D 328 -25.73 9.86 -33.53
N GLN D 329 -24.51 10.00 -34.06
CA GLN D 329 -24.15 9.70 -35.45
C GLN D 329 -24.33 10.84 -36.48
#